data_3M3G
# 
_entry.id   3M3G 
# 
_audit_conform.dict_name       mmcif_pdbx.dic 
_audit_conform.dict_version    5.399 
_audit_conform.dict_location   http://mmcif.pdb.org/dictionaries/ascii/mmcif_pdbx.dic 
# 
loop_
_database_2.database_id 
_database_2.database_code 
_database_2.pdbx_database_accession 
_database_2.pdbx_DOI 
PDB   3M3G         pdb_00003m3g 10.2210/pdb3m3g/pdb 
RCSB  RCSB058059   ?            ?                   
WWPDB D_1000058059 ?            ?                   
# 
loop_
_pdbx_audit_revision_history.ordinal 
_pdbx_audit_revision_history.data_content_type 
_pdbx_audit_revision_history.major_revision 
_pdbx_audit_revision_history.minor_revision 
_pdbx_audit_revision_history.revision_date 
1 'Structure model' 1 0 2011-02-09 
2 'Structure model' 1 1 2011-07-13 
3 'Structure model' 1 2 2024-11-27 
# 
_pdbx_audit_revision_details.ordinal             1 
_pdbx_audit_revision_details.revision_ordinal    1 
_pdbx_audit_revision_details.data_content_type   'Structure model' 
_pdbx_audit_revision_details.provider            repository 
_pdbx_audit_revision_details.type                'Initial release' 
_pdbx_audit_revision_details.description         ? 
_pdbx_audit_revision_details.details             ? 
# 
loop_
_pdbx_audit_revision_group.ordinal 
_pdbx_audit_revision_group.revision_ordinal 
_pdbx_audit_revision_group.data_content_type 
_pdbx_audit_revision_group.group 
1 2 'Structure model' 'Version format compliance' 
2 3 'Structure model' 'Data collection'           
3 3 'Structure model' 'Database references'       
4 3 'Structure model' 'Derived calculations'      
5 3 'Structure model' 'Structure summary'         
# 
loop_
_pdbx_audit_revision_category.ordinal 
_pdbx_audit_revision_category.revision_ordinal 
_pdbx_audit_revision_category.data_content_type 
_pdbx_audit_revision_category.category 
1 3 'Structure model' chem_comp_atom            
2 3 'Structure model' chem_comp_bond            
3 3 'Structure model' database_2                
4 3 'Structure model' pdbx_entry_details        
5 3 'Structure model' pdbx_modification_feature 
6 3 'Structure model' struct_site               
# 
loop_
_pdbx_audit_revision_item.ordinal 
_pdbx_audit_revision_item.revision_ordinal 
_pdbx_audit_revision_item.data_content_type 
_pdbx_audit_revision_item.item 
1 3 'Structure model' '_database_2.pdbx_DOI'                
2 3 'Structure model' '_database_2.pdbx_database_accession' 
3 3 'Structure model' '_struct_site.pdbx_auth_asym_id'      
4 3 'Structure model' '_struct_site.pdbx_auth_comp_id'      
5 3 'Structure model' '_struct_site.pdbx_auth_seq_id'       
# 
_pdbx_database_status.status_code                     REL 
_pdbx_database_status.entry_id                        3M3G 
_pdbx_database_status.recvd_initial_deposition_date   2010-03-09 
_pdbx_database_status.deposit_site                    RCSB 
_pdbx_database_status.process_site                    RCSB 
_pdbx_database_status.status_code_sf                  REL 
_pdbx_database_status.status_code_mr                  ? 
_pdbx_database_status.SG_entry                        ? 
_pdbx_database_status.status_code_cs                  ? 
_pdbx_database_status.pdb_format_compatible           Y 
_pdbx_database_status.status_code_nmr_data            ? 
_pdbx_database_status.methods_development_category    ? 
# 
loop_
_audit_author.name 
_audit_author.pdbx_ordinal 
'Krieger, I.V.'     1 
'Vargas, W.A.'      2 
'Kenerley, C.M.'    3 
'Sacchettini, J.C.' 4 
# 
_citation.id                        primary 
_citation.title                     'Crystal structure of Sm1, an elicitor of plant defence responses from Trichoderma virens.' 
_citation.journal_abbrev            'To be Published' 
_citation.journal_volume            ? 
_citation.page_first                ? 
_citation.page_last                 ? 
_citation.year                      ? 
_citation.journal_id_ASTM           ? 
_citation.country                   ? 
_citation.journal_id_ISSN           ? 
_citation.journal_id_CSD            0353 
_citation.book_publisher            ? 
_citation.pdbx_database_id_PubMed   ? 
_citation.pdbx_database_id_DOI      ? 
# 
loop_
_citation_author.citation_id 
_citation_author.name 
_citation_author.ordinal 
_citation_author.identifier_ORCID 
primary 'Krieger, I.V.'     1 ? 
primary 'Vargas, W.A.'      2 ? 
primary 'Kenerley, C.M.'    3 ? 
primary 'Sacchettini, J.C.' 4 ? 
# 
loop_
_entity.id 
_entity.type 
_entity.src_method 
_entity.pdbx_description 
_entity.formula_weight 
_entity.pdbx_number_of_molecules 
_entity.pdbx_ec 
_entity.pdbx_mutation 
_entity.pdbx_fragment 
_entity.details 
1 polymer     nat 'Epl1 protein' 12554.784 1  ? ? ? ? 
2 non-polymer syn 'BROMIDE ION'  79.904    2  ? ? ? ? 
3 non-polymer syn 'ZINC ION'     65.409    1  ? ? ? ? 
4 non-polymer syn 1,2-ETHANEDIOL 62.068    13 ? ? ? ? 
5 water       nat water          18.015    79 ? ? ? ? 
# 
_entity_name_com.entity_id   1 
_entity_name_com.name        'Extracellular small protein 1' 
# 
_entity_poly.entity_id                      1 
_entity_poly.type                           'polypeptide(L)' 
_entity_poly.nstd_linkage                   no 
_entity_poly.nstd_monomer                   no 
_entity_poly.pdbx_seq_one_letter_code       
;DTVSYDTGYDNGSRSLNDVSCSDGPNGLETRYHWSTQGQIPRFPYIGGAAAVAGWNSASCGTCWKLQYSGHTIYVLAVDH
AASGFNIALDAMNALTGGQAVQLGRVSATATQVPVKNCGL
;
_entity_poly.pdbx_seq_one_letter_code_can   
;DTVSYDTGYDNGSRSLNDVSCSDGPNGLETRYHWSTQGQIPRFPYIGGAAAVAGWNSASCGTCWKLQYSGHTIYVLAVDH
AASGFNIALDAMNALTGGQAVQLGRVSATATQVPVKNCGL
;
_entity_poly.pdbx_strand_id                 A 
_entity_poly.pdbx_target_identifier         ? 
# 
loop_
_pdbx_entity_nonpoly.entity_id 
_pdbx_entity_nonpoly.name 
_pdbx_entity_nonpoly.comp_id 
2 'BROMIDE ION'  BR  
3 'ZINC ION'     ZN  
4 1,2-ETHANEDIOL EDO 
5 water          HOH 
# 
loop_
_entity_poly_seq.entity_id 
_entity_poly_seq.num 
_entity_poly_seq.mon_id 
_entity_poly_seq.hetero 
1 1   ASP n 
1 2   THR n 
1 3   VAL n 
1 4   SER n 
1 5   TYR n 
1 6   ASP n 
1 7   THR n 
1 8   GLY n 
1 9   TYR n 
1 10  ASP n 
1 11  ASN n 
1 12  GLY n 
1 13  SER n 
1 14  ARG n 
1 15  SER n 
1 16  LEU n 
1 17  ASN n 
1 18  ASP n 
1 19  VAL n 
1 20  SER n 
1 21  CYS n 
1 22  SER n 
1 23  ASP n 
1 24  GLY n 
1 25  PRO n 
1 26  ASN n 
1 27  GLY n 
1 28  LEU n 
1 29  GLU n 
1 30  THR n 
1 31  ARG n 
1 32  TYR n 
1 33  HIS n 
1 34  TRP n 
1 35  SER n 
1 36  THR n 
1 37  GLN n 
1 38  GLY n 
1 39  GLN n 
1 40  ILE n 
1 41  PRO n 
1 42  ARG n 
1 43  PHE n 
1 44  PRO n 
1 45  TYR n 
1 46  ILE n 
1 47  GLY n 
1 48  GLY n 
1 49  ALA n 
1 50  ALA n 
1 51  ALA n 
1 52  VAL n 
1 53  ALA n 
1 54  GLY n 
1 55  TRP n 
1 56  ASN n 
1 57  SER n 
1 58  ALA n 
1 59  SER n 
1 60  CYS n 
1 61  GLY n 
1 62  THR n 
1 63  CYS n 
1 64  TRP n 
1 65  LYS n 
1 66  LEU n 
1 67  GLN n 
1 68  TYR n 
1 69  SER n 
1 70  GLY n 
1 71  HIS n 
1 72  THR n 
1 73  ILE n 
1 74  TYR n 
1 75  VAL n 
1 76  LEU n 
1 77  ALA n 
1 78  VAL n 
1 79  ASP n 
1 80  HIS n 
1 81  ALA n 
1 82  ALA n 
1 83  SER n 
1 84  GLY n 
1 85  PHE n 
1 86  ASN n 
1 87  ILE n 
1 88  ALA n 
1 89  LEU n 
1 90  ASP n 
1 91  ALA n 
1 92  MET n 
1 93  ASN n 
1 94  ALA n 
1 95  LEU n 
1 96  THR n 
1 97  GLY n 
1 98  GLY n 
1 99  GLN n 
1 100 ALA n 
1 101 VAL n 
1 102 GLN n 
1 103 LEU n 
1 104 GLY n 
1 105 ARG n 
1 106 VAL n 
1 107 SER n 
1 108 ALA n 
1 109 THR n 
1 110 ALA n 
1 111 THR n 
1 112 GLN n 
1 113 VAL n 
1 114 PRO n 
1 115 VAL n 
1 116 LYS n 
1 117 ASN n 
1 118 CYS n 
1 119 GLY n 
1 120 LEU n 
# 
_entity_src_nat.entity_id                  1 
_entity_src_nat.pdbx_src_id                1 
_entity_src_nat.pdbx_alt_source_flag       sample 
_entity_src_nat.pdbx_beg_seq_num           ? 
_entity_src_nat.pdbx_end_seq_num           ? 
_entity_src_nat.common_name                'Trichoderma virens' 
_entity_src_nat.pdbx_organism_scientific   'Hypocrea virens' 
_entity_src_nat.pdbx_ncbi_taxonomy_id      413071 
_entity_src_nat.genus                      ? 
_entity_src_nat.species                    ? 
_entity_src_nat.strain                     Gv29-8 
_entity_src_nat.tissue                     ? 
_entity_src_nat.tissue_fraction            ? 
_entity_src_nat.pdbx_secretion             ? 
_entity_src_nat.pdbx_fragment              ? 
_entity_src_nat.pdbx_variant               ? 
_entity_src_nat.pdbx_cell_line             ? 
_entity_src_nat.pdbx_atcc                  ? 
_entity_src_nat.pdbx_cellular_location     ? 
_entity_src_nat.pdbx_organ                 ? 
_entity_src_nat.pdbx_organelle             ? 
_entity_src_nat.pdbx_cell                  ? 
_entity_src_nat.pdbx_plasmid_name          ? 
_entity_src_nat.pdbx_plasmid_details       ? 
_entity_src_nat.details                    secreted 
# 
loop_
_chem_comp.id 
_chem_comp.type 
_chem_comp.mon_nstd_flag 
_chem_comp.name 
_chem_comp.pdbx_synonyms 
_chem_comp.formula 
_chem_comp.formula_weight 
ALA 'L-peptide linking' y ALANINE         ?                 'C3 H7 N O2'     89.093  
ARG 'L-peptide linking' y ARGININE        ?                 'C6 H15 N4 O2 1' 175.209 
ASN 'L-peptide linking' y ASPARAGINE      ?                 'C4 H8 N2 O3'    132.118 
ASP 'L-peptide linking' y 'ASPARTIC ACID' ?                 'C4 H7 N O4'     133.103 
BR  non-polymer         . 'BROMIDE ION'   ?                 'Br -1'          79.904  
CYS 'L-peptide linking' y CYSTEINE        ?                 'C3 H7 N O2 S'   121.158 
EDO non-polymer         . 1,2-ETHANEDIOL  'ETHYLENE GLYCOL' 'C2 H6 O2'       62.068  
GLN 'L-peptide linking' y GLUTAMINE       ?                 'C5 H10 N2 O3'   146.144 
GLU 'L-peptide linking' y 'GLUTAMIC ACID' ?                 'C5 H9 N O4'     147.129 
GLY 'peptide linking'   y GLYCINE         ?                 'C2 H5 N O2'     75.067  
HIS 'L-peptide linking' y HISTIDINE       ?                 'C6 H10 N3 O2 1' 156.162 
HOH non-polymer         . WATER           ?                 'H2 O'           18.015  
ILE 'L-peptide linking' y ISOLEUCINE      ?                 'C6 H13 N O2'    131.173 
LEU 'L-peptide linking' y LEUCINE         ?                 'C6 H13 N O2'    131.173 
LYS 'L-peptide linking' y LYSINE          ?                 'C6 H15 N2 O2 1' 147.195 
MET 'L-peptide linking' y METHIONINE      ?                 'C5 H11 N O2 S'  149.211 
PHE 'L-peptide linking' y PHENYLALANINE   ?                 'C9 H11 N O2'    165.189 
PRO 'L-peptide linking' y PROLINE         ?                 'C5 H9 N O2'     115.130 
SER 'L-peptide linking' y SERINE          ?                 'C3 H7 N O3'     105.093 
THR 'L-peptide linking' y THREONINE       ?                 'C4 H9 N O3'     119.119 
TRP 'L-peptide linking' y TRYPTOPHAN      ?                 'C11 H12 N2 O2'  204.225 
TYR 'L-peptide linking' y TYROSINE        ?                 'C9 H11 N O3'    181.189 
VAL 'L-peptide linking' y VALINE          ?                 'C5 H11 N O2'    117.146 
ZN  non-polymer         . 'ZINC ION'      ?                 'Zn 2'           65.409  
# 
loop_
_pdbx_poly_seq_scheme.asym_id 
_pdbx_poly_seq_scheme.entity_id 
_pdbx_poly_seq_scheme.seq_id 
_pdbx_poly_seq_scheme.mon_id 
_pdbx_poly_seq_scheme.ndb_seq_num 
_pdbx_poly_seq_scheme.pdb_seq_num 
_pdbx_poly_seq_scheme.auth_seq_num 
_pdbx_poly_seq_scheme.pdb_mon_id 
_pdbx_poly_seq_scheme.auth_mon_id 
_pdbx_poly_seq_scheme.pdb_strand_id 
_pdbx_poly_seq_scheme.pdb_ins_code 
_pdbx_poly_seq_scheme.hetero 
A 1 1   ASP 1   19  19  ASP ASP A . n 
A 1 2   THR 2   20  20  THR THR A . n 
A 1 3   VAL 3   21  21  VAL VAL A . n 
A 1 4   SER 4   22  22  SER SER A . n 
A 1 5   TYR 5   23  23  TYR TYR A . n 
A 1 6   ASP 6   24  24  ASP ASP A . n 
A 1 7   THR 7   25  25  THR THR A . n 
A 1 8   GLY 8   26  26  GLY GLY A . n 
A 1 9   TYR 9   27  27  TYR TYR A . n 
A 1 10  ASP 10  28  28  ASP ASP A . n 
A 1 11  ASN 11  29  29  ASN ASN A . n 
A 1 12  GLY 12  30  30  GLY GLY A . n 
A 1 13  SER 13  31  31  SER SER A . n 
A 1 14  ARG 14  32  32  ARG ARG A . n 
A 1 15  SER 15  33  33  SER SER A . n 
A 1 16  LEU 16  34  34  LEU LEU A . n 
A 1 17  ASN 17  35  35  ASN ASN A . n 
A 1 18  ASP 18  36  36  ASP ASP A . n 
A 1 19  VAL 19  37  37  VAL VAL A . n 
A 1 20  SER 20  38  38  SER SER A . n 
A 1 21  CYS 21  39  39  CYS CYS A . n 
A 1 22  SER 22  40  40  SER SER A . n 
A 1 23  ASP 23  41  41  ASP ASP A . n 
A 1 24  GLY 24  42  42  GLY GLY A . n 
A 1 25  PRO 25  43  43  PRO PRO A . n 
A 1 26  ASN 26  44  44  ASN ASN A . n 
A 1 27  GLY 27  45  45  GLY GLY A . n 
A 1 28  LEU 28  46  46  LEU LEU A . n 
A 1 29  GLU 29  47  47  GLU GLU A . n 
A 1 30  THR 30  48  48  THR THR A . n 
A 1 31  ARG 31  49  49  ARG ARG A . n 
A 1 32  TYR 32  50  50  TYR TYR A . n 
A 1 33  HIS 33  51  51  HIS HIS A . n 
A 1 34  TRP 34  52  52  TRP TRP A . n 
A 1 35  SER 35  53  53  SER SER A . n 
A 1 36  THR 36  54  54  THR THR A . n 
A 1 37  GLN 37  55  55  GLN GLN A . n 
A 1 38  GLY 38  56  56  GLY GLY A . n 
A 1 39  GLN 39  57  57  GLN GLN A . n 
A 1 40  ILE 40  58  58  ILE ILE A . n 
A 1 41  PRO 41  59  59  PRO PRO A . n 
A 1 42  ARG 42  60  60  ARG ARG A . n 
A 1 43  PHE 43  61  61  PHE PHE A . n 
A 1 44  PRO 44  62  62  PRO PRO A . n 
A 1 45  TYR 45  63  63  TYR TYR A . n 
A 1 46  ILE 46  64  64  ILE ILE A . n 
A 1 47  GLY 47  65  65  GLY GLY A . n 
A 1 48  GLY 48  66  66  GLY GLY A . n 
A 1 49  ALA 49  67  67  ALA ALA A . n 
A 1 50  ALA 50  68  68  ALA ALA A . n 
A 1 51  ALA 51  69  69  ALA ALA A . n 
A 1 52  VAL 52  70  70  VAL VAL A . n 
A 1 53  ALA 53  71  71  ALA ALA A . n 
A 1 54  GLY 54  72  72  GLY GLY A . n 
A 1 55  TRP 55  73  73  TRP TRP A . n 
A 1 56  ASN 56  74  74  ASN ASN A . n 
A 1 57  SER 57  75  75  SER SER A . n 
A 1 58  ALA 58  76  76  ALA ALA A . n 
A 1 59  SER 59  77  77  SER SER A . n 
A 1 60  CYS 60  78  78  CYS CYS A . n 
A 1 61  GLY 61  79  79  GLY GLY A . n 
A 1 62  THR 62  80  80  THR THR A . n 
A 1 63  CYS 63  81  81  CYS CYS A . n 
A 1 64  TRP 64  82  82  TRP TRP A . n 
A 1 65  LYS 65  83  83  LYS LYS A . n 
A 1 66  LEU 66  84  84  LEU LEU A . n 
A 1 67  GLN 67  85  85  GLN GLN A . n 
A 1 68  TYR 68  86  86  TYR TYR A . n 
A 1 69  SER 69  87  87  SER SER A . n 
A 1 70  GLY 70  88  88  GLY GLY A . n 
A 1 71  HIS 71  89  89  HIS HIS A . n 
A 1 72  THR 72  90  90  THR THR A . n 
A 1 73  ILE 73  91  91  ILE ILE A . n 
A 1 74  TYR 74  92  92  TYR TYR A . n 
A 1 75  VAL 75  93  93  VAL VAL A . n 
A 1 76  LEU 76  94  94  LEU LEU A . n 
A 1 77  ALA 77  95  95  ALA ALA A . n 
A 1 78  VAL 78  96  96  VAL VAL A . n 
A 1 79  ASP 79  97  97  ASP ASP A . n 
A 1 80  HIS 80  98  98  HIS HIS A . n 
A 1 81  ALA 81  99  99  ALA ALA A . n 
A 1 82  ALA 82  100 100 ALA ALA A . n 
A 1 83  SER 83  101 101 SER SER A . n 
A 1 84  GLY 84  102 102 GLY GLY A . n 
A 1 85  PHE 85  103 103 PHE PHE A . n 
A 1 86  ASN 86  104 104 ASN ASN A . n 
A 1 87  ILE 87  105 105 ILE ILE A . n 
A 1 88  ALA 88  106 106 ALA ALA A . n 
A 1 89  LEU 89  107 107 LEU LEU A . n 
A 1 90  ASP 90  108 108 ASP ASP A . n 
A 1 91  ALA 91  109 109 ALA ALA A . n 
A 1 92  MET 92  110 110 MET MET A . n 
A 1 93  ASN 93  111 111 ASN ASN A . n 
A 1 94  ALA 94  112 112 ALA ALA A . n 
A 1 95  LEU 95  113 113 LEU LEU A . n 
A 1 96  THR 96  114 114 THR THR A . n 
A 1 97  GLY 97  115 115 GLY GLY A . n 
A 1 98  GLY 98  116 116 GLY GLY A . n 
A 1 99  GLN 99  117 117 GLN GLN A . n 
A 1 100 ALA 100 118 118 ALA ALA A . n 
A 1 101 VAL 101 119 119 VAL VAL A . n 
A 1 102 GLN 102 120 120 GLN GLN A . n 
A 1 103 LEU 103 121 121 LEU LEU A . n 
A 1 104 GLY 104 122 122 GLY GLY A . n 
A 1 105 ARG 105 123 123 ARG ARG A . n 
A 1 106 VAL 106 124 124 VAL VAL A . n 
A 1 107 SER 107 125 125 SER SER A . n 
A 1 108 ALA 108 126 126 ALA ALA A . n 
A 1 109 THR 109 127 127 THR THR A . n 
A 1 110 ALA 110 128 128 ALA ALA A . n 
A 1 111 THR 111 129 129 THR THR A . n 
A 1 112 GLN 112 130 130 GLN GLN A . n 
A 1 113 VAL 113 131 131 VAL VAL A . n 
A 1 114 PRO 114 132 132 PRO PRO A . n 
A 1 115 VAL 115 133 133 VAL VAL A . n 
A 1 116 LYS 116 134 134 LYS LYS A . n 
A 1 117 ASN 117 135 135 ASN ASN A . n 
A 1 118 CYS 118 136 136 CYS CYS A . n 
A 1 119 GLY 119 137 137 GLY GLY A . n 
A 1 120 LEU 120 138 138 LEU LEU A . n 
# 
loop_
_pdbx_nonpoly_scheme.asym_id 
_pdbx_nonpoly_scheme.entity_id 
_pdbx_nonpoly_scheme.mon_id 
_pdbx_nonpoly_scheme.ndb_seq_num 
_pdbx_nonpoly_scheme.pdb_seq_num 
_pdbx_nonpoly_scheme.auth_seq_num 
_pdbx_nonpoly_scheme.pdb_mon_id 
_pdbx_nonpoly_scheme.auth_mon_id 
_pdbx_nonpoly_scheme.pdb_strand_id 
_pdbx_nonpoly_scheme.pdb_ins_code 
B 2 BR  1  1   1  BR  BR  A . 
C 2 BR  1  2   2  BR  BR  A . 
D 3 ZN  1  139 1  ZN  ZN  A . 
E 4 EDO 1  140 1  EDO EDO A . 
F 4 EDO 1  141 2  EDO EDO A . 
G 4 EDO 1  3   3  EDO EDO A . 
H 4 EDO 1  4   4  EDO EDO A . 
I 4 EDO 1  5   5  EDO EDO A . 
J 4 EDO 1  6   6  EDO EDO A . 
K 4 EDO 1  7   7  EDO EDO A . 
L 4 EDO 1  8   8  EDO EDO A . 
M 4 EDO 1  9   9  EDO EDO A . 
N 4 EDO 1  10  10 EDO EDO A . 
O 4 EDO 1  11  11 EDO EDO A . 
P 4 EDO 1  12  12 EDO EDO A . 
Q 4 EDO 1  13  13 EDO EDO A . 
R 5 HOH 1  14  14 HOH HOH A . 
R 5 HOH 2  15  15 HOH HOH A . 
R 5 HOH 3  16  16 HOH HOH A . 
R 5 HOH 4  17  17 HOH HOH A . 
R 5 HOH 5  18  18 HOH HOH A . 
R 5 HOH 6  142 1  HOH HOH A . 
R 5 HOH 7  143 2  HOH HOH A . 
R 5 HOH 8  144 3  HOH HOH A . 
R 5 HOH 9  145 4  HOH HOH A . 
R 5 HOH 10 146 5  HOH HOH A . 
R 5 HOH 11 147 6  HOH HOH A . 
R 5 HOH 12 148 7  HOH HOH A . 
R 5 HOH 13 149 8  HOH HOH A . 
R 5 HOH 14 150 9  HOH HOH A . 
R 5 HOH 15 151 10 HOH HOH A . 
R 5 HOH 16 152 11 HOH HOH A . 
R 5 HOH 17 153 12 HOH HOH A . 
R 5 HOH 18 154 13 HOH HOH A . 
R 5 HOH 19 155 19 HOH HOH A . 
R 5 HOH 20 156 20 HOH HOH A . 
R 5 HOH 21 157 21 HOH HOH A . 
R 5 HOH 22 158 22 HOH HOH A . 
R 5 HOH 23 159 23 HOH HOH A . 
R 5 HOH 24 160 24 HOH HOH A . 
R 5 HOH 25 161 25 HOH HOH A . 
R 5 HOH 26 162 26 HOH HOH A . 
R 5 HOH 27 163 27 HOH HOH A . 
R 5 HOH 28 164 28 HOH HOH A . 
R 5 HOH 29 165 29 HOH HOH A . 
R 5 HOH 30 166 30 HOH HOH A . 
R 5 HOH 31 167 31 HOH HOH A . 
R 5 HOH 32 168 32 HOH HOH A . 
R 5 HOH 33 169 33 HOH HOH A . 
R 5 HOH 34 170 34 HOH HOH A . 
R 5 HOH 35 171 35 HOH HOH A . 
R 5 HOH 36 172 36 HOH HOH A . 
R 5 HOH 37 173 37 HOH HOH A . 
R 5 HOH 38 174 38 HOH HOH A . 
R 5 HOH 39 175 39 HOH HOH A . 
R 5 HOH 40 176 40 HOH HOH A . 
R 5 HOH 41 177 41 HOH HOH A . 
R 5 HOH 42 178 42 HOH HOH A . 
R 5 HOH 43 179 43 HOH HOH A . 
R 5 HOH 44 180 44 HOH HOH A . 
R 5 HOH 45 181 45 HOH HOH A . 
R 5 HOH 46 182 46 HOH HOH A . 
R 5 HOH 47 183 47 HOH HOH A . 
R 5 HOH 48 184 48 HOH HOH A . 
R 5 HOH 49 185 49 HOH HOH A . 
R 5 HOH 50 186 50 HOH HOH A . 
R 5 HOH 51 187 51 HOH HOH A . 
R 5 HOH 52 188 52 HOH HOH A . 
R 5 HOH 53 189 53 HOH HOH A . 
R 5 HOH 54 190 54 HOH HOH A . 
R 5 HOH 55 191 55 HOH HOH A . 
R 5 HOH 56 192 56 HOH HOH A . 
R 5 HOH 57 193 57 HOH HOH A . 
R 5 HOH 58 194 58 HOH HOH A . 
R 5 HOH 59 195 59 HOH HOH A . 
R 5 HOH 60 196 60 HOH HOH A . 
R 5 HOH 61 197 61 HOH HOH A . 
R 5 HOH 62 198 62 HOH HOH A . 
R 5 HOH 63 199 63 HOH HOH A . 
R 5 HOH 64 200 64 HOH HOH A . 
R 5 HOH 65 201 65 HOH HOH A . 
R 5 HOH 66 202 66 HOH HOH A . 
R 5 HOH 67 203 67 HOH HOH A . 
R 5 HOH 68 204 68 HOH HOH A . 
R 5 HOH 69 205 69 HOH HOH A . 
R 5 HOH 70 206 70 HOH HOH A . 
R 5 HOH 71 207 71 HOH HOH A . 
R 5 HOH 72 208 72 HOH HOH A . 
R 5 HOH 73 209 73 HOH HOH A . 
R 5 HOH 74 210 74 HOH HOH A . 
R 5 HOH 75 211 75 HOH HOH A . 
R 5 HOH 76 212 76 HOH HOH A . 
R 5 HOH 77 213 77 HOH HOH A . 
R 5 HOH 78 214 78 HOH HOH A . 
R 5 HOH 79 215 79 HOH HOH A . 
# 
loop_
_software.name 
_software.classification 
_software.version 
_software.citation_id 
_software.pdbx_ordinal 
HKL-3000 'data collection' .                          ? 1 
MLPHARE  phasing           .                          ? 2 
PHENIX   refinement        '(phenix.refine: 1.6_289)' ? 3 
HKL-3000 'data reduction'  .                          ? 4 
HKL-3000 'data scaling'    .                          ? 5 
# 
_cell.entry_id           3M3G 
_cell.length_a           28.238 
_cell.length_b           46.365 
_cell.length_c           88.104 
_cell.angle_alpha        90.00 
_cell.angle_beta         90.00 
_cell.angle_gamma        90.00 
_cell.Z_PDB              4 
_cell.pdbx_unique_axis   ? 
_cell.length_a_esd       ? 
_cell.length_b_esd       ? 
_cell.length_c_esd       ? 
_cell.angle_alpha_esd    ? 
_cell.angle_beta_esd     ? 
_cell.angle_gamma_esd    ? 
# 
_symmetry.entry_id                         3M3G 
_symmetry.space_group_name_H-M             'P 21 21 21' 
_symmetry.pdbx_full_space_group_name_H-M   ? 
_symmetry.cell_setting                     ? 
_symmetry.Int_Tables_number                19 
_symmetry.space_group_name_Hall            ? 
# 
_exptl.entry_id          3M3G 
_exptl.method            'X-RAY DIFFRACTION' 
_exptl.crystals_number   1 
# 
_exptl_crystal.id                    1 
_exptl_crystal.density_meas          ? 
_exptl_crystal.density_Matthews      2.30 
_exptl_crystal.density_percent_sol   46.45 
_exptl_crystal.description           ? 
_exptl_crystal.F_000                 ? 
_exptl_crystal.preparation           ? 
# 
_exptl_crystal_grow.crystal_id      1 
_exptl_crystal_grow.method          'VAPOR DIFFUSION, HANGING DROP' 
_exptl_crystal_grow.temp            290 
_exptl_crystal_grow.temp_details    ? 
_exptl_crystal_grow.pH              6.5 
_exptl_crystal_grow.pdbx_details    '20% PEG 3350, 15mM ZnSO4, 0.1M MES pH 6.5, VAPOR DIFFUSION, HANGING DROP, temperature 290K' 
_exptl_crystal_grow.pdbx_pH_range   ? 
# 
_diffrn.id                     1 
_diffrn.ambient_temp           120 
_diffrn.ambient_temp_details   ? 
_diffrn.crystal_id             1 
# 
_diffrn_detector.diffrn_id              1 
_diffrn_detector.detector               CCD 
_diffrn_detector.type                   'ADSC QUANTUM 315' 
_diffrn_detector.pdbx_collection_date   2008-12-08 
_diffrn_detector.details                
;Rosenbaum-Rock high-resolution double-crystal monochromator. LN2 cooled first crystal, sagittal focusing 2nd crystal, Rosenbaum-Rock vertical focusing mirror, beam defining slits
;
# 
_diffrn_radiation.diffrn_id                        1 
_diffrn_radiation.wavelength_id                    1 
_diffrn_radiation.pdbx_monochromatic_or_laue_m_l   M 
_diffrn_radiation.monochromator                    
'Rosenbaum-Rock high-resolution double-crystal monochromator. LN2 cooled first crystal, sagittal focusing 2nd crystal' 
_diffrn_radiation.pdbx_diffrn_protocol             'SINGLE WAVELENGTH' 
_diffrn_radiation.pdbx_scattering_type             x-ray 
# 
_diffrn_radiation_wavelength.id           1 
_diffrn_radiation_wavelength.wavelength   0.91959 
_diffrn_radiation_wavelength.wt           1.0 
# 
_diffrn_source.diffrn_id                   1 
_diffrn_source.source                      SYNCHROTRON 
_diffrn_source.type                        'APS BEAMLINE 19-ID' 
_diffrn_source.pdbx_synchrotron_site       APS 
_diffrn_source.pdbx_synchrotron_beamline   19-ID 
_diffrn_source.pdbx_wavelength             ? 
_diffrn_source.pdbx_wavelength_list        0.91959 
# 
_reflns.entry_id                     3M3G 
_reflns.observed_criterion_sigma_I   3.0 
_reflns.observed_criterion_sigma_F   ? 
_reflns.d_resolution_low             50 
_reflns.d_resolution_high            1.39 
_reflns.number_obs                   40767 
_reflns.number_all                   48167 
_reflns.percent_possible_obs         ? 
_reflns.pdbx_Rmerge_I_obs            0.087 
_reflns.pdbx_Rsym_value              0.142 
_reflns.pdbx_netI_over_sigmaI        99.6 
_reflns.B_iso_Wilson_estimate        10.4 
_reflns.pdbx_redundancy              6.0 
_reflns.R_free_details               ? 
_reflns.limit_h_max                  ? 
_reflns.limit_h_min                  ? 
_reflns.limit_k_max                  ? 
_reflns.limit_k_min                  ? 
_reflns.limit_l_max                  ? 
_reflns.limit_l_min                  ? 
_reflns.observed_criterion_F_max     ? 
_reflns.observed_criterion_F_min     ? 
_reflns.pdbx_chi_squared             ? 
_reflns.pdbx_scaling_rejects         ? 
_reflns.pdbx_diffrn_id               1 
_reflns.pdbx_ordinal                 1 
# 
_reflns_shell.d_res_high             1.39 
_reflns_shell.d_res_low              1.41 
_reflns_shell.percent_possible_all   ? 
_reflns_shell.Rmerge_I_obs           0.807 
_reflns_shell.pdbx_Rsym_value        0.952 
_reflns_shell.meanI_over_sigI_obs    9.4 
_reflns_shell.pdbx_redundancy        2.2 
_reflns_shell.percent_possible_obs   ? 
_reflns_shell.number_unique_all      956 
_reflns_shell.number_measured_all    ? 
_reflns_shell.number_measured_obs    ? 
_reflns_shell.number_unique_obs      ? 
_reflns_shell.pdbx_chi_squared       ? 
_reflns_shell.pdbx_diffrn_id         ? 
_reflns_shell.pdbx_ordinal           1 
# 
_refine.entry_id                                 3M3G 
_refine.ls_number_reflns_obs                     40767 
_refine.ls_number_reflns_all                     48167 
_refine.pdbx_ls_sigma_I                          3.0 
_refine.pdbx_ls_sigma_F                          0.42 
_refine.pdbx_data_cutoff_high_absF               ? 
_refine.pdbx_data_cutoff_low_absF                ? 
_refine.pdbx_data_cutoff_high_rms_absF           ? 
_refine.ls_d_res_low                             41.030 
_refine.ls_d_res_high                            1.390 
_refine.ls_percent_reflns_obs                    96.65 
_refine.ls_R_factor_obs                          0.1930 
_refine.ls_R_factor_all                          ? 
_refine.ls_R_factor_R_work                       0.1916 
_refine.ls_R_factor_R_free                       0.2081 
_refine.ls_R_factor_R_free_error                 ? 
_refine.ls_R_factor_R_free_error_details         ? 
_refine.ls_percent_reflns_R_free                 8.45 
_refine.ls_number_reflns_R_free                  3674 
_refine.ls_number_parameters                     ? 
_refine.ls_number_restraints                     ? 
_refine.occupancy_min                            ? 
_refine.occupancy_max                            ? 
_refine.correlation_coeff_Fo_to_Fc               ? 
_refine.correlation_coeff_Fo_to_Fc_free          ? 
_refine.B_iso_mean                               12.733 
_refine.aniso_B[1][1]                            ? 
_refine.aniso_B[2][2]                            ? 
_refine.aniso_B[3][3]                            ? 
_refine.aniso_B[1][2]                            ? 
_refine.aniso_B[1][3]                            ? 
_refine.aniso_B[2][3]                            ? 
_refine.solvent_model_details                    'FLAT BULK SOLVENT MODEL' 
_refine.solvent_model_param_ksol                 0.372 
_refine.solvent_model_param_bsol                 58.486 
_refine.pdbx_solvent_vdw_probe_radii             1.11 
_refine.pdbx_solvent_ion_probe_radii             ? 
_refine.pdbx_solvent_shrinkage_radii             0.90 
_refine.pdbx_ls_cross_valid_method               ? 
_refine.details                                  ? 
_refine.pdbx_starting_model                      ? 
_refine.pdbx_method_to_determine_struct          SAD 
_refine.pdbx_isotropic_thermal_model             isotropic 
_refine.pdbx_stereochemistry_target_values       ML 
_refine.pdbx_stereochem_target_val_spec_case     ? 
_refine.pdbx_R_Free_selection_details            random 
_refine.pdbx_overall_ESU_R_Free                  ? 
_refine.overall_SU_ML                            0.17 
_refine.overall_SU_B                             ? 
_refine.ls_redundancy_reflns_obs                 ? 
_refine.B_iso_min                                ? 
_refine.B_iso_max                                ? 
_refine.overall_SU_R_Cruickshank_DPI             ? 
_refine.overall_SU_R_free                        ? 
_refine.ls_wR_factor_R_free                      ? 
_refine.ls_wR_factor_R_work                      ? 
_refine.overall_FOM_free_R_set                   ? 
_refine.overall_FOM_work_R_set                   ? 
_refine.pdbx_overall_phase_error                 18.93 
_refine.pdbx_refine_id                           'X-RAY DIFFRACTION' 
_refine.pdbx_overall_ESU_R                       ? 
_refine.pdbx_diffrn_id                           1 
_refine.pdbx_TLS_residual_ADP_flag               ? 
_refine.pdbx_overall_SU_R_free_Cruickshank_DPI   ? 
_refine.pdbx_overall_SU_R_Blow_DPI               ? 
_refine.pdbx_overall_SU_R_free_Blow_DPI          ? 
# 
_refine_hist.pdbx_refine_id                   'X-RAY DIFFRACTION' 
_refine_hist.cycle_id                         LAST 
_refine_hist.pdbx_number_atoms_protein        881 
_refine_hist.pdbx_number_atoms_nucleic_acid   0 
_refine_hist.pdbx_number_atoms_ligand         55 
_refine_hist.number_atoms_solvent             79 
_refine_hist.number_atoms_total               1015 
_refine_hist.d_res_high                       1.390 
_refine_hist.d_res_low                        41.030 
# 
loop_
_refine_ls_restr.type 
_refine_ls_restr.dev_ideal 
_refine_ls_restr.dev_ideal_target 
_refine_ls_restr.weight 
_refine_ls_restr.number 
_refine_ls_restr.pdbx_refine_id 
_refine_ls_restr.pdbx_restraint_function 
f_bond_d           0.006  ? ? 955  'X-RAY DIFFRACTION' ? 
f_angle_d          1.065  ? ? 1276 'X-RAY DIFFRACTION' ? 
f_dihedral_angle_d 14.916 ? ? 319  'X-RAY DIFFRACTION' ? 
f_chiral_restr     0.074  ? ? 137  'X-RAY DIFFRACTION' ? 
f_plane_restr      0.005  ? ? 165  'X-RAY DIFFRACTION' ? 
# 
loop_
_refine_ls_shell.pdbx_total_number_of_bins_used 
_refine_ls_shell.d_res_high 
_refine_ls_shell.d_res_low 
_refine_ls_shell.number_reflns_R_work 
_refine_ls_shell.R_factor_R_work 
_refine_ls_shell.percent_reflns_obs 
_refine_ls_shell.R_factor_R_free 
_refine_ls_shell.R_factor_R_free_error 
_refine_ls_shell.percent_reflns_R_free 
_refine_ls_shell.number_reflns_R_free 
_refine_ls_shell.number_reflns_all 
_refine_ls_shell.R_factor_all 
_refine_ls_shell.number_reflns_obs 
_refine_ls_shell.redundancy_reflns_obs 
_refine_ls_shell.pdbx_refine_id 
. 1.3901 1.4398  3025 0.3156 73.00  0.3100 . . 274 . . . . 'X-RAY DIFFRACTION' 
. 1.4398 1.4975  3897 0.2809 94.00  0.2973 . . 360 . . . . 'X-RAY DIFFRACTION' 
. 1.4975 1.5656  4117 0.2367 99.00  0.2628 . . 378 . . . . 'X-RAY DIFFRACTION' 
. 1.5656 1.6482  4091 0.2150 100.00 0.2400 . . 372 . . . . 'X-RAY DIFFRACTION' 
. 1.6482 1.7514  4123 0.1857 100.00 0.2138 . . 382 . . . . 'X-RAY DIFFRACTION' 
. 1.7514 1.8867  4109 0.1633 100.00 0.1807 . . 387 . . . . 'X-RAY DIFFRACTION' 
. 1.8867 2.0765  4091 0.1512 100.00 0.1654 . . 385 . . . . 'X-RAY DIFFRACTION' 
. 2.0765 2.3770  4141 0.1568 100.00 0.1861 . . 375 . . . . 'X-RAY DIFFRACTION' 
. 2.3770 2.9946  4096 0.1685 100.00 0.1849 . . 380 . . . . 'X-RAY DIFFRACTION' 
. 2.9946 41.0482 4120 0.1971 100.00 0.2072 . . 381 . . . . 'X-RAY DIFFRACTION' 
# 
_struct.entry_id                  3M3G 
_struct.title                     'Crystal structure of Sm1, an elicitor of plant defence responses from Trichoderma virens.' 
_struct.pdbx_model_details        ? 
_struct.pdbx_CASP_flag            ? 
_struct.pdbx_model_type_details   ? 
# 
_struct_keywords.entry_id        3M3G 
_struct_keywords.pdbx_keywords   'POLYSACCHARIDE-BINDING PROTEIN' 
_struct_keywords.text            'fungal, plant defense, fungus, POLYSACCHARIDE-BINDING PROTEIN' 
# 
loop_
_struct_asym.id 
_struct_asym.pdbx_blank_PDB_chainid_flag 
_struct_asym.pdbx_modified 
_struct_asym.entity_id 
_struct_asym.details 
A N N 1 ? 
B N N 2 ? 
C N N 2 ? 
D N N 3 ? 
E N N 4 ? 
F N N 4 ? 
G N N 4 ? 
H N N 4 ? 
I N N 4 ? 
J N N 4 ? 
K N N 4 ? 
L N N 4 ? 
M N N 4 ? 
N N N 4 ? 
O N N 4 ? 
P N N 4 ? 
Q N N 4 ? 
R N N 5 ? 
# 
_struct_ref.id                         1 
_struct_ref.db_name                    UNP 
_struct_ref.db_code                    Q0R411_TRIVE 
_struct_ref.pdbx_db_accession          Q0R411 
_struct_ref.entity_id                  1 
_struct_ref.pdbx_seq_one_letter_code   
;DTVSYDTGYDNGSRSLNDVSCSDGPNGLETRYHWSTQGQIPRFPYIGGAAAVAGWNSASCGTCWKLQYSGHTIYVLAVDH
AASGFNIALDAMNALTGGQAVQLGRVSATATQVPVKNCGL
;
_struct_ref.pdbx_align_begin           19 
_struct_ref.pdbx_db_isoform            ? 
# 
_struct_ref_seq.align_id                      1 
_struct_ref_seq.ref_id                        1 
_struct_ref_seq.pdbx_PDB_id_code              3M3G 
_struct_ref_seq.pdbx_strand_id                A 
_struct_ref_seq.seq_align_beg                 1 
_struct_ref_seq.pdbx_seq_align_beg_ins_code   ? 
_struct_ref_seq.seq_align_end                 120 
_struct_ref_seq.pdbx_seq_align_end_ins_code   ? 
_struct_ref_seq.pdbx_db_accession             Q0R411 
_struct_ref_seq.db_align_beg                  19 
_struct_ref_seq.pdbx_db_align_beg_ins_code    ? 
_struct_ref_seq.db_align_end                  138 
_struct_ref_seq.pdbx_db_align_end_ins_code    ? 
_struct_ref_seq.pdbx_auth_seq_align_beg       19 
_struct_ref_seq.pdbx_auth_seq_align_end       138 
# 
_pdbx_struct_assembly.id                   1 
_pdbx_struct_assembly.details              author_and_software_defined_assembly 
_pdbx_struct_assembly.method_details       PISA 
_pdbx_struct_assembly.oligomeric_details   monomeric 
_pdbx_struct_assembly.oligomeric_count     1 
# 
_pdbx_struct_assembly_gen.assembly_id       1 
_pdbx_struct_assembly_gen.oper_expression   1 
_pdbx_struct_assembly_gen.asym_id_list      A,B,C,D,E,F,G,H,I,J,K,L,M,N,O,P,Q,R 
# 
_pdbx_struct_oper_list.id                   1 
_pdbx_struct_oper_list.type                 'identity operation' 
_pdbx_struct_oper_list.name                 1_555 
_pdbx_struct_oper_list.symmetry_operation   x,y,z 
_pdbx_struct_oper_list.matrix[1][1]         1.0000000000 
_pdbx_struct_oper_list.matrix[1][2]         0.0000000000 
_pdbx_struct_oper_list.matrix[1][3]         0.0000000000 
_pdbx_struct_oper_list.vector[1]            0.0000000000 
_pdbx_struct_oper_list.matrix[2][1]         0.0000000000 
_pdbx_struct_oper_list.matrix[2][2]         1.0000000000 
_pdbx_struct_oper_list.matrix[2][3]         0.0000000000 
_pdbx_struct_oper_list.vector[2]            0.0000000000 
_pdbx_struct_oper_list.matrix[3][1]         0.0000000000 
_pdbx_struct_oper_list.matrix[3][2]         0.0000000000 
_pdbx_struct_oper_list.matrix[3][3]         1.0000000000 
_pdbx_struct_oper_list.vector[3]            0.0000000000 
# 
_struct_biol.id        1 
_struct_biol.details   ? 
# 
loop_
_struct_conf.conf_type_id 
_struct_conf.id 
_struct_conf.pdbx_PDB_helix_id 
_struct_conf.beg_label_comp_id 
_struct_conf.beg_label_asym_id 
_struct_conf.beg_label_seq_id 
_struct_conf.pdbx_beg_PDB_ins_code 
_struct_conf.end_label_comp_id 
_struct_conf.end_label_asym_id 
_struct_conf.end_label_seq_id 
_struct_conf.pdbx_end_PDB_ins_code 
_struct_conf.beg_auth_comp_id 
_struct_conf.beg_auth_asym_id 
_struct_conf.beg_auth_seq_id 
_struct_conf.end_auth_comp_id 
_struct_conf.end_auth_asym_id 
_struct_conf.end_auth_seq_id 
_struct_conf.pdbx_PDB_helix_class 
_struct_conf.details 
_struct_conf.pdbx_PDB_helix_length 
HELX_P HELX_P1 1 THR A 7   ? ASN A 11  ? THR A 25  ASN A 29  5 ? 5  
HELX_P HELX_P2 2 SER A 15  ? VAL A 19  ? SER A 33  VAL A 37  5 ? 5  
HELX_P HELX_P3 3 GLY A 27  ? HIS A 33  ? GLY A 45  HIS A 51  1 ? 7  
HELX_P HELX_P4 4 THR A 36  ? ILE A 40  ? THR A 54  ILE A 58  5 ? 5  
HELX_P HELX_P5 5 ALA A 88  ? GLY A 97  ? ALA A 106 GLY A 115 1 ? 10 
HELX_P HELX_P6 6 GLN A 99  ? GLY A 104 ? GLN A 117 GLY A 122 1 ? 6  
HELX_P HELX_P7 7 PRO A 114 ? GLY A 119 ? PRO A 132 GLY A 137 5 ? 6  
# 
_struct_conf_type.id          HELX_P 
_struct_conf_type.criteria    ? 
_struct_conf_type.reference   ? 
# 
loop_
_struct_conn.id 
_struct_conn.conn_type_id 
_struct_conn.pdbx_leaving_atom_flag 
_struct_conn.pdbx_PDB_id 
_struct_conn.ptnr1_label_asym_id 
_struct_conn.ptnr1_label_comp_id 
_struct_conn.ptnr1_label_seq_id 
_struct_conn.ptnr1_label_atom_id 
_struct_conn.pdbx_ptnr1_label_alt_id 
_struct_conn.pdbx_ptnr1_PDB_ins_code 
_struct_conn.pdbx_ptnr1_standard_comp_id 
_struct_conn.ptnr1_symmetry 
_struct_conn.ptnr2_label_asym_id 
_struct_conn.ptnr2_label_comp_id 
_struct_conn.ptnr2_label_seq_id 
_struct_conn.ptnr2_label_atom_id 
_struct_conn.pdbx_ptnr2_label_alt_id 
_struct_conn.pdbx_ptnr2_PDB_ins_code 
_struct_conn.ptnr1_auth_asym_id 
_struct_conn.ptnr1_auth_comp_id 
_struct_conn.ptnr1_auth_seq_id 
_struct_conn.ptnr2_auth_asym_id 
_struct_conn.ptnr2_auth_comp_id 
_struct_conn.ptnr2_auth_seq_id 
_struct_conn.ptnr2_symmetry 
_struct_conn.pdbx_ptnr3_label_atom_id 
_struct_conn.pdbx_ptnr3_label_seq_id 
_struct_conn.pdbx_ptnr3_label_comp_id 
_struct_conn.pdbx_ptnr3_label_asym_id 
_struct_conn.pdbx_ptnr3_label_alt_id 
_struct_conn.pdbx_ptnr3_PDB_ins_code 
_struct_conn.details 
_struct_conn.pdbx_dist_value 
_struct_conn.pdbx_value_order 
_struct_conn.pdbx_role 
disulf1 disulf ? ? A CYS 21 SG  ? ? ? 1_555 A CYS 60  SG ? ? A CYS 39 A CYS 78  1_555 ? ? ? ? ? ? ? 2.052 ? ? 
disulf2 disulf ? ? A CYS 63 SG  ? ? ? 1_555 A CYS 118 SG ? ? A CYS 81 A CYS 136 1_555 ? ? ? ? ? ? ? 2.050 ? ? 
metalc1 metalc ? ? A HIS 71 NE2 ? ? ? 1_555 D ZN  .   ZN ? ? A HIS 89 A ZN  139 1_555 ? ? ? ? ? ? ? 2.028 ? ? 
# 
loop_
_struct_conn_type.id 
_struct_conn_type.criteria 
_struct_conn_type.reference 
disulf ? ? 
metalc ? ? 
# 
loop_
_pdbx_modification_feature.ordinal 
_pdbx_modification_feature.label_comp_id 
_pdbx_modification_feature.label_asym_id 
_pdbx_modification_feature.label_seq_id 
_pdbx_modification_feature.label_alt_id 
_pdbx_modification_feature.modified_residue_label_comp_id 
_pdbx_modification_feature.modified_residue_label_asym_id 
_pdbx_modification_feature.modified_residue_label_seq_id 
_pdbx_modification_feature.modified_residue_label_alt_id 
_pdbx_modification_feature.auth_comp_id 
_pdbx_modification_feature.auth_asym_id 
_pdbx_modification_feature.auth_seq_id 
_pdbx_modification_feature.PDB_ins_code 
_pdbx_modification_feature.symmetry 
_pdbx_modification_feature.modified_residue_auth_comp_id 
_pdbx_modification_feature.modified_residue_auth_asym_id 
_pdbx_modification_feature.modified_residue_auth_seq_id 
_pdbx_modification_feature.modified_residue_PDB_ins_code 
_pdbx_modification_feature.modified_residue_symmetry 
_pdbx_modification_feature.comp_id_linking_atom 
_pdbx_modification_feature.modified_residue_id_linking_atom 
_pdbx_modification_feature.modified_residue_id 
_pdbx_modification_feature.ref_pcm_id 
_pdbx_modification_feature.ref_comp_id 
_pdbx_modification_feature.type 
_pdbx_modification_feature.category 
1 CYS A 21 ? CYS A 60  ? CYS A 39 ? 1_555 CYS A 78  ? 1_555 SG SG . . . None 'Disulfide bridge' 
2 CYS A 63 ? CYS A 118 ? CYS A 81 ? 1_555 CYS A 136 ? 1_555 SG SG . . . None 'Disulfide bridge' 
# 
_struct_mon_prot_cis.pdbx_id                1 
_struct_mon_prot_cis.label_comp_id          PHE 
_struct_mon_prot_cis.label_seq_id           43 
_struct_mon_prot_cis.label_asym_id          A 
_struct_mon_prot_cis.label_alt_id           . 
_struct_mon_prot_cis.pdbx_PDB_ins_code      ? 
_struct_mon_prot_cis.auth_comp_id           PHE 
_struct_mon_prot_cis.auth_seq_id            61 
_struct_mon_prot_cis.auth_asym_id           A 
_struct_mon_prot_cis.pdbx_label_comp_id_2   PRO 
_struct_mon_prot_cis.pdbx_label_seq_id_2    44 
_struct_mon_prot_cis.pdbx_label_asym_id_2   A 
_struct_mon_prot_cis.pdbx_PDB_ins_code_2    ? 
_struct_mon_prot_cis.pdbx_auth_comp_id_2    PRO 
_struct_mon_prot_cis.pdbx_auth_seq_id_2     62 
_struct_mon_prot_cis.pdbx_auth_asym_id_2    A 
_struct_mon_prot_cis.pdbx_PDB_model_num     1 
_struct_mon_prot_cis.pdbx_omega_angle       10.03 
# 
_struct_sheet.id               A 
_struct_sheet.type             ? 
_struct_sheet.number_strands   7 
_struct_sheet.details          ? 
# 
loop_
_struct_sheet_order.sheet_id 
_struct_sheet_order.range_id_1 
_struct_sheet_order.range_id_2 
_struct_sheet_order.offset 
_struct_sheet_order.sense 
A 1 2 ? anti-parallel 
A 2 3 ? parallel      
A 3 4 ? anti-parallel 
A 4 5 ? parallel      
A 5 6 ? anti-parallel 
A 6 7 ? anti-parallel 
# 
loop_
_struct_sheet_range.sheet_id 
_struct_sheet_range.id 
_struct_sheet_range.beg_label_comp_id 
_struct_sheet_range.beg_label_asym_id 
_struct_sheet_range.beg_label_seq_id 
_struct_sheet_range.pdbx_beg_PDB_ins_code 
_struct_sheet_range.end_label_comp_id 
_struct_sheet_range.end_label_asym_id 
_struct_sheet_range.end_label_seq_id 
_struct_sheet_range.pdbx_end_PDB_ins_code 
_struct_sheet_range.beg_auth_comp_id 
_struct_sheet_range.beg_auth_asym_id 
_struct_sheet_range.beg_auth_seq_id 
_struct_sheet_range.end_auth_comp_id 
_struct_sheet_range.end_auth_asym_id 
_struct_sheet_range.end_auth_seq_id 
A 1 ARG A 105 ? SER A 107 ? ARG A 123 SER A 125 
A 2 THR A 2   ? TYR A 5   ? THR A 20  TYR A 23  
A 3 PHE A 85  ? ILE A 87  ? PHE A 103 ILE A 105 
A 4 ILE A 46  ? ALA A 49  ? ILE A 64  ALA A 67  
A 5 HIS A 71  ? HIS A 80  ? HIS A 89  HIS A 98  
A 6 CYS A 63  ? TYR A 68  ? CYS A 81  TYR A 86  
A 7 THR A 109 ? VAL A 113 ? THR A 127 VAL A 131 
# 
loop_
_pdbx_struct_sheet_hbond.sheet_id 
_pdbx_struct_sheet_hbond.range_id_1 
_pdbx_struct_sheet_hbond.range_id_2 
_pdbx_struct_sheet_hbond.range_1_label_atom_id 
_pdbx_struct_sheet_hbond.range_1_label_comp_id 
_pdbx_struct_sheet_hbond.range_1_label_asym_id 
_pdbx_struct_sheet_hbond.range_1_label_seq_id 
_pdbx_struct_sheet_hbond.range_1_PDB_ins_code 
_pdbx_struct_sheet_hbond.range_1_auth_atom_id 
_pdbx_struct_sheet_hbond.range_1_auth_comp_id 
_pdbx_struct_sheet_hbond.range_1_auth_asym_id 
_pdbx_struct_sheet_hbond.range_1_auth_seq_id 
_pdbx_struct_sheet_hbond.range_2_label_atom_id 
_pdbx_struct_sheet_hbond.range_2_label_comp_id 
_pdbx_struct_sheet_hbond.range_2_label_asym_id 
_pdbx_struct_sheet_hbond.range_2_label_seq_id 
_pdbx_struct_sheet_hbond.range_2_PDB_ins_code 
_pdbx_struct_sheet_hbond.range_2_auth_atom_id 
_pdbx_struct_sheet_hbond.range_2_auth_comp_id 
_pdbx_struct_sheet_hbond.range_2_auth_asym_id 
_pdbx_struct_sheet_hbond.range_2_auth_seq_id 
A 1 2 O VAL A 106 ? O VAL A 124 N VAL A 3   ? N VAL A 21  
A 2 3 N SER A 4   ? N SER A 22  O ILE A 87  ? O ILE A 105 
A 3 4 O ASN A 86  ? O ASN A 104 N GLY A 48  ? N GLY A 66  
A 4 5 N GLY A 47  ? N GLY A 65  O VAL A 78  ? O VAL A 96  
A 5 6 O ILE A 73  ? O ILE A 91  N LEU A 66  ? N LEU A 84  
A 6 7 N LYS A 65  ? N LYS A 83  O THR A 111 ? O THR A 129 
# 
loop_
_struct_site.id 
_struct_site.pdbx_evidence_code 
_struct_site.pdbx_auth_asym_id 
_struct_site.pdbx_auth_comp_id 
_struct_site.pdbx_auth_seq_id 
_struct_site.pdbx_auth_ins_code 
_struct_site.pdbx_num_residues 
_struct_site.details 
AC1 Software A BR  1   ? 3  'BINDING SITE FOR RESIDUE BR A 1'    
AC2 Software A BR  2   ? 3  'BINDING SITE FOR RESIDUE BR A 2'    
AC3 Software A ZN  139 ? 4  'BINDING SITE FOR RESIDUE ZN A 139'  
AC4 Software A EDO 140 ? 4  'BINDING SITE FOR RESIDUE EDO A 140' 
AC5 Software A EDO 141 ? 7  'BINDING SITE FOR RESIDUE EDO A 141' 
AC6 Software A EDO 3   ? 6  'BINDING SITE FOR RESIDUE EDO A 3'   
AC7 Software A EDO 4   ? 9  'BINDING SITE FOR RESIDUE EDO A 4'   
AC8 Software A EDO 5   ? 5  'BINDING SITE FOR RESIDUE EDO A 5'   
AC9 Software A EDO 6   ? 9  'BINDING SITE FOR RESIDUE EDO A 6'   
BC1 Software A EDO 7   ? 6  'BINDING SITE FOR RESIDUE EDO A 7'   
BC2 Software A EDO 8   ? 7  'BINDING SITE FOR RESIDUE EDO A 8'   
BC3 Software A EDO 9   ? 8  'BINDING SITE FOR RESIDUE EDO A 9'   
BC4 Software A EDO 10  ? 3  'BINDING SITE FOR RESIDUE EDO A 10'  
BC5 Software A EDO 11  ? 10 'BINDING SITE FOR RESIDUE EDO A 11'  
BC6 Software A EDO 12  ? 3  'BINDING SITE FOR RESIDUE EDO A 12'  
BC7 Software A EDO 13  ? 6  'BINDING SITE FOR RESIDUE EDO A 13'  
# 
loop_
_struct_site_gen.id 
_struct_site_gen.site_id 
_struct_site_gen.pdbx_num_res 
_struct_site_gen.label_comp_id 
_struct_site_gen.label_asym_id 
_struct_site_gen.label_seq_id 
_struct_site_gen.pdbx_auth_ins_code 
_struct_site_gen.auth_comp_id 
_struct_site_gen.auth_asym_id 
_struct_site_gen.auth_seq_id 
_struct_site_gen.label_atom_id 
_struct_site_gen.label_alt_id 
_struct_site_gen.symmetry 
_struct_site_gen.details 
1  AC1 3  HIS A 71  ? HIS A 89  . ? 1_555 ? 
2  AC1 3  HIS A 80  ? HIS A 98  . ? 3_655 ? 
3  AC1 3  ZN  D .   ? ZN  A 139 . ? 1_555 ? 
4  AC2 3  EDO J .   ? EDO A 6   . ? 3_755 ? 
5  AC2 3  HIS A 71  ? HIS A 89  . ? 1_555 ? 
6  AC2 3  ZN  D .   ? ZN  A 139 . ? 1_555 ? 
7  AC3 4  BR  B .   ? BR  A 1   . ? 1_555 ? 
8  AC3 4  BR  C .   ? BR  A 2   . ? 1_555 ? 
9  AC3 4  HIS A 71  ? HIS A 89  . ? 1_555 ? 
10 AC3 4  HIS A 80  ? HIS A 98  . ? 3_655 ? 
11 AC4 4  EDO L .   ? EDO A 8   . ? 1_455 ? 
12 AC4 4  ASP A 1   ? ASP A 19  . ? 1_555 ? 
13 AC4 4  THR A 2   ? THR A 20  . ? 1_555 ? 
14 AC4 4  GLY A 84  ? GLY A 102 . ? 1_555 ? 
15 AC5 7  EDO G .   ? EDO A 3   . ? 3_755 ? 
16 AC5 7  EDO H .   ? EDO A 4   . ? 1_555 ? 
17 AC5 7  SER A 13  ? SER A 31  . ? 3_755 ? 
18 AC5 7  HIS A 71  ? HIS A 89  . ? 1_555 ? 
19 AC5 7  THR A 72  ? THR A 90  . ? 1_555 ? 
20 AC5 7  ILE A 73  ? ILE A 91  . ? 1_555 ? 
21 AC5 7  ALA A 94  ? ALA A 112 . ? 1_555 ? 
22 AC6 6  EDO H .   ? EDO A 4   . ? 3_745 ? 
23 AC6 6  ASP A 10  ? ASP A 28  . ? 1_555 ? 
24 AC6 6  GLY A 12  ? GLY A 30  . ? 1_555 ? 
25 AC6 6  SER A 83  ? SER A 101 . ? 1_655 ? 
26 AC6 6  EDO F .   ? EDO A 141 . ? 3_745 ? 
27 AC6 6  HOH R .   ? HOH A 178 . ? 1_655 ? 
28 AC7 9  EDO G .   ? EDO A 3   . ? 3_755 ? 
29 AC7 9  GLY A 70  ? GLY A 88  . ? 1_555 ? 
30 AC7 9  HIS A 71  ? HIS A 89  . ? 1_555 ? 
31 AC7 9  THR A 72  ? THR A 90  . ? 1_555 ? 
32 AC7 9  ALA A 81  ? ALA A 99  . ? 3_655 ? 
33 AC7 9  ALA A 82  ? ALA A 100 . ? 3_655 ? 
34 AC7 9  SER A 83  ? SER A 101 . ? 3_655 ? 
35 AC7 9  ASN A 86  ? ASN A 104 . ? 3_655 ? 
36 AC7 9  EDO F .   ? EDO A 141 . ? 1_555 ? 
37 AC8 5  ASN A 93  ? ASN A 111 . ? 1_555 ? 
38 AC8 5  GLY A 98  ? GLY A 116 . ? 1_555 ? 
39 AC8 5  ALA A 100 ? ALA A 118 . ? 1_555 ? 
40 AC8 5  VAL A 101 ? VAL A 119 . ? 1_555 ? 
41 AC8 5  GLN A 102 ? GLN A 120 . ? 1_555 ? 
42 AC9 9  BR  C .   ? BR  A 2   . ? 3_745 ? 
43 AC9 9  EDO O .   ? EDO A 11  . ? 1_555 ? 
44 AC9 9  PRO A 25  ? PRO A 43  . ? 4_555 ? 
45 AC9 9  SER A 35  ? SER A 53  . ? 1_555 ? 
46 AC9 9  THR A 36  ? THR A 54  . ? 1_555 ? 
47 AC9 9  GLN A 39  ? GLN A 57  . ? 1_555 ? 
48 AC9 9  ALA A 53  ? ALA A 71  . ? 1_655 ? 
49 AC9 9  HOH R .   ? HOH A 175 . ? 1_555 ? 
50 AC9 9  HOH R .   ? HOH A 196 . ? 4_555 ? 
51 BC1 6  ASP A 6   ? ASP A 24  . ? 3_655 ? 
52 BC1 6  TYR A 9   ? TYR A 27  . ? 3_655 ? 
53 BC1 6  TYR A 68  ? TYR A 86  . ? 1_555 ? 
54 BC1 6  SER A 69  ? SER A 87  . ? 1_555 ? 
55 BC1 6  GLY A 70  ? GLY A 88  . ? 1_555 ? 
56 BC1 6  ASN A 86  ? ASN A 104 . ? 3_655 ? 
57 BC2 7  GLY A 38  ? GLY A 56  . ? 1_555 ? 
58 BC2 7  PRO A 41  ? PRO A 59  . ? 1_555 ? 
59 BC2 7  PHE A 43  ? PHE A 61  . ? 1_555 ? 
60 BC2 7  ALA A 50  ? ALA A 68  . ? 1_655 ? 
61 BC2 7  SER A 83  ? SER A 101 . ? 1_655 ? 
62 BC2 7  GLY A 84  ? GLY A 102 . ? 1_655 ? 
63 BC2 7  EDO E .   ? EDO A 140 . ? 1_655 ? 
64 BC3 8  ASP A 23  ? ASP A 41  . ? 4_455 ? 
65 BC3 8  THR A 30  ? THR A 48  . ? 4_455 ? 
66 BC3 8  ALA A 53  ? ALA A 71  . ? 1_555 ? 
67 BC3 8  GLY A 54  ? GLY A 72  . ? 1_555 ? 
68 BC3 8  TRP A 55  ? TRP A 73  . ? 1_555 ? 
69 BC3 8  HOH R .   ? HOH A 187 . ? 4_455 ? 
70 BC3 8  HOH R .   ? HOH A 189 . ? 4_455 ? 
71 BC3 8  HOH R .   ? HOH A 196 . ? 4_455 ? 
72 BC4 3  EDO O .   ? EDO A 11  . ? 1_555 ? 
73 BC4 3  ASP A 23  ? ASP A 41  . ? 4_555 ? 
74 BC4 3  HIS A 33  ? HIS A 51  . ? 1_555 ? 
75 BC5 10 EDO J .   ? EDO A 6   . ? 1_555 ? 
76 BC5 10 EDO N .   ? EDO A 10  . ? 1_555 ? 
77 BC5 10 ASP A 23  ? ASP A 41  . ? 4_555 ? 
78 BC5 10 GLY A 24  ? GLY A 42  . ? 4_555 ? 
79 BC5 10 HIS A 33  ? HIS A 51  . ? 1_555 ? 
80 BC5 10 SER A 35  ? SER A 53  . ? 1_555 ? 
81 BC5 10 GLN A 39  ? GLN A 57  . ? 1_555 ? 
82 BC5 10 ALA A 53  ? ALA A 71  . ? 1_655 ? 
83 BC5 10 HOH R .   ? HOH A 187 . ? 4_555 ? 
84 BC5 10 HOH R .   ? HOH A 196 . ? 4_555 ? 
85 BC6 3  TYR A 68  ? TYR A 86  . ? 1_555 ? 
86 BC6 3  LEU A 103 ? LEU A 121 . ? 1_555 ? 
87 BC6 3  SER A 107 ? SER A 125 . ? 1_555 ? 
88 BC7 6  ASP A 1   ? ASP A 19  . ? 1_555 ? 
89 BC7 6  ALA A 50  ? ALA A 68  . ? 1_555 ? 
90 BC7 6  ALA A 51  ? ALA A 69  . ? 1_555 ? 
91 BC7 6  TRP A 64  ? TRP A 82  . ? 1_555 ? 
92 BC7 6  PHE A 85  ? PHE A 103 . ? 1_555 ? 
93 BC7 6  HOH R .   ? HOH A 193 . ? 1_555 ? 
# 
_pdbx_entry_details.entry_id                   3M3G 
_pdbx_entry_details.compound_details           ? 
_pdbx_entry_details.source_details             ? 
_pdbx_entry_details.nonpolymer_details         ? 
_pdbx_entry_details.sequence_details           ? 
_pdbx_entry_details.has_ligand_of_interest     ? 
_pdbx_entry_details.has_protein_modification   Y 
# 
loop_
_pdbx_validate_torsion.id 
_pdbx_validate_torsion.PDB_model_num 
_pdbx_validate_torsion.auth_comp_id 
_pdbx_validate_torsion.auth_asym_id 
_pdbx_validate_torsion.auth_seq_id 
_pdbx_validate_torsion.PDB_ins_code 
_pdbx_validate_torsion.label_alt_id 
_pdbx_validate_torsion.phi 
_pdbx_validate_torsion.psi 
1 1 SER A 40 ? ? -88.58 -101.75 
2 1 ASP A 41 ? ? -98.46 -158.20 
# 
loop_
_chem_comp_atom.comp_id 
_chem_comp_atom.atom_id 
_chem_comp_atom.type_symbol 
_chem_comp_atom.pdbx_aromatic_flag 
_chem_comp_atom.pdbx_stereo_config 
_chem_comp_atom.pdbx_ordinal 
ALA N    N  N N 1   
ALA CA   C  N S 2   
ALA C    C  N N 3   
ALA O    O  N N 4   
ALA CB   C  N N 5   
ALA OXT  O  N N 6   
ALA H    H  N N 7   
ALA H2   H  N N 8   
ALA HA   H  N N 9   
ALA HB1  H  N N 10  
ALA HB2  H  N N 11  
ALA HB3  H  N N 12  
ALA HXT  H  N N 13  
ARG N    N  N N 14  
ARG CA   C  N S 15  
ARG C    C  N N 16  
ARG O    O  N N 17  
ARG CB   C  N N 18  
ARG CG   C  N N 19  
ARG CD   C  N N 20  
ARG NE   N  N N 21  
ARG CZ   C  N N 22  
ARG NH1  N  N N 23  
ARG NH2  N  N N 24  
ARG OXT  O  N N 25  
ARG H    H  N N 26  
ARG H2   H  N N 27  
ARG HA   H  N N 28  
ARG HB2  H  N N 29  
ARG HB3  H  N N 30  
ARG HG2  H  N N 31  
ARG HG3  H  N N 32  
ARG HD2  H  N N 33  
ARG HD3  H  N N 34  
ARG HE   H  N N 35  
ARG HH11 H  N N 36  
ARG HH12 H  N N 37  
ARG HH21 H  N N 38  
ARG HH22 H  N N 39  
ARG HXT  H  N N 40  
ASN N    N  N N 41  
ASN CA   C  N S 42  
ASN C    C  N N 43  
ASN O    O  N N 44  
ASN CB   C  N N 45  
ASN CG   C  N N 46  
ASN OD1  O  N N 47  
ASN ND2  N  N N 48  
ASN OXT  O  N N 49  
ASN H    H  N N 50  
ASN H2   H  N N 51  
ASN HA   H  N N 52  
ASN HB2  H  N N 53  
ASN HB3  H  N N 54  
ASN HD21 H  N N 55  
ASN HD22 H  N N 56  
ASN HXT  H  N N 57  
ASP N    N  N N 58  
ASP CA   C  N S 59  
ASP C    C  N N 60  
ASP O    O  N N 61  
ASP CB   C  N N 62  
ASP CG   C  N N 63  
ASP OD1  O  N N 64  
ASP OD2  O  N N 65  
ASP OXT  O  N N 66  
ASP H    H  N N 67  
ASP H2   H  N N 68  
ASP HA   H  N N 69  
ASP HB2  H  N N 70  
ASP HB3  H  N N 71  
ASP HD2  H  N N 72  
ASP HXT  H  N N 73  
BR  BR   BR N N 74  
CYS N    N  N N 75  
CYS CA   C  N R 76  
CYS C    C  N N 77  
CYS O    O  N N 78  
CYS CB   C  N N 79  
CYS SG   S  N N 80  
CYS OXT  O  N N 81  
CYS H    H  N N 82  
CYS H2   H  N N 83  
CYS HA   H  N N 84  
CYS HB2  H  N N 85  
CYS HB3  H  N N 86  
CYS HG   H  N N 87  
CYS HXT  H  N N 88  
EDO C1   C  N N 89  
EDO O1   O  N N 90  
EDO C2   C  N N 91  
EDO O2   O  N N 92  
EDO H11  H  N N 93  
EDO H12  H  N N 94  
EDO HO1  H  N N 95  
EDO H21  H  N N 96  
EDO H22  H  N N 97  
EDO HO2  H  N N 98  
GLN N    N  N N 99  
GLN CA   C  N S 100 
GLN C    C  N N 101 
GLN O    O  N N 102 
GLN CB   C  N N 103 
GLN CG   C  N N 104 
GLN CD   C  N N 105 
GLN OE1  O  N N 106 
GLN NE2  N  N N 107 
GLN OXT  O  N N 108 
GLN H    H  N N 109 
GLN H2   H  N N 110 
GLN HA   H  N N 111 
GLN HB2  H  N N 112 
GLN HB3  H  N N 113 
GLN HG2  H  N N 114 
GLN HG3  H  N N 115 
GLN HE21 H  N N 116 
GLN HE22 H  N N 117 
GLN HXT  H  N N 118 
GLU N    N  N N 119 
GLU CA   C  N S 120 
GLU C    C  N N 121 
GLU O    O  N N 122 
GLU CB   C  N N 123 
GLU CG   C  N N 124 
GLU CD   C  N N 125 
GLU OE1  O  N N 126 
GLU OE2  O  N N 127 
GLU OXT  O  N N 128 
GLU H    H  N N 129 
GLU H2   H  N N 130 
GLU HA   H  N N 131 
GLU HB2  H  N N 132 
GLU HB3  H  N N 133 
GLU HG2  H  N N 134 
GLU HG3  H  N N 135 
GLU HE2  H  N N 136 
GLU HXT  H  N N 137 
GLY N    N  N N 138 
GLY CA   C  N N 139 
GLY C    C  N N 140 
GLY O    O  N N 141 
GLY OXT  O  N N 142 
GLY H    H  N N 143 
GLY H2   H  N N 144 
GLY HA2  H  N N 145 
GLY HA3  H  N N 146 
GLY HXT  H  N N 147 
HIS N    N  N N 148 
HIS CA   C  N S 149 
HIS C    C  N N 150 
HIS O    O  N N 151 
HIS CB   C  N N 152 
HIS CG   C  Y N 153 
HIS ND1  N  Y N 154 
HIS CD2  C  Y N 155 
HIS CE1  C  Y N 156 
HIS NE2  N  Y N 157 
HIS OXT  O  N N 158 
HIS H    H  N N 159 
HIS H2   H  N N 160 
HIS HA   H  N N 161 
HIS HB2  H  N N 162 
HIS HB3  H  N N 163 
HIS HD1  H  N N 164 
HIS HD2  H  N N 165 
HIS HE1  H  N N 166 
HIS HE2  H  N N 167 
HIS HXT  H  N N 168 
HOH O    O  N N 169 
HOH H1   H  N N 170 
HOH H2   H  N N 171 
ILE N    N  N N 172 
ILE CA   C  N S 173 
ILE C    C  N N 174 
ILE O    O  N N 175 
ILE CB   C  N S 176 
ILE CG1  C  N N 177 
ILE CG2  C  N N 178 
ILE CD1  C  N N 179 
ILE OXT  O  N N 180 
ILE H    H  N N 181 
ILE H2   H  N N 182 
ILE HA   H  N N 183 
ILE HB   H  N N 184 
ILE HG12 H  N N 185 
ILE HG13 H  N N 186 
ILE HG21 H  N N 187 
ILE HG22 H  N N 188 
ILE HG23 H  N N 189 
ILE HD11 H  N N 190 
ILE HD12 H  N N 191 
ILE HD13 H  N N 192 
ILE HXT  H  N N 193 
LEU N    N  N N 194 
LEU CA   C  N S 195 
LEU C    C  N N 196 
LEU O    O  N N 197 
LEU CB   C  N N 198 
LEU CG   C  N N 199 
LEU CD1  C  N N 200 
LEU CD2  C  N N 201 
LEU OXT  O  N N 202 
LEU H    H  N N 203 
LEU H2   H  N N 204 
LEU HA   H  N N 205 
LEU HB2  H  N N 206 
LEU HB3  H  N N 207 
LEU HG   H  N N 208 
LEU HD11 H  N N 209 
LEU HD12 H  N N 210 
LEU HD13 H  N N 211 
LEU HD21 H  N N 212 
LEU HD22 H  N N 213 
LEU HD23 H  N N 214 
LEU HXT  H  N N 215 
LYS N    N  N N 216 
LYS CA   C  N S 217 
LYS C    C  N N 218 
LYS O    O  N N 219 
LYS CB   C  N N 220 
LYS CG   C  N N 221 
LYS CD   C  N N 222 
LYS CE   C  N N 223 
LYS NZ   N  N N 224 
LYS OXT  O  N N 225 
LYS H    H  N N 226 
LYS H2   H  N N 227 
LYS HA   H  N N 228 
LYS HB2  H  N N 229 
LYS HB3  H  N N 230 
LYS HG2  H  N N 231 
LYS HG3  H  N N 232 
LYS HD2  H  N N 233 
LYS HD3  H  N N 234 
LYS HE2  H  N N 235 
LYS HE3  H  N N 236 
LYS HZ1  H  N N 237 
LYS HZ2  H  N N 238 
LYS HZ3  H  N N 239 
LYS HXT  H  N N 240 
MET N    N  N N 241 
MET CA   C  N S 242 
MET C    C  N N 243 
MET O    O  N N 244 
MET CB   C  N N 245 
MET CG   C  N N 246 
MET SD   S  N N 247 
MET CE   C  N N 248 
MET OXT  O  N N 249 
MET H    H  N N 250 
MET H2   H  N N 251 
MET HA   H  N N 252 
MET HB2  H  N N 253 
MET HB3  H  N N 254 
MET HG2  H  N N 255 
MET HG3  H  N N 256 
MET HE1  H  N N 257 
MET HE2  H  N N 258 
MET HE3  H  N N 259 
MET HXT  H  N N 260 
PHE N    N  N N 261 
PHE CA   C  N S 262 
PHE C    C  N N 263 
PHE O    O  N N 264 
PHE CB   C  N N 265 
PHE CG   C  Y N 266 
PHE CD1  C  Y N 267 
PHE CD2  C  Y N 268 
PHE CE1  C  Y N 269 
PHE CE2  C  Y N 270 
PHE CZ   C  Y N 271 
PHE OXT  O  N N 272 
PHE H    H  N N 273 
PHE H2   H  N N 274 
PHE HA   H  N N 275 
PHE HB2  H  N N 276 
PHE HB3  H  N N 277 
PHE HD1  H  N N 278 
PHE HD2  H  N N 279 
PHE HE1  H  N N 280 
PHE HE2  H  N N 281 
PHE HZ   H  N N 282 
PHE HXT  H  N N 283 
PRO N    N  N N 284 
PRO CA   C  N S 285 
PRO C    C  N N 286 
PRO O    O  N N 287 
PRO CB   C  N N 288 
PRO CG   C  N N 289 
PRO CD   C  N N 290 
PRO OXT  O  N N 291 
PRO H    H  N N 292 
PRO HA   H  N N 293 
PRO HB2  H  N N 294 
PRO HB3  H  N N 295 
PRO HG2  H  N N 296 
PRO HG3  H  N N 297 
PRO HD2  H  N N 298 
PRO HD3  H  N N 299 
PRO HXT  H  N N 300 
SER N    N  N N 301 
SER CA   C  N S 302 
SER C    C  N N 303 
SER O    O  N N 304 
SER CB   C  N N 305 
SER OG   O  N N 306 
SER OXT  O  N N 307 
SER H    H  N N 308 
SER H2   H  N N 309 
SER HA   H  N N 310 
SER HB2  H  N N 311 
SER HB3  H  N N 312 
SER HG   H  N N 313 
SER HXT  H  N N 314 
THR N    N  N N 315 
THR CA   C  N S 316 
THR C    C  N N 317 
THR O    O  N N 318 
THR CB   C  N R 319 
THR OG1  O  N N 320 
THR CG2  C  N N 321 
THR OXT  O  N N 322 
THR H    H  N N 323 
THR H2   H  N N 324 
THR HA   H  N N 325 
THR HB   H  N N 326 
THR HG1  H  N N 327 
THR HG21 H  N N 328 
THR HG22 H  N N 329 
THR HG23 H  N N 330 
THR HXT  H  N N 331 
TRP N    N  N N 332 
TRP CA   C  N S 333 
TRP C    C  N N 334 
TRP O    O  N N 335 
TRP CB   C  N N 336 
TRP CG   C  Y N 337 
TRP CD1  C  Y N 338 
TRP CD2  C  Y N 339 
TRP NE1  N  Y N 340 
TRP CE2  C  Y N 341 
TRP CE3  C  Y N 342 
TRP CZ2  C  Y N 343 
TRP CZ3  C  Y N 344 
TRP CH2  C  Y N 345 
TRP OXT  O  N N 346 
TRP H    H  N N 347 
TRP H2   H  N N 348 
TRP HA   H  N N 349 
TRP HB2  H  N N 350 
TRP HB3  H  N N 351 
TRP HD1  H  N N 352 
TRP HE1  H  N N 353 
TRP HE3  H  N N 354 
TRP HZ2  H  N N 355 
TRP HZ3  H  N N 356 
TRP HH2  H  N N 357 
TRP HXT  H  N N 358 
TYR N    N  N N 359 
TYR CA   C  N S 360 
TYR C    C  N N 361 
TYR O    O  N N 362 
TYR CB   C  N N 363 
TYR CG   C  Y N 364 
TYR CD1  C  Y N 365 
TYR CD2  C  Y N 366 
TYR CE1  C  Y N 367 
TYR CE2  C  Y N 368 
TYR CZ   C  Y N 369 
TYR OH   O  N N 370 
TYR OXT  O  N N 371 
TYR H    H  N N 372 
TYR H2   H  N N 373 
TYR HA   H  N N 374 
TYR HB2  H  N N 375 
TYR HB3  H  N N 376 
TYR HD1  H  N N 377 
TYR HD2  H  N N 378 
TYR HE1  H  N N 379 
TYR HE2  H  N N 380 
TYR HH   H  N N 381 
TYR HXT  H  N N 382 
VAL N    N  N N 383 
VAL CA   C  N S 384 
VAL C    C  N N 385 
VAL O    O  N N 386 
VAL CB   C  N N 387 
VAL CG1  C  N N 388 
VAL CG2  C  N N 389 
VAL OXT  O  N N 390 
VAL H    H  N N 391 
VAL H2   H  N N 392 
VAL HA   H  N N 393 
VAL HB   H  N N 394 
VAL HG11 H  N N 395 
VAL HG12 H  N N 396 
VAL HG13 H  N N 397 
VAL HG21 H  N N 398 
VAL HG22 H  N N 399 
VAL HG23 H  N N 400 
VAL HXT  H  N N 401 
ZN  ZN   ZN N N 402 
# 
loop_
_chem_comp_bond.comp_id 
_chem_comp_bond.atom_id_1 
_chem_comp_bond.atom_id_2 
_chem_comp_bond.value_order 
_chem_comp_bond.pdbx_aromatic_flag 
_chem_comp_bond.pdbx_stereo_config 
_chem_comp_bond.pdbx_ordinal 
ALA N   CA   sing N N 1   
ALA N   H    sing N N 2   
ALA N   H2   sing N N 3   
ALA CA  C    sing N N 4   
ALA CA  CB   sing N N 5   
ALA CA  HA   sing N N 6   
ALA C   O    doub N N 7   
ALA C   OXT  sing N N 8   
ALA CB  HB1  sing N N 9   
ALA CB  HB2  sing N N 10  
ALA CB  HB3  sing N N 11  
ALA OXT HXT  sing N N 12  
ARG N   CA   sing N N 13  
ARG N   H    sing N N 14  
ARG N   H2   sing N N 15  
ARG CA  C    sing N N 16  
ARG CA  CB   sing N N 17  
ARG CA  HA   sing N N 18  
ARG C   O    doub N N 19  
ARG C   OXT  sing N N 20  
ARG CB  CG   sing N N 21  
ARG CB  HB2  sing N N 22  
ARG CB  HB3  sing N N 23  
ARG CG  CD   sing N N 24  
ARG CG  HG2  sing N N 25  
ARG CG  HG3  sing N N 26  
ARG CD  NE   sing N N 27  
ARG CD  HD2  sing N N 28  
ARG CD  HD3  sing N N 29  
ARG NE  CZ   sing N N 30  
ARG NE  HE   sing N N 31  
ARG CZ  NH1  sing N N 32  
ARG CZ  NH2  doub N N 33  
ARG NH1 HH11 sing N N 34  
ARG NH1 HH12 sing N N 35  
ARG NH2 HH21 sing N N 36  
ARG NH2 HH22 sing N N 37  
ARG OXT HXT  sing N N 38  
ASN N   CA   sing N N 39  
ASN N   H    sing N N 40  
ASN N   H2   sing N N 41  
ASN CA  C    sing N N 42  
ASN CA  CB   sing N N 43  
ASN CA  HA   sing N N 44  
ASN C   O    doub N N 45  
ASN C   OXT  sing N N 46  
ASN CB  CG   sing N N 47  
ASN CB  HB2  sing N N 48  
ASN CB  HB3  sing N N 49  
ASN CG  OD1  doub N N 50  
ASN CG  ND2  sing N N 51  
ASN ND2 HD21 sing N N 52  
ASN ND2 HD22 sing N N 53  
ASN OXT HXT  sing N N 54  
ASP N   CA   sing N N 55  
ASP N   H    sing N N 56  
ASP N   H2   sing N N 57  
ASP CA  C    sing N N 58  
ASP CA  CB   sing N N 59  
ASP CA  HA   sing N N 60  
ASP C   O    doub N N 61  
ASP C   OXT  sing N N 62  
ASP CB  CG   sing N N 63  
ASP CB  HB2  sing N N 64  
ASP CB  HB3  sing N N 65  
ASP CG  OD1  doub N N 66  
ASP CG  OD2  sing N N 67  
ASP OD2 HD2  sing N N 68  
ASP OXT HXT  sing N N 69  
CYS N   CA   sing N N 70  
CYS N   H    sing N N 71  
CYS N   H2   sing N N 72  
CYS CA  C    sing N N 73  
CYS CA  CB   sing N N 74  
CYS CA  HA   sing N N 75  
CYS C   O    doub N N 76  
CYS C   OXT  sing N N 77  
CYS CB  SG   sing N N 78  
CYS CB  HB2  sing N N 79  
CYS CB  HB3  sing N N 80  
CYS SG  HG   sing N N 81  
CYS OXT HXT  sing N N 82  
EDO C1  O1   sing N N 83  
EDO C1  C2   sing N N 84  
EDO C1  H11  sing N N 85  
EDO C1  H12  sing N N 86  
EDO O1  HO1  sing N N 87  
EDO C2  O2   sing N N 88  
EDO C2  H21  sing N N 89  
EDO C2  H22  sing N N 90  
EDO O2  HO2  sing N N 91  
GLN N   CA   sing N N 92  
GLN N   H    sing N N 93  
GLN N   H2   sing N N 94  
GLN CA  C    sing N N 95  
GLN CA  CB   sing N N 96  
GLN CA  HA   sing N N 97  
GLN C   O    doub N N 98  
GLN C   OXT  sing N N 99  
GLN CB  CG   sing N N 100 
GLN CB  HB2  sing N N 101 
GLN CB  HB3  sing N N 102 
GLN CG  CD   sing N N 103 
GLN CG  HG2  sing N N 104 
GLN CG  HG3  sing N N 105 
GLN CD  OE1  doub N N 106 
GLN CD  NE2  sing N N 107 
GLN NE2 HE21 sing N N 108 
GLN NE2 HE22 sing N N 109 
GLN OXT HXT  sing N N 110 
GLU N   CA   sing N N 111 
GLU N   H    sing N N 112 
GLU N   H2   sing N N 113 
GLU CA  C    sing N N 114 
GLU CA  CB   sing N N 115 
GLU CA  HA   sing N N 116 
GLU C   O    doub N N 117 
GLU C   OXT  sing N N 118 
GLU CB  CG   sing N N 119 
GLU CB  HB2  sing N N 120 
GLU CB  HB3  sing N N 121 
GLU CG  CD   sing N N 122 
GLU CG  HG2  sing N N 123 
GLU CG  HG3  sing N N 124 
GLU CD  OE1  doub N N 125 
GLU CD  OE2  sing N N 126 
GLU OE2 HE2  sing N N 127 
GLU OXT HXT  sing N N 128 
GLY N   CA   sing N N 129 
GLY N   H    sing N N 130 
GLY N   H2   sing N N 131 
GLY CA  C    sing N N 132 
GLY CA  HA2  sing N N 133 
GLY CA  HA3  sing N N 134 
GLY C   O    doub N N 135 
GLY C   OXT  sing N N 136 
GLY OXT HXT  sing N N 137 
HIS N   CA   sing N N 138 
HIS N   H    sing N N 139 
HIS N   H2   sing N N 140 
HIS CA  C    sing N N 141 
HIS CA  CB   sing N N 142 
HIS CA  HA   sing N N 143 
HIS C   O    doub N N 144 
HIS C   OXT  sing N N 145 
HIS CB  CG   sing N N 146 
HIS CB  HB2  sing N N 147 
HIS CB  HB3  sing N N 148 
HIS CG  ND1  sing Y N 149 
HIS CG  CD2  doub Y N 150 
HIS ND1 CE1  doub Y N 151 
HIS ND1 HD1  sing N N 152 
HIS CD2 NE2  sing Y N 153 
HIS CD2 HD2  sing N N 154 
HIS CE1 NE2  sing Y N 155 
HIS CE1 HE1  sing N N 156 
HIS NE2 HE2  sing N N 157 
HIS OXT HXT  sing N N 158 
HOH O   H1   sing N N 159 
HOH O   H2   sing N N 160 
ILE N   CA   sing N N 161 
ILE N   H    sing N N 162 
ILE N   H2   sing N N 163 
ILE CA  C    sing N N 164 
ILE CA  CB   sing N N 165 
ILE CA  HA   sing N N 166 
ILE C   O    doub N N 167 
ILE C   OXT  sing N N 168 
ILE CB  CG1  sing N N 169 
ILE CB  CG2  sing N N 170 
ILE CB  HB   sing N N 171 
ILE CG1 CD1  sing N N 172 
ILE CG1 HG12 sing N N 173 
ILE CG1 HG13 sing N N 174 
ILE CG2 HG21 sing N N 175 
ILE CG2 HG22 sing N N 176 
ILE CG2 HG23 sing N N 177 
ILE CD1 HD11 sing N N 178 
ILE CD1 HD12 sing N N 179 
ILE CD1 HD13 sing N N 180 
ILE OXT HXT  sing N N 181 
LEU N   CA   sing N N 182 
LEU N   H    sing N N 183 
LEU N   H2   sing N N 184 
LEU CA  C    sing N N 185 
LEU CA  CB   sing N N 186 
LEU CA  HA   sing N N 187 
LEU C   O    doub N N 188 
LEU C   OXT  sing N N 189 
LEU CB  CG   sing N N 190 
LEU CB  HB2  sing N N 191 
LEU CB  HB3  sing N N 192 
LEU CG  CD1  sing N N 193 
LEU CG  CD2  sing N N 194 
LEU CG  HG   sing N N 195 
LEU CD1 HD11 sing N N 196 
LEU CD1 HD12 sing N N 197 
LEU CD1 HD13 sing N N 198 
LEU CD2 HD21 sing N N 199 
LEU CD2 HD22 sing N N 200 
LEU CD2 HD23 sing N N 201 
LEU OXT HXT  sing N N 202 
LYS N   CA   sing N N 203 
LYS N   H    sing N N 204 
LYS N   H2   sing N N 205 
LYS CA  C    sing N N 206 
LYS CA  CB   sing N N 207 
LYS CA  HA   sing N N 208 
LYS C   O    doub N N 209 
LYS C   OXT  sing N N 210 
LYS CB  CG   sing N N 211 
LYS CB  HB2  sing N N 212 
LYS CB  HB3  sing N N 213 
LYS CG  CD   sing N N 214 
LYS CG  HG2  sing N N 215 
LYS CG  HG3  sing N N 216 
LYS CD  CE   sing N N 217 
LYS CD  HD2  sing N N 218 
LYS CD  HD3  sing N N 219 
LYS CE  NZ   sing N N 220 
LYS CE  HE2  sing N N 221 
LYS CE  HE3  sing N N 222 
LYS NZ  HZ1  sing N N 223 
LYS NZ  HZ2  sing N N 224 
LYS NZ  HZ3  sing N N 225 
LYS OXT HXT  sing N N 226 
MET N   CA   sing N N 227 
MET N   H    sing N N 228 
MET N   H2   sing N N 229 
MET CA  C    sing N N 230 
MET CA  CB   sing N N 231 
MET CA  HA   sing N N 232 
MET C   O    doub N N 233 
MET C   OXT  sing N N 234 
MET CB  CG   sing N N 235 
MET CB  HB2  sing N N 236 
MET CB  HB3  sing N N 237 
MET CG  SD   sing N N 238 
MET CG  HG2  sing N N 239 
MET CG  HG3  sing N N 240 
MET SD  CE   sing N N 241 
MET CE  HE1  sing N N 242 
MET CE  HE2  sing N N 243 
MET CE  HE3  sing N N 244 
MET OXT HXT  sing N N 245 
PHE N   CA   sing N N 246 
PHE N   H    sing N N 247 
PHE N   H2   sing N N 248 
PHE CA  C    sing N N 249 
PHE CA  CB   sing N N 250 
PHE CA  HA   sing N N 251 
PHE C   O    doub N N 252 
PHE C   OXT  sing N N 253 
PHE CB  CG   sing N N 254 
PHE CB  HB2  sing N N 255 
PHE CB  HB3  sing N N 256 
PHE CG  CD1  doub Y N 257 
PHE CG  CD2  sing Y N 258 
PHE CD1 CE1  sing Y N 259 
PHE CD1 HD1  sing N N 260 
PHE CD2 CE2  doub Y N 261 
PHE CD2 HD2  sing N N 262 
PHE CE1 CZ   doub Y N 263 
PHE CE1 HE1  sing N N 264 
PHE CE2 CZ   sing Y N 265 
PHE CE2 HE2  sing N N 266 
PHE CZ  HZ   sing N N 267 
PHE OXT HXT  sing N N 268 
PRO N   CA   sing N N 269 
PRO N   CD   sing N N 270 
PRO N   H    sing N N 271 
PRO CA  C    sing N N 272 
PRO CA  CB   sing N N 273 
PRO CA  HA   sing N N 274 
PRO C   O    doub N N 275 
PRO C   OXT  sing N N 276 
PRO CB  CG   sing N N 277 
PRO CB  HB2  sing N N 278 
PRO CB  HB3  sing N N 279 
PRO CG  CD   sing N N 280 
PRO CG  HG2  sing N N 281 
PRO CG  HG3  sing N N 282 
PRO CD  HD2  sing N N 283 
PRO CD  HD3  sing N N 284 
PRO OXT HXT  sing N N 285 
SER N   CA   sing N N 286 
SER N   H    sing N N 287 
SER N   H2   sing N N 288 
SER CA  C    sing N N 289 
SER CA  CB   sing N N 290 
SER CA  HA   sing N N 291 
SER C   O    doub N N 292 
SER C   OXT  sing N N 293 
SER CB  OG   sing N N 294 
SER CB  HB2  sing N N 295 
SER CB  HB3  sing N N 296 
SER OG  HG   sing N N 297 
SER OXT HXT  sing N N 298 
THR N   CA   sing N N 299 
THR N   H    sing N N 300 
THR N   H2   sing N N 301 
THR CA  C    sing N N 302 
THR CA  CB   sing N N 303 
THR CA  HA   sing N N 304 
THR C   O    doub N N 305 
THR C   OXT  sing N N 306 
THR CB  OG1  sing N N 307 
THR CB  CG2  sing N N 308 
THR CB  HB   sing N N 309 
THR OG1 HG1  sing N N 310 
THR CG2 HG21 sing N N 311 
THR CG2 HG22 sing N N 312 
THR CG2 HG23 sing N N 313 
THR OXT HXT  sing N N 314 
TRP N   CA   sing N N 315 
TRP N   H    sing N N 316 
TRP N   H2   sing N N 317 
TRP CA  C    sing N N 318 
TRP CA  CB   sing N N 319 
TRP CA  HA   sing N N 320 
TRP C   O    doub N N 321 
TRP C   OXT  sing N N 322 
TRP CB  CG   sing N N 323 
TRP CB  HB2  sing N N 324 
TRP CB  HB3  sing N N 325 
TRP CG  CD1  doub Y N 326 
TRP CG  CD2  sing Y N 327 
TRP CD1 NE1  sing Y N 328 
TRP CD1 HD1  sing N N 329 
TRP CD2 CE2  doub Y N 330 
TRP CD2 CE3  sing Y N 331 
TRP NE1 CE2  sing Y N 332 
TRP NE1 HE1  sing N N 333 
TRP CE2 CZ2  sing Y N 334 
TRP CE3 CZ3  doub Y N 335 
TRP CE3 HE3  sing N N 336 
TRP CZ2 CH2  doub Y N 337 
TRP CZ2 HZ2  sing N N 338 
TRP CZ3 CH2  sing Y N 339 
TRP CZ3 HZ3  sing N N 340 
TRP CH2 HH2  sing N N 341 
TRP OXT HXT  sing N N 342 
TYR N   CA   sing N N 343 
TYR N   H    sing N N 344 
TYR N   H2   sing N N 345 
TYR CA  C    sing N N 346 
TYR CA  CB   sing N N 347 
TYR CA  HA   sing N N 348 
TYR C   O    doub N N 349 
TYR C   OXT  sing N N 350 
TYR CB  CG   sing N N 351 
TYR CB  HB2  sing N N 352 
TYR CB  HB3  sing N N 353 
TYR CG  CD1  doub Y N 354 
TYR CG  CD2  sing Y N 355 
TYR CD1 CE1  sing Y N 356 
TYR CD1 HD1  sing N N 357 
TYR CD2 CE2  doub Y N 358 
TYR CD2 HD2  sing N N 359 
TYR CE1 CZ   doub Y N 360 
TYR CE1 HE1  sing N N 361 
TYR CE2 CZ   sing Y N 362 
TYR CE2 HE2  sing N N 363 
TYR CZ  OH   sing N N 364 
TYR OH  HH   sing N N 365 
TYR OXT HXT  sing N N 366 
VAL N   CA   sing N N 367 
VAL N   H    sing N N 368 
VAL N   H2   sing N N 369 
VAL CA  C    sing N N 370 
VAL CA  CB   sing N N 371 
VAL CA  HA   sing N N 372 
VAL C   O    doub N N 373 
VAL C   OXT  sing N N 374 
VAL CB  CG1  sing N N 375 
VAL CB  CG2  sing N N 376 
VAL CB  HB   sing N N 377 
VAL CG1 HG11 sing N N 378 
VAL CG1 HG12 sing N N 379 
VAL CG1 HG13 sing N N 380 
VAL CG2 HG21 sing N N 381 
VAL CG2 HG22 sing N N 382 
VAL CG2 HG23 sing N N 383 
VAL OXT HXT  sing N N 384 
# 
_atom_sites.entry_id                    3M3G 
_atom_sites.fract_transf_matrix[1][1]   -0.01756600 
_atom_sites.fract_transf_matrix[1][2]   -0.00167453 
_atom_sites.fract_transf_matrix[1][3]   0.03070362 
_atom_sites.fract_transf_matrix[2][1]   0.01870119 
_atom_sites.fract_transf_matrix[2][2]   0.00056101 
_atom_sites.fract_transf_matrix[2][3]   0.01072983 
_atom_sites.fract_transf_matrix[3][1]   -0.00052297 
_atom_sites.fract_transf_matrix[3][2]   0.01133346 
_atom_sites.fract_transf_matrix[3][3]   0.00031891 
_atom_sites.fract_transf_vector[1]      0.675008 
_atom_sites.fract_transf_vector[2]      0.436694 
_atom_sites.fract_transf_vector[3]      0.173683 
# 
loop_
_atom_type.symbol 
BR 
C  
N  
O  
S  
ZN 
# 
loop_
_atom_site.group_PDB 
_atom_site.id 
_atom_site.type_symbol 
_atom_site.label_atom_id 
_atom_site.label_alt_id 
_atom_site.label_comp_id 
_atom_site.label_asym_id 
_atom_site.label_entity_id 
_atom_site.label_seq_id 
_atom_site.pdbx_PDB_ins_code 
_atom_site.Cartn_x 
_atom_site.Cartn_y 
_atom_site.Cartn_z 
_atom_site.occupancy 
_atom_site.B_iso_or_equiv 
_atom_site.pdbx_formal_charge 
_atom_site.auth_seq_id 
_atom_site.auth_comp_id 
_atom_site.auth_asym_id 
_atom_site.auth_atom_id 
_atom_site.pdbx_PDB_model_num 
ATOM   1    N  N   . ASP A 1 1   ? 10.285  6.460   -8.355  1.00 14.55 ? 19  ASP A N   1 
ATOM   2    C  CA  . ASP A 1 1   ? 8.977   5.887   -8.633  1.00 11.72 ? 19  ASP A CA  1 
ATOM   3    C  C   . ASP A 1 1   ? 7.889   6.891   -8.319  1.00 12.27 ? 19  ASP A C   1 
ATOM   4    O  O   . ASP A 1 1   ? 8.006   7.670   -7.372  1.00 14.79 ? 19  ASP A O   1 
ATOM   5    C  CB  . ASP A 1 1   ? 8.784   4.622   -7.812  1.00 14.52 ? 19  ASP A CB  1 
ATOM   6    C  CG  . ASP A 1 1   ? 9.880   3.611   -8.060  1.00 17.49 ? 19  ASP A CG  1 
ATOM   7    O  OD1 . ASP A 1 1   ? 9.593   2.414   -7.893  1.00 26.13 ? 19  ASP A OD1 1 
ATOM   8    O  OD2 . ASP A 1 1   ? 11.010  4.036   -8.439  1.00 20.25 ? 19  ASP A OD2 1 
ATOM   9    N  N   . THR A 1 2   ? 6.838   6.891   -9.126  1.00 10.94 ? 20  THR A N   1 
ATOM   10   C  CA  . THR A 1 2   ? 5.744   7.827   -8.924  1.00 10.27 ? 20  THR A CA  1 
ATOM   11   C  C   . THR A 1 2   ? 4.829   7.301   -7.817  1.00 10.20 ? 20  THR A C   1 
ATOM   12   O  O   . THR A 1 2   ? 4.475   6.119   -7.794  1.00 10.40 ? 20  THR A O   1 
ATOM   13   C  CB  . THR A 1 2   ? 4.960   8.050   -10.222 1.00 12.43 ? 20  THR A CB  1 
ATOM   14   O  OG1 . THR A 1 2   ? 5.826   8.627   -11.213 1.00 15.50 ? 20  THR A OG1 1 
ATOM   15   C  CG2 . THR A 1 2   ? 3.790   8.998   -9.984  1.00 15.44 ? 20  THR A CG2 1 
ATOM   16   N  N   . VAL A 1 3   ? 4.470   8.177   -6.885  1.00 8.90  ? 21  VAL A N   1 
ATOM   17   C  CA  . VAL A 1 3   ? 3.563   7.820   -5.801  1.00 7.71  ? 21  VAL A CA  1 
ATOM   18   C  C   . VAL A 1 3   ? 2.413   8.805   -5.806  1.00 7.39  ? 21  VAL A C   1 
ATOM   19   O  O   . VAL A 1 3   ? 2.635   10.010  -5.777  1.00 8.82  ? 21  VAL A O   1 
ATOM   20   C  CB  . VAL A 1 3   ? 4.258   7.897   -4.433  1.00 7.94  ? 21  VAL A CB  1 
ATOM   21   C  CG1 . VAL A 1 3   ? 3.262   7.591   -3.317  1.00 9.03  ? 21  VAL A CG1 1 
ATOM   22   C  CG2 . VAL A 1 3   ? 5.441   6.928   -4.377  1.00 9.61  ? 21  VAL A CG2 1 
ATOM   23   N  N   . SER A 1 4   ? 1.187   8.290   -5.852  1.00 7.31  ? 22  SER A N   1 
ATOM   24   C  CA  . SER A 1 4   ? 0.005   9.128   -5.699  1.00 8.06  ? 22  SER A CA  1 
ATOM   25   C  C   . SER A 1 4   ? -0.874  8.539   -4.604  1.00 7.30  ? 22  SER A C   1 
ATOM   26   O  O   . SER A 1 4   ? -0.498  7.554   -3.971  1.00 8.05  ? 22  SER A O   1 
ATOM   27   C  CB  . SER A 1 4   ? -0.765  9.269   -7.017  1.00 9.62  ? 22  SER A CB  1 
ATOM   28   O  OG  . SER A 1 4   ? -1.758  10.281  -6.904  1.00 10.18 ? 22  SER A OG  1 
ATOM   29   N  N   . TYR A 1 5   ? -2.026  9.155   -4.363  1.00 8.41  ? 23  TYR A N   1 
ATOM   30   C  CA  . TYR A 1 5   ? -2.931  8.673   -3.330  1.00 8.55  ? 23  TYR A CA  1 
ATOM   31   C  C   . TYR A 1 5   ? -4.283  8.303   -3.904  1.00 9.68  ? 23  TYR A C   1 
ATOM   32   O  O   . TYR A 1 5   ? -4.677  8.771   -4.981  1.00 8.71  ? 23  TYR A O   1 
ATOM   33   C  CB  . TYR A 1 5   ? -3.096  9.699   -2.199  1.00 9.91  ? 23  TYR A CB  1 
ATOM   34   C  CG  . TYR A 1 5   ? -3.894  10.929  -2.571  1.00 10.16 ? 23  TYR A CG  1 
ATOM   35   C  CD1 . TYR A 1 5   ? -5.279  10.955  -2.418  1.00 11.86 ? 23  TYR A CD1 1 
ATOM   36   C  CD2 . TYR A 1 5   ? -3.269  12.069  -3.060  1.00 12.78 ? 23  TYR A CD2 1 
ATOM   37   C  CE1 . TYR A 1 5   ? -6.018  12.081  -2.757  1.00 11.63 ? 23  TYR A CE1 1 
ATOM   38   C  CE2 . TYR A 1 5   ? -4.000  13.199  -3.400  1.00 12.87 ? 23  TYR A CE2 1 
ATOM   39   C  CZ  . TYR A 1 5   ? -5.372  13.195  -3.245  1.00 16.54 ? 23  TYR A CZ  1 
ATOM   40   O  OH  . TYR A 1 5   ? -6.109  14.311  -3.576  1.00 17.10 ? 23  TYR A OH  1 
ATOM   41   N  N   . ASP A 1 6   ? -4.990  7.456   -3.168  1.00 9.08  ? 24  ASP A N   1 
ATOM   42   C  CA  . ASP A 1 6   ? -6.329  7.024   -3.536  1.00 8.39  ? 24  ASP A CA  1 
ATOM   43   C  C   . ASP A 1 6   ? -7.065  6.798   -2.220  1.00 8.48  ? 24  ASP A C   1 
ATOM   44   O  O   . ASP A 1 6   ? -6.671  5.934   -1.432  1.00 7.74  ? 24  ASP A O   1 
ATOM   45   C  CB  . ASP A 1 6   ? -6.243  5.744   -4.366  1.00 9.51  ? 24  ASP A CB  1 
ATOM   46   C  CG  . ASP A 1 6   ? -7.602  5.177   -4.746  1.00 13.28 ? 24  ASP A CG  1 
ATOM   47   O  OD1 . ASP A 1 6   ? -8.632  5.634   -4.222  1.00 13.45 ? 24  ASP A OD1 1 
ATOM   48   O  OD2 . ASP A 1 6   ? -7.636  4.247   -5.585  1.00 16.72 ? 24  ASP A OD2 1 
ATOM   49   N  N   . THR A 1 7   ? -8.100  7.598   -1.967  1.00 9.38  ? 25  THR A N   1 
ATOM   50   C  CA  . THR A 1 7   ? -8.793  7.536   -0.687  1.00 9.33  ? 25  THR A CA  1 
ATOM   51   C  C   . THR A 1 7   ? -9.519  6.199   -0.472  1.00 10.23 ? 25  THR A C   1 
ATOM   52   O  O   . THR A 1 7   ? -9.970  5.896   0.634   1.00 8.68  ? 25  THR A O   1 
ATOM   53   C  CB  . THR A 1 7   ? -9.768  8.723   -0.477  1.00 8.75  ? 25  THR A CB  1 
ATOM   54   O  OG1 . THR A 1 7   ? -10.669 8.809   -1.585  1.00 11.97 ? 25  THR A OG1 1 
ATOM   55   C  CG2 . THR A 1 7   ? -9.000  10.025  -0.354  1.00 11.53 ? 25  THR A CG2 1 
ATOM   56   N  N   . GLY A 1 8   ? -9.609  5.383   -1.517  1.00 9.88  ? 26  GLY A N   1 
ATOM   57   C  CA  . GLY A 1 8   ? -10.140 4.043   -1.348  1.00 8.60  ? 26  GLY A CA  1 
ATOM   58   C  C   . GLY A 1 8   ? -9.341  3.266   -0.311  1.00 7.78  ? 26  GLY A C   1 
ATOM   59   O  O   . GLY A 1 8   ? -9.892  2.439   0.432   1.00 9.10  ? 26  GLY A O   1 
ATOM   60   N  N   . TYR A 1 9   ? -8.036  3.519   -0.253  1.00 6.62  ? 27  TYR A N   1 
ATOM   61   C  CA  . TYR A 1 9   ? -7.173  2.819   0.707   1.00 6.99  ? 27  TYR A CA  1 
ATOM   62   C  C   . TYR A 1 9   ? -7.310  3.340   2.133   1.00 6.63  ? 27  TYR A C   1 
ATOM   63   O  O   . TYR A 1 9   ? -6.767  2.739   3.048   1.00 7.67  ? 27  TYR A O   1 
ATOM   64   C  CB  . TYR A 1 9   ? -5.700  2.825   0.257   1.00 6.97  ? 27  TYR A CB  1 
ATOM   65   C  CG  . TYR A 1 9   ? -5.500  2.181   -1.100  1.00 7.03  ? 27  TYR A CG  1 
ATOM   66   C  CD1 . TYR A 1 9   ? -5.828  0.844   -1.310  1.00 8.50  ? 27  TYR A CD1 1 
ATOM   67   C  CD2 . TYR A 1 9   ? -4.992  2.907   -2.170  1.00 8.96  ? 27  TYR A CD2 1 
ATOM   68   C  CE1 . TYR A 1 9   ? -5.665  0.252   -2.555  1.00 9.65  ? 27  TYR A CE1 1 
ATOM   69   C  CE2 . TYR A 1 9   ? -4.812  2.326   -3.407  1.00 8.63  ? 27  TYR A CE2 1 
ATOM   70   C  CZ  . TYR A 1 9   ? -5.150  1.001   -3.599  1.00 9.63  ? 27  TYR A CZ  1 
ATOM   71   O  OH  . TYR A 1 9   ? -4.983  0.436   -4.843  1.00 11.25 ? 27  TYR A OH  1 
ATOM   72   N  N   . ASP A 1 10  ? -8.032  4.453   2.312   1.00 6.49  ? 28  ASP A N   1 
ATOM   73   C  CA  . ASP A 1 10  ? -8.303  4.995   3.651   1.00 7.06  ? 28  ASP A CA  1 
ATOM   74   C  C   . ASP A 1 10  ? -9.567  4.424   4.284   1.00 8.99  ? 28  ASP A C   1 
ATOM   75   O  O   . ASP A 1 10  ? -9.885  4.740   5.430   1.00 10.07 ? 28  ASP A O   1 
ATOM   76   C  CB  . ASP A 1 10  ? -8.433  6.516   3.609   1.00 7.81  ? 28  ASP A CB  1 
ATOM   77   C  CG  . ASP A 1 10  ? -7.153  7.194   3.193   1.00 8.35  ? 28  ASP A CG  1 
ATOM   78   O  OD1 . ASP A 1 10  ? -6.390  7.632   4.081   1.00 10.35 ? 28  ASP A OD1 1 
ATOM   79   O  OD2 . ASP A 1 10  ? -6.910  7.284   1.969   1.00 9.67  ? 28  ASP A OD2 1 
ATOM   80   N  N   . ASN A 1 11  ? -10.289 3.592   3.537   1.00 8.73  ? 29  ASN A N   1 
ATOM   81   C  CA  . ASN A 1 11  ? -11.557 3.052   4.012   1.00 9.82  ? 29  ASN A CA  1 
ATOM   82   C  C   . ASN A 1 11  ? -11.362 1.722   4.743   1.00 7.69  ? 29  ASN A C   1 
ATOM   83   O  O   . ASN A 1 11  ? -11.186 0.677   4.119   1.00 7.70  ? 29  ASN A O   1 
ATOM   84   C  CB  . ASN A 1 11  ? -12.508 2.890   2.827   1.00 9.62  ? 29  ASN A CB  1 
ATOM   85   C  CG  . ASN A 1 11  ? -13.849 2.322   3.224   1.00 15.04 ? 29  ASN A CG  1 
ATOM   86   O  OD1 . ASN A 1 11  ? -14.151 2.169   4.409   1.00 12.86 ? 29  ASN A OD1 1 
ATOM   87   N  ND2 . ASN A 1 11  ? -14.663 1.990   2.225   1.00 17.03 ? 29  ASN A ND2 1 
ATOM   88   N  N   . GLY A 1 12  ? -11.395 1.765   6.071   1.00 8.42  ? 30  GLY A N   1 
ATOM   89   C  CA  . GLY A 1 12  ? -11.218 0.556   6.855   1.00 8.58  ? 30  GLY A CA  1 
ATOM   90   C  C   . GLY A 1 12  ? -12.239 -0.540  6.587   1.00 6.96  ? 30  GLY A C   1 
ATOM   91   O  O   . GLY A 1 12  ? -11.946 -1.723  6.781   1.00 8.00  ? 30  GLY A O   1 
ATOM   92   N  N   . SER A 1 13  ? -13.442 -0.157  6.173   1.00 7.55  ? 31  SER A N   1 
ATOM   93   C  CA  . SER A 1 13  ? -14.507 -1.130  5.963   1.00 8.82  ? 31  SER A CA  1 
ATOM   94   C  C   . SER A 1 13  ? -14.481 -1.760  4.573   1.00 7.19  ? 31  SER A C   1 
ATOM   95   O  O   . SER A 1 13  ? -15.304 -2.625  4.263   1.00 10.01 ? 31  SER A O   1 
ATOM   96   C  CB  . SER A 1 13  ? -15.884 -0.509  6.225   1.00 7.51  ? 31  SER A CB  1 
ATOM   97   O  OG  . SER A 1 13  ? -16.191 0.480   5.259   1.00 10.08 ? 31  SER A OG  1 
ATOM   98   N  N   . ARG A 1 14  ? -13.534 -1.345  3.735   1.00 7.25  ? 32  ARG A N   1 
ATOM   99   C  CA  . ARG A 1 14  ? -13.472 -1.898  2.385   1.00 7.36  ? 32  ARG A CA  1 
ATOM   100  C  C   . ARG A 1 14  ? -13.058 -3.359  2.411   1.00 7.92  ? 32  ARG A C   1 
ATOM   101  O  O   . ARG A 1 14  ? -12.040 -3.706  3.004   1.00 7.71  ? 32  ARG A O   1 
ATOM   102  C  CB  . ARG A 1 14  ? -12.486 -1.103  1.537   1.00 8.09  ? 32  ARG A CB  1 
ATOM   103  C  CG  . ARG A 1 14  ? -12.404 -1.557  0.094   1.00 10.29 ? 32  ARG A CG  1 
ATOM   104  C  CD  . ARG A 1 14  ? -11.206 -0.892  -0.543  1.00 15.04 ? 32  ARG A CD  1 
ATOM   105  N  NE  . ARG A 1 14  ? -11.288 -0.891  -1.990  1.00 21.20 ? 32  ARG A NE  1 
ATOM   106  C  CZ  . ARG A 1 14  ? -10.339 -0.400  -2.773  1.00 20.72 ? 32  ARG A CZ  1 
ATOM   107  N  NH1 . ARG A 1 14  ? -9.235  0.106   -2.228  1.00 13.59 ? 32  ARG A NH1 1 
ATOM   108  N  NH2 . ARG A 1 14  ? -10.488 -0.430  -4.092  1.00 22.66 ? 32  ARG A NH2 1 
ATOM   109  N  N   . SER A 1 15  ? -13.865 -4.202  1.768   1.00 8.07  ? 33  SER A N   1 
ATOM   110  C  CA  . SER A 1 15  ? -13.590 -5.630  1.649   1.00 8.47  ? 33  SER A CA  1 
ATOM   111  C  C   . SER A 1 15  ? -12.303 -5.863  0.868   1.00 7.15  ? 33  SER A C   1 
ATOM   112  O  O   . SER A 1 15  ? -12.064 -5.202  -0.156  1.00 7.39  ? 33  SER A O   1 
ATOM   113  C  CB  . SER A 1 15  ? -14.743 -6.310  0.909   1.00 9.18  ? 33  SER A CB  1 
ATOM   114  O  OG  . SER A 1 15  ? -14.437 -7.666  0.632   1.00 10.34 ? 33  SER A OG  1 
ATOM   115  N  N   . LEU A 1 16  ? -11.482 -6.811  1.327   1.00 7.02  ? 34  LEU A N   1 
ATOM   116  C  CA  . LEU A 1 16  ? -10.285 -7.189  0.567   1.00 7.77  ? 34  LEU A CA  1 
ATOM   117  C  C   . LEU A 1 16  ? -10.664 -7.849  -0.765  1.00 8.10  ? 34  LEU A C   1 
ATOM   118  O  O   . LEU A 1 16  ? -9.825  -7.981  -1.651  1.00 9.98  ? 34  LEU A O   1 
ATOM   119  C  CB  . LEU A 1 16  ? -9.341  -8.072  1.390   1.00 8.84  ? 34  LEU A CB  1 
ATOM   120  C  CG  . LEU A 1 16  ? -8.664  -7.358  2.563   1.00 8.95  ? 34  LEU A CG  1 
ATOM   121  C  CD1 . LEU A 1 16  ? -7.672  -8.273  3.284   1.00 12.94 ? 34  LEU A CD1 1 
ATOM   122  C  CD2 . LEU A 1 16  ? -7.968  -6.098  2.077   1.00 9.57  ? 34  LEU A CD2 1 
ATOM   123  N  N   . ASN A 1 17  ? -11.930 -8.224  -0.920  1.00 7.83  ? 35  ASN A N   1 
ATOM   124  C  CA  . ASN A 1 17  ? -12.397 -8.723  -2.211  1.00 11.08 ? 35  ASN A CA  1 
ATOM   125  C  C   . ASN A 1 17  ? -12.266 -7.661  -3.289  1.00 10.30 ? 35  ASN A C   1 
ATOM   126  O  O   . ASN A 1 17  ? -12.237 -7.977  -4.482  1.00 13.82 ? 35  ASN A O   1 
ATOM   127  C  CB  . ASN A 1 17  ? -13.857 -9.173  -2.142  1.00 12.79 ? 35  ASN A CB  1 
ATOM   128  C  CG  . ASN A 1 17  ? -14.042 -10.434 -1.338  1.00 20.70 ? 35  ASN A CG  1 
ATOM   129  O  OD1 . ASN A 1 17  ? -13.079 -11.122 -1.004  1.00 27.38 ? 35  ASN A OD1 1 
ATOM   130  N  ND2 . ASN A 1 17  ? -15.294 -10.753 -1.025  1.00 29.29 ? 35  ASN A ND2 1 
ATOM   131  N  N   . ASP A 1 18  ? -12.193 -6.402  -2.871  1.00 10.70 ? 36  ASP A N   1 
ATOM   132  C  CA  . ASP A 1 18  ? -12.157 -5.282  -3.800  1.00 13.15 ? 36  ASP A CA  1 
ATOM   133  C  C   . ASP A 1 18  ? -10.749 -4.819  -4.160  1.00 11.01 ? 36  ASP A C   1 
ATOM   134  O  O   . ASP A 1 18  ? -10.591 -3.821  -4.859  1.00 15.09 ? 36  ASP A O   1 
ATOM   135  C  CB  . ASP A 1 18  ? -12.951 -4.112  -3.234  1.00 14.66 ? 36  ASP A CB  1 
ATOM   136  C  CG  . ASP A 1 18  ? -14.421 -4.416  -3.143  1.00 18.65 ? 36  ASP A CG  1 
ATOM   137  O  OD1 . ASP A 1 18  ? -14.846 -5.427  -3.741  1.00 28.17 ? 36  ASP A OD1 1 
ATOM   138  O  OD2 . ASP A 1 18  ? -15.151 -3.647  -2.487  1.00 33.38 ? 36  ASP A OD2 1 
ATOM   139  N  N   . VAL A 1 19  ? -9.736  -5.514  -3.660  1.00 9.40  ? 37  VAL A N   1 
ATOM   140  C  CA  . VAL A 1 19  ? -8.359  -5.288  -4.109  1.00 7.76  ? 37  VAL A CA  1 
ATOM   141  C  C   . VAL A 1 19  ? -7.797  -6.598  -4.668  1.00 9.14  ? 37  VAL A C   1 
ATOM   142  O  O   . VAL A 1 19  ? -8.399  -7.664  -4.493  1.00 8.77  ? 37  VAL A O   1 
ATOM   143  C  CB  . VAL A 1 19  ? -7.450  -4.750  -2.986  1.00 9.52  ? 37  VAL A CB  1 
ATOM   144  C  CG1 . VAL A 1 19  ? -7.908  -3.356  -2.582  1.00 10.31 ? 37  VAL A CG1 1 
ATOM   145  C  CG2 . VAL A 1 19  ? -7.447  -5.711  -1.790  1.00 9.96  ? 37  VAL A CG2 1 
ATOM   146  N  N   . SER A 1 20  ? -6.655  -6.534  -5.349  1.00 6.67  ? 38  SER A N   1 
ATOM   147  C  CA  . SER A 1 20  ? -6.105  -7.737  -5.979  1.00 8.16  ? 38  SER A CA  1 
ATOM   148  C  C   . SER A 1 20  ? -5.790  -8.842  -4.973  1.00 7.93  ? 38  SER A C   1 
ATOM   149  O  O   . SER A 1 20  ? -5.998  -10.020 -5.246  1.00 9.23  ? 38  SER A O   1 
ATOM   150  C  CB  . SER A 1 20  ? -4.846  -7.407  -6.780  1.00 9.41  ? 38  SER A CB  1 
ATOM   151  O  OG  . SER A 1 20  ? -5.140  -6.471  -7.794  1.00 8.67  ? 38  SER A OG  1 
ATOM   152  N  N   . CYS A 1 21  ? -5.289  -8.461  -3.804  1.00 7.64  ? 39  CYS A N   1 
ATOM   153  C  CA  . CYS A 1 21  ? -4.728  -9.433  -2.876  1.00 6.76  ? 39  CYS A CA  1 
ATOM   154  C  C   . CYS A 1 21  ? -5.770  -10.007 -1.918  1.00 8.09  ? 39  CYS A C   1 
ATOM   155  O  O   . CYS A 1 21  ? -5.630  -9.931  -0.703  1.00 8.41  ? 39  CYS A O   1 
ATOM   156  C  CB  . CYS A 1 21  ? -3.550  -8.800  -2.146  1.00 7.39  ? 39  CYS A CB  1 
ATOM   157  S  SG  . CYS A 1 21  ? -2.272  -8.256  -3.329  1.00 8.90  ? 39  CYS A SG  1 
ATOM   158  N  N   . SER A 1 22  ? -6.813  -10.585 -2.508  1.00 7.06  ? 40  SER A N   1 
ATOM   159  C  CA  . SER A 1 22  ? -7.958  -11.114 -1.773  1.00 8.09  ? 40  SER A CA  1 
ATOM   160  C  C   . SER A 1 22  ? -7.727  -12.569 -1.368  1.00 9.17  ? 40  SER A C   1 
ATOM   161  O  O   . SER A 1 22  ? -7.009  -12.846 -0.403  1.00 8.35  ? 40  SER A O   1 
ATOM   162  C  CB  . SER A 1 22  ? -9.220  -10.998 -2.635  1.00 10.46 ? 40  SER A CB  1 
ATOM   163  O  OG  . SER A 1 22  ? -9.000  -11.548 -3.934  1.00 9.69  ? 40  SER A OG  1 
ATOM   164  N  N   . ASP A 1 23  ? -8.335  -13.494 -2.108  1.00 10.75 ? 41  ASP A N   1 
ATOM   165  C  CA  . ASP A 1 23  ? -8.130  -14.920 -1.876  1.00 9.02  ? 41  ASP A CA  1 
ATOM   166  C  C   . ASP A 1 23  ? -7.101  -15.515 -2.840  1.00 9.87  ? 41  ASP A C   1 
ATOM   167  O  O   . ASP A 1 23  ? -6.266  -14.784 -3.378  1.00 9.82  ? 41  ASP A O   1 
ATOM   168  C  CB  . ASP A 1 23  ? -9.466  -15.674 -1.859  1.00 10.45 ? 41  ASP A CB  1 
ATOM   169  C  CG  . ASP A 1 23  ? -10.214 -15.589 -3.171  1.00 15.64 ? 41  ASP A CG  1 
ATOM   170  O  OD1 . ASP A 1 23  ? -9.834  -14.801 -4.063  1.00 12.63 ? 41  ASP A OD1 1 
ATOM   171  O  OD2 . ASP A 1 23  ? -11.193 -16.344 -3.322  1.00 20.89 ? 41  ASP A OD2 1 
ATOM   172  N  N   . GLY A 1 24  ? -7.133  -16.828 -3.049  1.00 9.75  ? 42  GLY A N   1 
ATOM   173  C  CA  . GLY A 1 24  ? -6.052  -17.488 -3.762  1.00 9.48  ? 42  GLY A CA  1 
ATOM   174  C  C   . GLY A 1 24  ? -4.896  -17.721 -2.804  1.00 9.46  ? 42  GLY A C   1 
ATOM   175  O  O   . GLY A 1 24  ? -4.845  -17.109 -1.737  1.00 9.37  ? 42  GLY A O   1 
ATOM   176  N  N   . PRO A 1 25  ? -3.955  -18.602 -3.171  1.00 10.06 ? 43  PRO A N   1 
ATOM   177  C  CA  . PRO A 1 25  ? -2.865  -18.938 -2.249  1.00 9.81  ? 43  PRO A CA  1 
ATOM   178  C  C   . PRO A 1 25  ? -2.043  -17.728 -1.803  1.00 10.16 ? 43  PRO A C   1 
ATOM   179  O  O   . PRO A 1 25  ? -1.564  -17.713 -0.666  1.00 11.69 ? 43  PRO A O   1 
ATOM   180  C  CB  . PRO A 1 25  ? -1.992  -19.902 -3.066  1.00 13.45 ? 43  PRO A CB  1 
ATOM   181  C  CG  . PRO A 1 25  ? -2.903  -20.469 -4.085  1.00 14.17 ? 43  PRO A CG  1 
ATOM   182  C  CD  . PRO A 1 25  ? -3.904  -19.398 -4.411  1.00 10.62 ? 43  PRO A CD  1 
ATOM   183  N  N   . ASN A 1 26  ? -1.881  -16.739 -2.680  1.00 8.62  ? 44  ASN A N   1 
ATOM   184  C  CA  . ASN A 1 26  ? -1.055  -15.576 -2.370  1.00 10.14 ? 44  ASN A CA  1 
ATOM   185  C  C   . ASN A 1 26  ? -1.840  -14.418 -1.771  1.00 9.11  ? 44  ASN A C   1 
ATOM   186  O  O   . ASN A 1 26  ? -1.252  -13.425 -1.355  1.00 9.30  ? 44  ASN A O   1 
ATOM   187  C  CB  . ASN A 1 26  ? -0.278  -15.113 -3.606  1.00 7.80  ? 44  ASN A CB  1 
ATOM   188  C  CG  . ASN A 1 26  ? 0.804   -16.099 -4.007  1.00 8.54  ? 44  ASN A CG  1 
ATOM   189  O  OD1 . ASN A 1 26  ? 1.460   -16.690 -3.151  1.00 15.41 ? 44  ASN A OD1 1 
ATOM   190  N  ND2 . ASN A 1 26  ? 0.992   -16.284 -5.303  1.00 11.82 ? 44  ASN A ND2 1 
ATOM   191  N  N   . GLY A 1 27  ? -3.160  -14.559 -1.710  1.00 8.81  ? 45  GLY A N   1 
ATOM   192  C  CA  . GLY A 1 27  ? -4.024  -13.513 -1.186  1.00 7.63  ? 45  GLY A CA  1 
ATOM   193  C  C   . GLY A 1 27  ? -3.899  -13.311 0.317   1.00 7.78  ? 45  GLY A C   1 
ATOM   194  O  O   . GLY A 1 27  ? -3.522  -14.224 1.055   1.00 9.74  ? 45  GLY A O   1 
ATOM   195  N  N   . LEU A 1 28  ? -4.225  -12.108 0.778   1.00 8.01  ? 46  LEU A N   1 
ATOM   196  C  CA  . LEU A 1 28  ? -4.095  -11.781 2.195   1.00 7.87  ? 46  LEU A CA  1 
ATOM   197  C  C   . LEU A 1 28  ? -5.221  -12.385 3.037   1.00 8.47  ? 46  LEU A C   1 
ATOM   198  O  O   . LEU A 1 28  ? -5.039  -12.638 4.232   1.00 9.98  ? 46  LEU A O   1 
ATOM   199  C  CB  . LEU A 1 28  ? -4.042  -10.265 2.387   1.00 10.25 ? 46  LEU A CB  1 
ATOM   200  C  CG  . LEU A 1 28  ? -2.910  -9.600  1.603   1.00 11.62 ? 46  LEU A CG  1 
ATOM   201  C  CD1 . LEU A 1 28  ? -3.035  -8.085  1.690   1.00 15.24 ? 46  LEU A CD1 1 
ATOM   202  C  CD2 . LEU A 1 28  ? -1.537  -10.073 2.099   1.00 15.21 ? 46  LEU A CD2 1 
ATOM   203  N  N   . GLU A 1 29  ? -6.382  -12.609 2.431   1.00 7.75  ? 47  GLU A N   1 
ATOM   204  C  CA  . GLU A 1 29  ? -7.440  -13.342 3.124   1.00 10.10 ? 47  GLU A CA  1 
ATOM   205  C  C   . GLU A 1 29  ? -6.937  -14.735 3.473   1.00 8.54  ? 47  GLU A C   1 
ATOM   206  O  O   . GLU A 1 29  ? -7.071  -15.201 4.604   1.00 9.63  ? 47  GLU A O   1 
ATOM   207  C  CB  . GLU A 1 29  ? -8.705  -13.436 2.260   1.00 9.19  ? 47  GLU A CB  1 
ATOM   208  C  CG  . GLU A 1 29  ? -9.320  -12.077 1.938   1.00 7.89  ? 47  GLU A CG  1 
ATOM   209  C  CD  . GLU A 1 29  ? -10.575 -12.160 1.095   1.00 13.23 ? 47  GLU A CD  1 
ATOM   210  O  OE1 . GLU A 1 29  ? -11.206 -13.235 1.041   1.00 15.58 ? 47  GLU A OE1 1 
ATOM   211  O  OE2 . GLU A 1 29  ? -10.943 -11.130 0.488   1.00 19.55 ? 47  GLU A OE2 1 
ATOM   212  N  N   . THR A 1 30  ? -6.322  -15.384 2.494   1.00 8.46  ? 48  THR A N   1 
ATOM   213  C  CA  . THR A 1 30  ? -5.843  -16.750 2.652   1.00 10.94 ? 48  THR A CA  1 
ATOM   214  C  C   . THR A 1 30  ? -4.709  -16.840 3.660   1.00 12.28 ? 48  THR A C   1 
ATOM   215  O  O   . THR A 1 30  ? -4.689  -17.730 4.521   1.00 12.98 ? 48  THR A O   1 
ATOM   216  C  CB  . THR A 1 30  ? -5.365  -17.270 1.298   1.00 8.39  ? 48  THR A CB  1 
ATOM   217  O  OG1 . THR A 1 30  ? -6.401  -17.047 0.338   1.00 11.19 ? 48  THR A OG1 1 
ATOM   218  C  CG2 . THR A 1 30  ? -5.019  -18.757 1.367   1.00 11.23 ? 48  THR A CG2 1 
ATOM   219  N  N   . ARG A 1 31  ? -3.769  -15.908 3.567   1.00 10.07 ? 49  ARG A N   1 
ATOM   220  C  CA  . ARG A 1 31  ? -2.554  -15.985 4.358   1.00 10.90 ? 49  ARG A CA  1 
ATOM   221  C  C   . ARG A 1 31  ? -2.706  -15.451 5.774   1.00 13.26 ? 49  ARG A C   1 
ATOM   222  O  O   . ARG A 1 31  ? -2.067  -15.954 6.692   1.00 13.87 ? 49  ARG A O   1 
ATOM   223  C  CB  . ARG A 1 31  ? -1.412  -15.279 3.633   1.00 12.66 ? 49  ARG A CB  1 
ATOM   224  C  CG  . ARG A 1 31  ? -0.968  -16.038 2.390   1.00 11.06 ? 49  ARG A CG  1 
ATOM   225  C  CD  . ARG A 1 31  ? -0.298  -15.119 1.418   1.00 15.32 ? 49  ARG A CD  1 
ATOM   226  N  NE  . ARG A 1 31  ? 0.900   -14.513 1.979   1.00 21.43 ? 49  ARG A NE  1 
ATOM   227  C  CZ  . ARG A 1 31  ? 1.512   -13.464 1.445   1.00 23.42 ? 49  ARG A CZ  1 
ATOM   228  N  NH1 . ARG A 1 31  ? 1.025   -12.906 0.343   1.00 16.45 ? 49  ARG A NH1 1 
ATOM   229  N  NH2 . ARG A 1 31  ? 2.605   -12.970 2.013   1.00 23.05 ? 49  ARG A NH2 1 
ATOM   230  N  N   . TYR A 1 32  ? -3.560  -14.451 5.956   1.00 10.59 ? 50  TYR A N   1 
ATOM   231  C  CA  . TYR A 1 32  ? -3.653  -13.770 7.250   1.00 13.19 ? 50  TYR A CA  1 
ATOM   232  C  C   . TYR A 1 32  ? -5.054  -13.768 7.862   1.00 13.29 ? 50  TYR A C   1 
ATOM   233  O  O   . TYR A 1 32  ? -5.232  -13.319 8.998   1.00 14.57 ? 50  TYR A O   1 
ATOM   234  C  CB  . TYR A 1 32  ? -3.120  -12.331 7.154   1.00 13.48 ? 50  TYR A CB  1 
ATOM   235  C  CG  . TYR A 1 32  ? -1.639  -12.210 6.852   1.00 13.82 ? 50  TYR A CG  1 
ATOM   236  C  CD1 . TYR A 1 32  ? -0.687  -12.424 7.843   1.00 19.54 ? 50  TYR A CD1 1 
ATOM   237  C  CD2 . TYR A 1 32  ? -1.193  -11.858 5.582   1.00 15.46 ? 50  TYR A CD2 1 
ATOM   238  C  CE1 . TYR A 1 32  ? 0.667   -12.303 7.572   1.00 21.30 ? 50  TYR A CE1 1 
ATOM   239  C  CE2 . TYR A 1 32  ? 0.152   -11.739 5.301   1.00 17.26 ? 50  TYR A CE2 1 
ATOM   240  C  CZ  . TYR A 1 32  ? 1.082   -11.963 6.301   1.00 21.93 ? 50  TYR A CZ  1 
ATOM   241  O  OH  . TYR A 1 32  ? 2.427   -11.843 6.026   1.00 24.23 ? 50  TYR A OH  1 
ATOM   242  N  N   . HIS A 1 33  ? -6.032  -14.272 7.118   1.00 11.28 ? 51  HIS A N   1 
ATOM   243  C  CA  . HIS A 1 33  ? -7.440  -14.237 7.509   1.00 13.65 ? 51  HIS A CA  1 
ATOM   244  C  C   . HIS A 1 33  ? -7.930  -12.826 7.851   1.00 11.81 ? 51  HIS A C   1 
ATOM   245  O  O   . HIS A 1 33  ? -8.661  -12.621 8.819   1.00 14.13 ? 51  HIS A O   1 
ATOM   246  C  CB  . HIS A 1 33  ? -7.737  -15.238 8.635   1.00 17.29 ? 51  HIS A CB  1 
ATOM   247  C  CG  . HIS A 1 33  ? -7.709  -16.669 8.188   1.00 16.36 ? 51  HIS A CG  1 
ATOM   248  N  ND1 . HIS A 1 33  ? -8.166  -17.705 8.975   1.00 21.08 ? 51  HIS A ND1 1 
ATOM   249  C  CD2 . HIS A 1 33  ? -7.272  -17.235 7.038   1.00 13.98 ? 51  HIS A CD2 1 
ATOM   250  C  CE1 . HIS A 1 33  ? -8.018  -18.847 8.327   1.00 18.69 ? 51  HIS A CE1 1 
ATOM   251  N  NE2 . HIS A 1 33  ? -7.472  -18.593 7.152   1.00 17.57 ? 51  HIS A NE2 1 
ATOM   252  N  N   . TRP A 1 34  ? -7.518  -11.856 7.044   1.00 10.60 ? 52  TRP A N   1 
ATOM   253  C  CA  . TRP A 1 34  ? -8.103  -10.520 7.100   1.00 9.51  ? 52  TRP A CA  1 
ATOM   254  C  C   . TRP A 1 34  ? -9.202  -10.487 6.051   1.00 9.10  ? 52  TRP A C   1 
ATOM   255  O  O   . TRP A 1 34  ? -9.059  -11.072 4.976   1.00 11.00 ? 52  TRP A O   1 
ATOM   256  C  CB  . TRP A 1 34  ? -7.077  -9.433  6.766   1.00 11.49 ? 52  TRP A CB  1 
ATOM   257  C  CG  . TRP A 1 34  ? -5.831  -9.431  7.608   1.00 10.90 ? 52  TRP A CG  1 
ATOM   258  C  CD1 . TRP A 1 34  ? -5.730  -9.712  8.938   1.00 12.77 ? 52  TRP A CD1 1 
ATOM   259  C  CD2 . TRP A 1 34  ? -4.511  -9.096  7.165   1.00 8.46  ? 52  TRP A CD2 1 
ATOM   260  N  NE1 . TRP A 1 34  ? -4.424  -9.583  9.350   1.00 13.96 ? 52  TRP A NE1 1 
ATOM   261  C  CE2 . TRP A 1 34  ? -3.656  -9.216  8.276   1.00 13.54 ? 52  TRP A CE2 1 
ATOM   262  C  CE3 . TRP A 1 34  ? -3.970  -8.710  5.933   1.00 11.93 ? 52  TRP A CE3 1 
ATOM   263  C  CZ2 . TRP A 1 34  ? -2.285  -8.958  8.193   1.00 12.15 ? 52  TRP A CZ2 1 
ATOM   264  C  CZ3 . TRP A 1 34  ? -2.604  -8.456  5.855   1.00 13.65 ? 52  TRP A CZ3 1 
ATOM   265  C  CH2 . TRP A 1 34  ? -1.781  -8.589  6.975   1.00 13.03 ? 52  TRP A CH2 1 
ATOM   266  N  N   . SER A 1 35  ? -10.294 -9.791  6.340   1.00 9.75  ? 53  SER A N   1 
ATOM   267  C  CA  . SER A 1 35  ? -11.363 -9.659  5.357   1.00 9.47  ? 53  SER A CA  1 
ATOM   268  C  C   . SER A 1 35  ? -11.604 -8.217  4.928   1.00 7.84  ? 53  SER A C   1 
ATOM   269  O  O   . SER A 1 35  ? -12.328 -7.985  3.965   1.00 8.00  ? 53  SER A O   1 
ATOM   270  C  CB  . SER A 1 35  ? -12.673 -10.301 5.839   1.00 10.91 ? 53  SER A CB  1 
ATOM   271  O  OG  . SER A 1 35  ? -13.118 -9.708  7.043   1.00 12.20 ? 53  SER A OG  1 
ATOM   272  N  N   . THR A 1 36  ? -10.993 -7.268  5.641   1.00 6.09  ? 54  THR A N   1 
ATOM   273  C  CA  . THR A 1 36  ? -11.101 -5.846  5.316   1.00 5.64  ? 54  THR A CA  1 
ATOM   274  C  C   . THR A 1 36  ? -9.766  -5.124  5.443   1.00 6.56  ? 54  THR A C   1 
ATOM   275  O  O   . THR A 1 36  ? -8.820  -5.625  6.066   1.00 6.67  ? 54  THR A O   1 
ATOM   276  C  CB  . THR A 1 36  ? -12.052 -5.111  6.270   1.00 8.44  ? 54  THR A CB  1 
ATOM   277  O  OG1 . THR A 1 36  ? -11.469 -5.097  7.575   1.00 9.09  ? 54  THR A OG1 1 
ATOM   278  C  CG2 . THR A 1 36  ? -13.413 -5.787  6.297   1.00 11.00 ? 54  THR A CG2 1 
ATOM   279  N  N   . GLN A 1 37  ? -9.704  -3.927  4.869   1.00 6.59  ? 55  GLN A N   1 
ATOM   280  C  CA  . GLN A 1 37  ? -8.513  -3.092  4.980   1.00 6.86  ? 55  GLN A CA  1 
ATOM   281  C  C   . GLN A 1 37  ? -8.227  -2.703  6.423   1.00 6.31  ? 55  GLN A C   1 
ATOM   282  O  O   . GLN A 1 37  ? -7.075  -2.701  6.839   1.00 7.58  ? 55  GLN A O   1 
ATOM   283  C  CB  . GLN A 1 37  ? -8.636  -1.845  4.094   1.00 7.33  ? 55  GLN A CB  1 
ATOM   284  C  CG  . GLN A 1 37  ? -8.577  -2.171  2.616   1.00 8.36  ? 55  GLN A CG  1 
ATOM   285  C  CD  . GLN A 1 37  ? -8.623  -0.958  1.713   1.00 8.92  ? 55  GLN A CD  1 
ATOM   286  O  OE1 . GLN A 1 37  ? -9.149  0.102   2.073   1.00 9.95  ? 55  GLN A OE1 1 
ATOM   287  N  NE2 . GLN A 1 37  ? -8.076  -1.111  0.529   1.00 7.37  ? 55  GLN A NE2 1 
ATOM   288  N  N   . GLY A 1 38  ? -9.277  -2.392  7.189   1.00 6.69  ? 56  GLY A N   1 
ATOM   289  C  CA  . GLY A 1 38  ? -9.113  -1.937  8.561   1.00 7.27  ? 56  GLY A CA  1 
ATOM   290  C  C   . GLY A 1 38  ? -8.538  -2.972  9.511   1.00 7.65  ? 56  GLY A C   1 
ATOM   291  O  O   . GLY A 1 38  ? -8.117  -2.640  10.618  1.00 8.49  ? 56  GLY A O   1 
ATOM   292  N  N   . GLN A 1 39  ? -8.534  -4.232  9.090   1.00 6.56  ? 57  GLN A N   1 
ATOM   293  C  CA  . GLN A 1 39  ? -7.953  -5.308  9.902   1.00 6.88  ? 57  GLN A CA  1 
ATOM   294  C  C   . GLN A 1 39  ? -6.446  -5.485  9.710   1.00 9.52  ? 57  GLN A C   1 
ATOM   295  O  O   . GLN A 1 39  ? -5.806  -6.241  10.451  1.00 10.16 ? 57  GLN A O   1 
ATOM   296  C  CB  . GLN A 1 39  ? -8.672  -6.630  9.619   1.00 8.19  ? 57  GLN A CB  1 
ATOM   297  C  CG  . GLN A 1 39  ? -10.107 -6.647  10.156  1.00 8.60  ? 57  GLN A CG  1 
ATOM   298  C  CD  . GLN A 1 39  ? -10.950 -7.738  9.524   1.00 8.25  ? 57  GLN A CD  1 
ATOM   299  O  OE1 . GLN A 1 39  ? -10.444 -8.573  8.766   1.00 12.52 ? 57  GLN A OE1 1 
ATOM   300  N  NE2 . GLN A 1 39  ? -12.240 -7.734  9.827   1.00 10.40 ? 57  GLN A NE2 1 
ATOM   301  N  N   . ILE A 1 40  ? -5.880  -4.805  8.716   1.00 8.21  ? 58  ILE A N   1 
ATOM   302  C  CA  . ILE A 1 40  ? -4.446  -4.908  8.451   1.00 8.68  ? 58  ILE A CA  1 
ATOM   303  C  C   . ILE A 1 40  ? -3.701  -4.141  9.546   1.00 9.59  ? 58  ILE A C   1 
ATOM   304  O  O   . ILE A 1 40  ? -4.027  -2.999  9.825   1.00 10.20 ? 58  ILE A O   1 
ATOM   305  C  CB  . ILE A 1 40  ? -4.123  -4.372  7.051   1.00 8.30  ? 58  ILE A CB  1 
ATOM   306  C  CG1 . ILE A 1 40  ? -4.887  -5.187  6.008   1.00 7.58  ? 58  ILE A CG1 1 
ATOM   307  C  CG2 . ILE A 1 40  ? -2.620  -4.402  6.798   1.00 9.71  ? 58  ILE A CG2 1 
ATOM   308  C  CD1 . ILE A 1 40  ? -4.691  -4.724  4.582   1.00 10.86 ? 58  ILE A CD1 1 
ATOM   309  N  N   . PRO A 1 41  ? -2.717  -4.780  10.204  1.00 10.60 ? 59  PRO A N   1 
ATOM   310  C  CA  . PRO A 1 41  ? -2.122  -4.208  11.426  1.00 15.39 ? 59  PRO A CA  1 
ATOM   311  C  C   . PRO A 1 41  ? -1.823  -2.697  11.435  1.00 17.53 ? 59  PRO A C   1 
ATOM   312  O  O   . PRO A 1 41  ? -2.253  -1.988  12.352  1.00 20.85 ? 59  PRO A O   1 
ATOM   313  C  CB  . PRO A 1 41  ? -0.839  -5.031  11.584  1.00 15.92 ? 59  PRO A CB  1 
ATOM   314  C  CG  . PRO A 1 41  ? -1.260  -6.396  11.115  1.00 14.31 ? 59  PRO A CG  1 
ATOM   315  C  CD  . PRO A 1 41  ? -2.237  -6.156  9.963   1.00 11.66 ? 59  PRO A CD  1 
ATOM   316  N  N   . ARG A 1 42  ? -1.099  -2.219  10.432  1.00 12.82 ? 60  ARG A N   1 
ATOM   317  C  CA  A ARG A 1 42  ? -0.713  -0.808  10.355  0.73 10.74 ? 60  ARG A CA  1 
ATOM   318  C  CA  B ARG A 1 42  ? -0.705  -0.818  10.346  0.27 10.80 ? 60  ARG A CA  1 
ATOM   319  C  C   . ARG A 1 42  ? -1.551  -0.018  9.347   1.00 10.21 ? 60  ARG A C   1 
ATOM   320  O  O   . ARG A 1 42  ? -1.099  0.992   8.806   1.00 8.96  ? 60  ARG A O   1 
ATOM   321  C  CB  A ARG A 1 42  ? 0.766   -0.680  9.988   0.73 10.17 ? 60  ARG A CB  1 
ATOM   322  C  CB  B ARG A 1 42  ? 0.786   -0.716  9.995   0.27 10.27 ? 60  ARG A CB  1 
ATOM   323  C  CG  A ARG A 1 42  ? 1.730   -1.219  11.024  0.73 12.69 ? 60  ARG A CG  1 
ATOM   324  C  CG  B ARG A 1 42  ? 1.130   -0.875  8.513   0.27 12.39 ? 60  ARG A CG  1 
ATOM   325  C  CD  A ARG A 1 42  ? 3.139   -1.281  10.442  0.73 18.28 ? 60  ARG A CD  1 
ATOM   326  C  CD  B ARG A 1 42  ? 0.182   -1.811  7.770   0.27 13.36 ? 60  ARG A CD  1 
ATOM   327  N  NE  A ARG A 1 42  ? 3.766   0.029   10.275  0.73 21.68 ? 60  ARG A NE  1 
ATOM   328  N  NE  B ARG A 1 42  ? 0.139   -3.153  8.342   0.27 14.07 ? 60  ARG A NE  1 
ATOM   329  C  CZ  A ARG A 1 42  ? 3.971   0.641   9.108   0.73 18.05 ? 60  ARG A CZ  1 
ATOM   330  C  CZ  B ARG A 1 42  ? 0.710   -4.214  7.790   0.27 11.97 ? 60  ARG A CZ  1 
ATOM   331  N  NH1 A ARG A 1 42  ? 3.598   0.079   7.955   0.73 9.41  ? 60  ARG A NH1 1 
ATOM   332  N  NH1 B ARG A 1 42  ? 1.374   -4.094  6.654   0.27 12.84 ? 60  ARG A NH1 1 
ATOM   333  N  NH2 A ARG A 1 42  ? 4.567   1.824   9.097   0.73 19.97 ? 60  ARG A NH2 1 
ATOM   334  N  NH2 B ARG A 1 42  ? 0.616   -5.398  8.378   0.27 15.82 ? 60  ARG A NH2 1 
ATOM   335  N  N   . PHE A 1 43  ? -2.773  -0.473  9.091   1.00 9.68  ? 61  PHE A N   1 
ATOM   336  C  CA  . PHE A 1 43  ? -3.702  0.317   8.290   1.00 8.80  ? 61  PHE A CA  1 
ATOM   337  C  C   . PHE A 1 43  ? -3.673  1.743   8.872   1.00 9.54  ? 61  PHE A C   1 
ATOM   338  O  O   . PHE A 1 43  ? -3.692  1.905   10.105  1.00 9.03  ? 61  PHE A O   1 
ATOM   339  C  CB  . PHE A 1 43  ? -5.106  -0.287  8.396   1.00 10.33 ? 61  PHE A CB  1 
ATOM   340  C  CG  . PHE A 1 43  ? -6.185  0.598   7.869   1.00 7.92  ? 61  PHE A CG  1 
ATOM   341  C  CD1 . PHE A 1 43  ? -6.483  0.626   6.520   1.00 7.55  ? 61  PHE A CD1 1 
ATOM   342  C  CD2 . PHE A 1 43  ? -6.900  1.411   8.731   1.00 8.49  ? 61  PHE A CD2 1 
ATOM   343  C  CE1 . PHE A 1 43  ? -7.471  1.452   6.031   1.00 8.69  ? 61  PHE A CE1 1 
ATOM   344  C  CE2 . PHE A 1 43  ? -7.906  2.240   8.249   1.00 8.76  ? 61  PHE A CE2 1 
ATOM   345  C  CZ  . PHE A 1 43  ? -8.183  2.260   6.893   1.00 9.30  ? 61  PHE A CZ  1 
ATOM   346  N  N   . PRO A 1 44  ? -3.653  2.781   8.012   1.00 8.19  ? 62  PRO A N   1 
ATOM   347  C  CA  . PRO A 1 44  ? -3.850  2.807   6.557   1.00 7.08  ? 62  PRO A CA  1 
ATOM   348  C  C   . PRO A 1 44  ? -2.563  2.841   5.723   1.00 7.51  ? 62  PRO A C   1 
ATOM   349  O  O   . PRO A 1 44  ? -2.575  3.371   4.605   1.00 7.38  ? 62  PRO A O   1 
ATOM   350  C  CB  . PRO A 1 44  ? -4.607  4.121   6.360   1.00 8.11  ? 62  PRO A CB  1 
ATOM   351  C  CG  . PRO A 1 44  ? -3.946  5.036   7.362   1.00 10.56 ? 62  PRO A CG  1 
ATOM   352  C  CD  . PRO A 1 44  ? -3.594  4.152   8.559   1.00 8.99  ? 62  PRO A CD  1 
ATOM   353  N  N   . TYR A 1 45  ? -1.473  2.284   6.240   1.00 7.08  ? 63  TYR A N   1 
ATOM   354  C  CA  . TYR A 1 45  ? -0.211  2.249   5.488   1.00 7.24  ? 63  TYR A CA  1 
ATOM   355  C  C   . TYR A 1 45  ? -0.209  1.094   4.490   1.00 8.09  ? 63  TYR A C   1 
ATOM   356  O  O   . TYR A 1 45  ? 0.554   0.136   4.609   1.00 7.29  ? 63  TYR A O   1 
ATOM   357  C  CB  . TYR A 1 45  ? 0.988   2.239   6.445   1.00 8.74  ? 63  TYR A CB  1 
ATOM   358  C  CG  . TYR A 1 45  ? 1.166   3.606   7.065   1.00 9.09  ? 63  TYR A CG  1 
ATOM   359  C  CD1 . TYR A 1 45  ? 0.506   3.953   8.240   1.00 10.21 ? 63  TYR A CD1 1 
ATOM   360  C  CD2 . TYR A 1 45  ? 1.932   4.580   6.431   1.00 9.85  ? 63  TYR A CD2 1 
ATOM   361  C  CE1 . TYR A 1 45  ? 0.648   5.217   8.791   1.00 15.21 ? 63  TYR A CE1 1 
ATOM   362  C  CE2 . TYR A 1 45  ? 2.076   5.839   6.973   1.00 10.56 ? 63  TYR A CE2 1 
ATOM   363  C  CZ  . TYR A 1 45  ? 1.429   6.156   8.140   1.00 13.64 ? 63  TYR A CZ  1 
ATOM   364  O  OH  . TYR A 1 45  ? 1.583   7.421   8.670   1.00 18.34 ? 63  TYR A OH  1 
ATOM   365  N  N   . ILE A 1 46  ? -1.101  1.222   3.511   1.00 6.29  ? 64  ILE A N   1 
ATOM   366  C  CA  . ILE A 1 46  ? -1.314  0.208   2.487   1.00 8.55  ? 64  ILE A CA  1 
ATOM   367  C  C   . ILE A 1 46  ? -1.516  0.890   1.138   1.00 5.76  ? 64  ILE A C   1 
ATOM   368  O  O   . ILE A 1 46  ? -1.764  2.090   1.067   1.00 6.89  ? 64  ILE A O   1 
ATOM   369  C  CB  . ILE A 1 46  ? -2.575  -0.635  2.785   1.00 7.48  ? 64  ILE A CB  1 
ATOM   370  C  CG1 . ILE A 1 46  ? -3.827  0.243   2.800   1.00 8.61  ? 64  ILE A CG1 1 
ATOM   371  C  CG2 . ILE A 1 46  ? -2.439  -1.353  4.121   1.00 5.82  ? 64  ILE A CG2 1 
ATOM   372  C  CD1 . ILE A 1 46  ? -5.144  -0.542  2.897   1.00 7.37  ? 64  ILE A CD1 1 
ATOM   373  N  N   . GLY A 1 47  ? -1.407  0.119   0.065   1.00 6.55  ? 65  GLY A N   1 
ATOM   374  C  CA  . GLY A 1 47  ? -1.701  0.658   -1.247  1.00 7.35  ? 65  GLY A CA  1 
ATOM   375  C  C   . GLY A 1 47  ? -1.469  -0.336  -2.360  1.00 6.09  ? 65  GLY A C   1 
ATOM   376  O  O   . GLY A 1 47  ? -1.254  -1.529  -2.115  1.00 6.79  ? 65  GLY A O   1 
ATOM   377  N  N   . GLY A 1 48  ? -1.563  0.156   -3.588  1.00 6.68  ? 66  GLY A N   1 
ATOM   378  C  CA  . GLY A 1 48  ? -1.288  -0.645  -4.767  1.00 6.86  ? 66  GLY A CA  1 
ATOM   379  C  C   . GLY A 1 48  ? 0.118   -0.387  -5.279  1.00 7.41  ? 66  GLY A C   1 
ATOM   380  O  O   . GLY A 1 48  ? 0.654   0.714   -5.114  1.00 6.74  ? 66  GLY A O   1 
ATOM   381  N  N   . ALA A 1 49  ? 0.703   -1.402  -5.912  1.00 7.49  ? 67  ALA A N   1 
ATOM   382  C  CA  . ALA A 1 49  ? 2.047   -1.315  -6.468  1.00 7.56  ? 67  ALA A CA  1 
ATOM   383  C  C   . ALA A 1 49  ? 2.101   -2.050  -7.800  1.00 8.18  ? 67  ALA A C   1 
ATOM   384  O  O   . ALA A 1 49  ? 1.419   -3.064  -7.978  1.00 7.13  ? 67  ALA A O   1 
ATOM   385  C  CB  . ALA A 1 49  ? 3.072   -1.918  -5.496  1.00 8.80  ? 67  ALA A CB  1 
ATOM   386  N  N   . ALA A 1 50  ? 2.912   -1.545  -8.732  1.00 7.25  ? 68  ALA A N   1 
ATOM   387  C  CA  . ALA A 1 50  ? 3.060   -2.214  -10.023 1.00 7.24  ? 68  ALA A CA  1 
ATOM   388  C  C   . ALA A 1 50  ? 3.560   -3.658  -9.882  1.00 7.34  ? 68  ALA A C   1 
ATOM   389  O  O   . ALA A 1 50  ? 3.269   -4.511  -10.727 1.00 7.40  ? 68  ALA A O   1 
ATOM   390  C  CB  . ALA A 1 50  ? 3.972   -1.411  -10.946 1.00 7.78  ? 68  ALA A CB  1 
ATOM   391  N  N   . ALA A 1 51  ? 4.315   -3.929  -8.819  1.00 6.42  ? 69  ALA A N   1 
ATOM   392  C  CA  . ALA A 1 51  ? 4.782   -5.287  -8.551  1.00 9.14  ? 69  ALA A CA  1 
ATOM   393  C  C   . ALA A 1 51  ? 3.623   -6.280  -8.431  1.00 8.67  ? 69  ALA A C   1 
ATOM   394  O  O   . ALA A 1 51  ? 3.783   -7.470  -8.723  1.00 9.74  ? 69  ALA A O   1 
ATOM   395  C  CB  . ALA A 1 51  ? 5.635   -5.318  -7.304  1.00 10.12 ? 69  ALA A CB  1 
ATOM   396  N  N   . VAL A 1 52  ? 2.463   -5.800  -7.992  1.00 7.10  ? 70  VAL A N   1 
ATOM   397  C  CA  . VAL A 1 52  ? 1.273   -6.651  -7.936  1.00 7.26  ? 70  VAL A CA  1 
ATOM   398  C  C   . VAL A 1 52  ? 0.562   -6.595  -9.285  1.00 7.30  ? 70  VAL A C   1 
ATOM   399  O  O   . VAL A 1 52  ? -0.142  -5.631  -9.590  1.00 8.22  ? 70  VAL A O   1 
ATOM   400  C  CB  . VAL A 1 52  ? 0.325   -6.212  -6.794  1.00 6.92  ? 70  VAL A CB  1 
ATOM   401  C  CG1 . VAL A 1 52  ? -0.997  -6.983  -6.849  1.00 10.29 ? 70  VAL A CG1 1 
ATOM   402  C  CG2 . VAL A 1 52  ? 1.005   -6.413  -5.446  1.00 8.79  ? 70  VAL A CG2 1 
ATOM   403  N  N   . ALA A 1 53  ? 0.732   -7.641  -10.093 1.00 6.89  ? 71  ALA A N   1 
ATOM   404  C  CA  . ALA A 1 53  ? 0.177   -7.651  -11.444 1.00 7.20  ? 71  ALA A CA  1 
ATOM   405  C  C   . ALA A 1 53  ? -1.339  -7.809  -11.440 1.00 7.26  ? 71  ALA A C   1 
ATOM   406  O  O   . ALA A 1 53  ? -2.016  -7.448  -12.409 1.00 8.69  ? 71  ALA A O   1 
ATOM   407  C  CB  . ALA A 1 53  ? 0.802   -8.776  -12.258 1.00 8.73  ? 71  ALA A CB  1 
ATOM   408  N  N   . GLY A 1 54  ? -1.863  -8.364  -10.352 1.00 8.47  ? 72  GLY A N   1 
ATOM   409  C  CA  . GLY A 1 54  ? -3.276  -8.668  -10.251 1.00 9.15  ? 72  GLY A CA  1 
ATOM   410  C  C   . GLY A 1 54  ? -3.530  -9.767  -9.240  1.00 9.86  ? 72  GLY A C   1 
ATOM   411  O  O   . GLY A 1 54  ? -2.714  -10.012 -8.345  1.00 8.32  ? 72  GLY A O   1 
ATOM   412  N  N   . TRP A 1 55  ? -4.677  -10.418 -9.380  1.00 8.76  ? 73  TRP A N   1 
ATOM   413  C  CA  . TRP A 1 55  ? -5.098  -11.463 -8.452  1.00 9.00  ? 73  TRP A CA  1 
ATOM   414  C  C   . TRP A 1 55  ? -4.041  -12.561 -8.281  1.00 9.75  ? 73  TRP A C   1 
ATOM   415  O  O   . TRP A 1 55  ? -3.413  -12.991 -9.249  1.00 9.86  ? 73  TRP A O   1 
ATOM   416  C  CB  . TRP A 1 55  ? -6.431  -12.070 -8.921  1.00 9.75  ? 73  TRP A CB  1 
ATOM   417  C  CG  . TRP A 1 55  ? -7.015  -13.026 -7.937  1.00 9.26  ? 73  TRP A CG  1 
ATOM   418  C  CD1 . TRP A 1 55  ? -7.658  -12.708 -6.781  1.00 9.47  ? 73  TRP A CD1 1 
ATOM   419  C  CD2 . TRP A 1 55  ? -7.011  -14.458 -8.020  1.00 9.70  ? 73  TRP A CD2 1 
ATOM   420  N  NE1 . TRP A 1 55  ? -8.040  -13.851 -6.124  1.00 10.17 ? 73  TRP A NE1 1 
ATOM   421  C  CE2 . TRP A 1 55  ? -7.670  -14.940 -6.871  1.00 9.31  ? 73  TRP A CE2 1 
ATOM   422  C  CE3 . TRP A 1 55  ? -6.518  -15.377 -8.953  1.00 10.66 ? 73  TRP A CE3 1 
ATOM   423  C  CZ2 . TRP A 1 55  ? -7.841  -16.301 -6.623  1.00 10.45 ? 73  TRP A CZ2 1 
ATOM   424  C  CZ3 . TRP A 1 55  ? -6.694  -16.733 -8.709  1.00 10.87 ? 73  TRP A CZ3 1 
ATOM   425  C  CH2 . TRP A 1 55  ? -7.351  -17.180 -7.552  1.00 10.76 ? 73  TRP A CH2 1 
ATOM   426  N  N   . ASN A 1 56  ? -3.862  -13.010 -7.039  1.00 8.89  ? 74  ASN A N   1 
ATOM   427  C  CA  . ASN A 1 56  ? -2.912  -14.071 -6.704  1.00 7.72  ? 74  ASN A CA  1 
ATOM   428  C  C   . ASN A 1 56  ? -1.441  -13.742 -6.981  1.00 9.88  ? 74  ASN A C   1 
ATOM   429  O  O   . ASN A 1 56  ? -0.600  -14.643 -7.088  1.00 10.64 ? 74  ASN A O   1 
ATOM   430  C  CB  . ASN A 1 56  ? -3.304  -15.405 -7.368  1.00 10.16 ? 74  ASN A CB  1 
ATOM   431  C  CG  . ASN A 1 56  ? -2.721  -16.597 -6.642  1.00 10.93 ? 74  ASN A CG  1 
ATOM   432  O  OD1 . ASN A 1 56  ? -2.682  -16.616 -5.421  1.00 10.84 ? 74  ASN A OD1 1 
ATOM   433  N  ND2 . ASN A 1 56  ? -2.253  -17.588 -7.387  1.00 12.83 ? 74  ASN A ND2 1 
ATOM   434  N  N   . SER A 1 57  ? -1.121  -12.450 -7.078  1.00 9.10  ? 75  SER A N   1 
ATOM   435  C  CA  . SER A 1 57  ? 0.270   -12.053 -7.256  1.00 9.05  ? 75  SER A CA  1 
ATOM   436  C  C   . SER A 1 57  ? 1.170   -12.504 -6.104  1.00 7.76  ? 75  SER A C   1 
ATOM   437  O  O   . SER A 1 57  ? 0.826   -12.349 -4.932  1.00 8.85  ? 75  SER A O   1 
ATOM   438  C  CB  . SER A 1 57  ? 0.383   -10.535 -7.396  1.00 8.02  ? 75  SER A CB  1 
ATOM   439  O  OG  . SER A 1 57  ? 1.748   -10.147 -7.378  1.00 8.96  ? 75  SER A OG  1 
ATOM   440  N  N   . ALA A 1 58  ? 2.353   -13.015 -6.434  1.00 8.35  ? 76  ALA A N   1 
ATOM   441  C  CA  . ALA A 1 58  ? 3.319   -13.365 -5.398  1.00 10.31 ? 76  ALA A CA  1 
ATOM   442  C  C   . ALA A 1 58  ? 3.848   -12.135 -4.658  1.00 12.57 ? 76  ALA A C   1 
ATOM   443  O  O   . ALA A 1 58  ? 4.436   -12.256 -3.580  1.00 13.35 ? 76  ALA A O   1 
ATOM   444  C  CB  . ALA A 1 58  ? 4.474   -14.184 -5.985  1.00 11.65 ? 76  ALA A CB  1 
ATOM   445  N  N   . SER A 1 59  ? 3.622   -10.953 -5.228  1.00 9.77  ? 77  SER A N   1 
ATOM   446  C  CA  . SER A 1 59  ? 4.017   -9.702  -4.572  1.00 9.88  ? 77  SER A CA  1 
ATOM   447  C  C   . SER A 1 59  ? 2.959   -9.170  -3.609  1.00 8.65  ? 77  SER A C   1 
ATOM   448  O  O   . SER A 1 59  ? 3.172   -8.152  -2.949  1.00 8.74  ? 77  SER A O   1 
ATOM   449  C  CB  . SER A 1 59  ? 4.363   -8.621  -5.602  1.00 10.34 ? 77  SER A CB  1 
ATOM   450  O  OG  . SER A 1 59  ? 5.500   -8.995  -6.355  1.00 12.55 ? 77  SER A OG  1 
ATOM   451  N  N   . CYS A 1 60  ? 1.813   -9.843  -3.527  1.00 8.52  ? 78  CYS A N   1 
ATOM   452  C  CA  . CYS A 1 60  ? 0.828   -9.479  -2.512  1.00 7.83  ? 78  CYS A CA  1 
ATOM   453  C  C   . CYS A 1 60  ? 1.469   -9.556  -1.133  1.00 9.30  ? 78  CYS A C   1 
ATOM   454  O  O   . CYS A 1 60  ? 2.163   -10.527 -0.816  1.00 9.82  ? 78  CYS A O   1 
ATOM   455  C  CB  . CYS A 1 60  ? -0.391  -10.401 -2.554  1.00 8.82  ? 78  CYS A CB  1 
ATOM   456  S  SG  . CYS A 1 60  ? -1.497  -10.059 -3.927  1.00 10.06 ? 78  CYS A SG  1 
ATOM   457  N  N   . GLY A 1 61  ? 1.236   -8.541  -0.311  1.00 9.36  ? 79  GLY A N   1 
ATOM   458  C  CA  . GLY A 1 61  ? 1.744   -8.576  1.047   1.00 9.10  ? 79  GLY A CA  1 
ATOM   459  C  C   . GLY A 1 61  ? 3.228   -8.287  1.173   1.00 11.48 ? 79  GLY A C   1 
ATOM   460  O  O   . GLY A 1 61  ? 3.816   -8.565  2.213   1.00 11.60 ? 79  GLY A O   1 
ATOM   461  N  N   . THR A 1 62  ? 3.842   -7.742  0.126   1.00 8.91  ? 80  THR A N   1 
ATOM   462  C  CA  . THR A 1 62  ? 5.218   -7.272  0.238   1.00 8.39  ? 80  THR A CA  1 
ATOM   463  C  C   . THR A 1 62  ? 5.233   -5.890  0.891   1.00 7.94  ? 80  THR A C   1 
ATOM   464  O  O   . THR A 1 62  ? 4.250   -5.144  0.821   1.00 7.29  ? 80  THR A O   1 
ATOM   465  C  CB  . THR A 1 62  ? 5.933   -7.227  -1.124  1.00 8.43  ? 80  THR A CB  1 
ATOM   466  O  OG1 . THR A 1 62  ? 5.097   -6.571  -2.082  1.00 8.38  ? 80  THR A OG1 1 
ATOM   467  C  CG2 . THR A 1 62  ? 6.256   -8.646  -1.603  1.00 10.47 ? 80  THR A CG2 1 
ATOM   468  N  N   . CYS A 1 63  ? 6.342   -5.574  1.548   1.00 8.52  ? 81  CYS A N   1 
ATOM   469  C  CA  . CYS A 1 63  ? 6.501   -4.317  2.260   1.00 8.36  ? 81  CYS A CA  1 
ATOM   470  C  C   . CYS A 1 63  ? 7.475   -3.413  1.515   1.00 7.74  ? 81  CYS A C   1 
ATOM   471  O  O   . CYS A 1 63  ? 8.534   -3.865  1.070   1.00 8.90  ? 81  CYS A O   1 
ATOM   472  C  CB  . CYS A 1 63  ? 7.008   -4.612  3.668   1.00 9.65  ? 81  CYS A CB  1 
ATOM   473  S  SG  . CYS A 1 63  ? 7.147   -3.203  4.791   1.00 11.62 ? 81  CYS A SG  1 
ATOM   474  N  N   . TRP A 1 64  ? 7.109   -2.138  1.384   1.00 7.90  ? 82  TRP A N   1 
ATOM   475  C  CA  . TRP A 1 64  ? 7.864   -1.180  0.580   1.00 7.44  ? 82  TRP A CA  1 
ATOM   476  C  C   . TRP A 1 64  ? 8.200   0.077   1.367   1.00 8.24  ? 82  TRP A C   1 
ATOM   477  O  O   . TRP A 1 64  ? 7.323   0.710   1.983   1.00 8.23  ? 82  TRP A O   1 
ATOM   478  C  CB  . TRP A 1 64  ? 7.083   -0.815  -0.691  1.00 9.24  ? 82  TRP A CB  1 
ATOM   479  C  CG  . TRP A 1 64  ? 6.873   -2.006  -1.550  1.00 8.82  ? 82  TRP A CG  1 
ATOM   480  C  CD1 . TRP A 1 64  ? 5.873   -2.926  -1.438  1.00 8.40  ? 82  TRP A CD1 1 
ATOM   481  C  CD2 . TRP A 1 64  ? 7.707   -2.451  -2.626  1.00 8.81  ? 82  TRP A CD2 1 
ATOM   482  N  NE1 . TRP A 1 64  ? 6.024   -3.911  -2.385  1.00 9.62  ? 82  TRP A NE1 1 
ATOM   483  C  CE2 . TRP A 1 64  ? 7.143   -3.644  -3.127  1.00 10.17 ? 82  TRP A CE2 1 
ATOM   484  C  CE3 . TRP A 1 64  ? 8.870   -1.954  -3.222  1.00 9.08  ? 82  TRP A CE3 1 
ATOM   485  C  CZ2 . TRP A 1 64  ? 7.699   -4.344  -4.197  1.00 12.74 ? 82  TRP A CZ2 1 
ATOM   486  C  CZ3 . TRP A 1 64  ? 9.424   -2.657  -4.283  1.00 12.53 ? 82  TRP A CZ3 1 
ATOM   487  C  CH2 . TRP A 1 64  ? 8.831   -3.834  -4.760  1.00 13.06 ? 82  TRP A CH2 1 
ATOM   488  N  N   . LYS A 1 65  ? 9.480   0.428   1.328   1.00 7.49  ? 83  LYS A N   1 
ATOM   489  C  CA  . LYS A 1 65  ? 9.966   1.661   1.925   1.00 8.09  ? 83  LYS A CA  1 
ATOM   490  C  C   . LYS A 1 65  ? 9.901   2.767   0.888   1.00 9.37  ? 83  LYS A C   1 
ATOM   491  O  O   . LYS A 1 65  ? 10.504  2.655   -0.179  1.00 9.44  ? 83  LYS A O   1 
ATOM   492  C  CB  . LYS A 1 65  ? 11.411  1.457   2.374   1.00 9.54  ? 83  LYS A CB  1 
ATOM   493  C  CG  . LYS A 1 65  ? 12.006  2.635   3.102   1.00 9.54  ? 83  LYS A CG  1 
ATOM   494  C  CD  . LYS A 1 65  ? 13.477  2.385   3.432   1.00 12.79 ? 83  LYS A CD  1 
ATOM   495  C  CE  . LYS A 1 65  ? 14.000  3.457   4.371   1.00 17.29 ? 83  LYS A CE  1 
ATOM   496  N  NZ  . LYS A 1 65  ? 15.452  3.291   4.655   1.00 21.75 ? 83  LYS A NZ  1 
ATOM   497  N  N   . LEU A 1 66  ? 9.153   3.825   1.192   1.00 7.12  ? 84  LEU A N   1 
ATOM   498  C  CA  . LEU A 1 66  ? 9.014   4.958   0.282   1.00 7.27  ? 84  LEU A CA  1 
ATOM   499  C  C   . LEU A 1 66  ? 9.664   6.169   0.926   1.00 8.16  ? 84  LEU A C   1 
ATOM   500  O  O   . LEU A 1 66  ? 9.366   6.490   2.078   1.00 8.26  ? 84  LEU A O   1 
ATOM   501  C  CB  . LEU A 1 66  ? 7.541   5.263   -0.003  1.00 7.01  ? 84  LEU A CB  1 
ATOM   502  C  CG  . LEU A 1 66  ? 6.747   4.094   -0.590  1.00 7.18  ? 84  LEU A CG  1 
ATOM   503  C  CD1 . LEU A 1 66  ? 5.281   4.502   -0.808  1.00 9.59  ? 84  LEU A CD1 1 
ATOM   504  C  CD2 . LEU A 1 66  ? 7.373   3.617   -1.896  1.00 10.30 ? 84  LEU A CD2 1 
ATOM   505  N  N   . GLN A 1 67  ? 10.551  6.826   0.179   1.00 7.30  ? 85  GLN A N   1 
ATOM   506  C  CA  . GLN A 1 67  ? 11.262  8.011   0.664   1.00 7.73  ? 85  GLN A CA  1 
ATOM   507  C  C   . GLN A 1 67  ? 10.994  9.223   -0.220  1.00 8.30  ? 85  GLN A C   1 
ATOM   508  O  O   . GLN A 1 67  ? 11.096  9.140   -1.437  1.00 8.32  ? 85  GLN A O   1 
ATOM   509  C  CB  . GLN A 1 67  ? 12.769  7.749   0.681   1.00 8.65  ? 85  GLN A CB  1 
ATOM   510  C  CG  . GLN A 1 67  ? 13.198  6.659   1.644   1.00 10.55 ? 85  GLN A CG  1 
ATOM   511  C  CD  . GLN A 1 67  ? 14.589  6.117   1.330   1.00 12.50 ? 85  GLN A CD  1 
ATOM   512  O  OE1 . GLN A 1 67  ? 14.855  5.645   0.221   1.00 15.82 ? 85  GLN A OE1 1 
ATOM   513  N  NE2 . GLN A 1 67  ? 15.475  6.169   2.309   1.00 14.36 ? 85  GLN A NE2 1 
ATOM   514  N  N   . TYR A 1 68  ? 10.668  10.349  0.412   1.00 7.04  ? 86  TYR A N   1 
ATOM   515  C  CA  . TYR A 1 68  ? 10.431  11.601  -0.296  1.00 8.45  ? 86  TYR A CA  1 
ATOM   516  C  C   . TYR A 1 68  ? 10.694  12.785  0.633   1.00 9.32  ? 86  TYR A C   1 
ATOM   517  O  O   . TYR A 1 68  ? 10.181  12.829  1.757   1.00 8.93  ? 86  TYR A O   1 
ATOM   518  C  CB  . TYR A 1 68  ? 8.983   11.659  -0.792  1.00 9.40  ? 86  TYR A CB  1 
ATOM   519  C  CG  . TYR A 1 68  ? 8.589   13.009  -1.357  1.00 10.67 ? 86  TYR A CG  1 
ATOM   520  C  CD1 . TYR A 1 68  ? 8.979   13.395  -2.634  1.00 10.65 ? 86  TYR A CD1 1 
ATOM   521  C  CD2 . TYR A 1 68  ? 7.824   13.896  -0.615  1.00 10.19 ? 86  TYR A CD2 1 
ATOM   522  C  CE1 . TYR A 1 68  ? 8.625   14.637  -3.149  1.00 12.82 ? 86  TYR A CE1 1 
ATOM   523  C  CE2 . TYR A 1 68  ? 7.466   15.130  -1.120  1.00 11.49 ? 86  TYR A CE2 1 
ATOM   524  C  CZ  . TYR A 1 68  ? 7.869   15.496  -2.384  1.00 13.80 ? 86  TYR A CZ  1 
ATOM   525  O  OH  . TYR A 1 68  ? 7.502   16.730  -2.876  1.00 16.23 ? 86  TYR A OH  1 
ATOM   526  N  N   . SER A 1 69  ? 11.525  13.713  0.161   1.00 9.21  ? 87  SER A N   1 
ATOM   527  C  CA  . SER A 1 69  ? 11.756  14.999  0.819   1.00 10.91 ? 87  SER A CA  1 
ATOM   528  C  C   . SER A 1 69  ? 11.983  14.878  2.321   1.00 9.81  ? 87  SER A C   1 
ATOM   529  O  O   . SER A 1 69  ? 11.360  15.588  3.113   1.00 11.69 ? 87  SER A O   1 
ATOM   530  C  CB  . SER A 1 69  ? 10.616  15.963  0.501   1.00 14.89 ? 87  SER A CB  1 
ATOM   531  O  OG  . SER A 1 69  ? 10.577  16.216  -0.896  1.00 21.17 ? 87  SER A OG  1 
ATOM   532  N  N   . GLY A 1 70  ? 12.879  13.972  2.691   1.00 10.44 ? 88  GLY A N   1 
ATOM   533  C  CA  . GLY A 1 70  ? 13.284  13.794  4.076   1.00 10.64 ? 88  GLY A CA  1 
ATOM   534  C  C   . GLY A 1 70  ? 12.451  12.819  4.893   1.00 9.55  ? 88  GLY A C   1 
ATOM   535  O  O   . GLY A 1 70  ? 12.785  12.535  6.050   1.00 9.87  ? 88  GLY A O   1 
ATOM   536  N  N   . HIS A 1 71  ? 11.381  12.303  4.292   1.00 8.85  ? 89  HIS A N   1 
ATOM   537  C  CA  . HIS A 1 71  ? 10.441  11.428  4.989   1.00 7.80  ? 89  HIS A CA  1 
ATOM   538  C  C   . HIS A 1 71  ? 10.509  9.991   4.495   1.00 7.12  ? 89  HIS A C   1 
ATOM   539  O  O   . HIS A 1 71  ? 10.832  9.730   3.331   1.00 8.79  ? 89  HIS A O   1 
ATOM   540  C  CB  . HIS A 1 71  ? 9.014   11.964  4.830   1.00 9.42  ? 89  HIS A CB  1 
ATOM   541  C  CG  . HIS A 1 71  ? 8.877   13.406  5.214   1.00 9.74  ? 89  HIS A CG  1 
ATOM   542  N  ND1 . HIS A 1 71  ? 8.181   14.318  4.454   1.00 11.56 ? 89  HIS A ND1 1 
ATOM   543  C  CD2 . HIS A 1 71  ? 9.394   14.095  6.257   1.00 10.33 ? 89  HIS A CD2 1 
ATOM   544  C  CE1 . HIS A 1 71  ? 8.251   15.508  5.029   1.00 13.59 ? 89  HIS A CE1 1 
ATOM   545  N  NE2 . HIS A 1 71  ? 8.970   15.395  6.130   1.00 10.23 ? 89  HIS A NE2 1 
ATOM   546  N  N   . THR A 1 72  ? 10.178  9.064   5.389   1.00 7.40  ? 90  THR A N   1 
ATOM   547  C  CA  . THR A 1 72  ? 10.176  7.645   5.067   1.00 7.61  ? 90  THR A CA  1 
ATOM   548  C  C   . THR A 1 72  ? 8.916   7.025   5.630   1.00 10.62 ? 90  THR A C   1 
ATOM   549  O  O   . THR A 1 72  ? 8.568   7.240   6.795   1.00 10.92 ? 90  THR A O   1 
ATOM   550  C  CB  . THR A 1 72  ? 11.377  6.947   5.711   1.00 10.82 ? 90  THR A CB  1 
ATOM   551  O  OG1 . THR A 1 72  ? 12.582  7.509   5.181   1.00 10.79 ? 90  THR A OG1 1 
ATOM   552  C  CG2 . THR A 1 72  ? 11.352  5.460   5.410   1.00 12.45 ? 90  THR A CG2 1 
ATOM   553  N  N   . ILE A 1 73  ? 8.220   6.262   4.799   1.00 8.35  ? 91  ILE A N   1 
ATOM   554  C  CA  . ILE A 1 73  ? 7.120   5.452   5.293   1.00 7.87  ? 91  ILE A CA  1 
ATOM   555  C  C   . ILE A 1 73  ? 7.283   4.038   4.779   1.00 7.31  ? 91  ILE A C   1 
ATOM   556  O  O   . ILE A 1 73  ? 8.002   3.805   3.811   1.00 8.04  ? 91  ILE A O   1 
ATOM   557  C  CB  . ILE A 1 73  ? 5.741   5.997   4.871   1.00 7.86  ? 91  ILE A CB  1 
ATOM   558  C  CG1 . ILE A 1 73  ? 5.570   5.966   3.347   1.00 8.56  ? 91  ILE A CG1 1 
ATOM   559  C  CG2 . ILE A 1 73  ? 5.517   7.405   5.434   1.00 9.02  ? 91  ILE A CG2 1 
ATOM   560  C  CD1 . ILE A 1 73  ? 4.129   6.234   2.907   1.00 8.44  ? 91  ILE A CD1 1 
ATOM   561  N  N   . TYR A 1 74  ? 6.618   3.096   5.437   1.00 7.53  ? 92  TYR A N   1 
ATOM   562  C  CA  . TYR A 1 74  ? 6.599   1.712   4.989   1.00 7.71  ? 92  TYR A CA  1 
ATOM   563  C  C   . TYR A 1 74  ? 5.163   1.347   4.693   1.00 9.44  ? 92  TYR A C   1 
ATOM   564  O  O   . TYR A 1 74  ? 4.289   1.521   5.547   1.00 8.99  ? 92  TYR A O   1 
ATOM   565  C  CB  . TYR A 1 74  ? 7.161   0.787   6.073   1.00 9.98  ? 92  TYR A CB  1 
ATOM   566  C  CG  . TYR A 1 74  ? 8.611   1.065   6.392   1.00 9.42  ? 92  TYR A CG  1 
ATOM   567  C  CD1 . TYR A 1 74  ? 9.629   0.415   5.710   1.00 10.08 ? 92  TYR A CD1 1 
ATOM   568  C  CD2 . TYR A 1 74  ? 8.957   2.001   7.356   1.00 13.50 ? 92  TYR A CD2 1 
ATOM   569  C  CE1 . TYR A 1 74  ? 10.965  0.686   5.989   1.00 11.64 ? 92  TYR A CE1 1 
ATOM   570  C  CE2 . TYR A 1 74  ? 10.281  2.277   7.644   1.00 16.13 ? 92  TYR A CE2 1 
ATOM   571  C  CZ  . TYR A 1 74  ? 11.278  1.607   6.968   1.00 15.25 ? 92  TYR A CZ  1 
ATOM   572  O  OH  . TYR A 1 74  ? 12.601  1.882   7.252   1.00 20.10 ? 92  TYR A OH  1 
ATOM   573  N  N   . VAL A 1 75  ? 4.909   0.842   3.486   1.00 7.12  ? 93  VAL A N   1 
ATOM   574  C  CA  . VAL A 1 75  ? 3.553   0.457   3.114   1.00 7.80  ? 93  VAL A CA  1 
ATOM   575  C  C   . VAL A 1 75  ? 3.466   -0.992  2.649   1.00 7.45  ? 93  VAL A C   1 
ATOM   576  O  O   . VAL A 1 75  ? 4.396   -1.519  2.033   1.00 7.28  ? 93  VAL A O   1 
ATOM   577  C  CB  . VAL A 1 75  ? 2.978   1.360   2.005   1.00 8.41  ? 93  VAL A CB  1 
ATOM   578  C  CG1 . VAL A 1 75  ? 2.855   2.808   2.483   1.00 8.11  ? 93  VAL A CG1 1 
ATOM   579  C  CG2 . VAL A 1 75  ? 3.827   1.257   0.757   1.00 10.30 ? 93  VAL A CG2 1 
ATOM   580  N  N   . LEU A 1 76  ? 2.331   -1.618  2.930   1.00 5.77  ? 94  LEU A N   1 
ATOM   581  C  CA  . LEU A 1 76  ? 2.069   -2.983  2.488   1.00 6.73  ? 94  LEU A CA  1 
ATOM   582  C  C   . LEU A 1 76  ? 1.327   -2.943  1.161   1.00 7.37  ? 94  LEU A C   1 
ATOM   583  O  O   . LEU A 1 76  ? 0.331   -2.223  1.015   1.00 7.81  ? 94  LEU A O   1 
ATOM   584  C  CB  . LEU A 1 76  ? 1.214   -3.725  3.524   1.00 7.81  ? 94  LEU A CB  1 
ATOM   585  C  CG  . LEU A 1 76  ? 1.168   -5.241  3.319   1.00 7.61  ? 94  LEU A CG  1 
ATOM   586  C  CD1 . LEU A 1 76  ? 2.482   -5.866  3.790   1.00 7.91  ? 94  LEU A CD1 1 
ATOM   587  C  CD2 . LEU A 1 76  ? -0.008  -5.872  4.058   1.00 9.14  ? 94  LEU A CD2 1 
ATOM   588  N  N   . ALA A 1 77  ? 1.827   -3.704  0.190   1.00 7.12  ? 95  ALA A N   1 
ATOM   589  C  CA  . ALA A 1 77  ? 1.187   -3.808  -1.120  1.00 6.84  ? 95  ALA A CA  1 
ATOM   590  C  C   . ALA A 1 77  ? 0.002   -4.769  -1.039  1.00 7.29  ? 95  ALA A C   1 
ATOM   591  O  O   . ALA A 1 77  ? 0.172   -5.958  -0.755  1.00 7.78  ? 95  ALA A O   1 
ATOM   592  C  CB  . ALA A 1 77  ? 2.194   -4.276  -2.169  1.00 7.39  ? 95  ALA A CB  1 
ATOM   593  N  N   . VAL A 1 78  ? -1.195  -4.249  -1.279  1.00 6.65  ? 96  VAL A N   1 
ATOM   594  C  CA  . VAL A 1 78  ? -2.415  -5.046  -1.180  1.00 7.05  ? 96  VAL A CA  1 
ATOM   595  C  C   . VAL A 1 78  ? -3.194  -5.053  -2.488  1.00 8.77  ? 96  VAL A C   1 
ATOM   596  O  O   . VAL A 1 78  ? -4.233  -5.699  -2.588  1.00 7.87  ? 96  VAL A O   1 
ATOM   597  C  CB  . VAL A 1 78  ? -3.357  -4.523  -0.064  1.00 6.95  ? 96  VAL A CB  1 
ATOM   598  C  CG1 . VAL A 1 78  ? -2.612  -4.444  1.269   1.00 7.87  ? 96  VAL A CG1 1 
ATOM   599  C  CG2 . VAL A 1 78  ? -3.961  -3.159  -0.438  1.00 8.55  ? 96  VAL A CG2 1 
ATOM   600  N  N   . ASP A 1 79  ? -2.698  -4.326  -3.490  1.00 6.98  ? 97  ASP A N   1 
ATOM   601  C  CA  . ASP A 1 79  ? -3.466  -4.102  -4.707  1.00 7.14  ? 97  ASP A CA  1 
ATOM   602  C  C   . ASP A 1 79  ? -2.533  -3.883  -5.897  1.00 6.62  ? 97  ASP A C   1 
ATOM   603  O  O   . ASP A 1 79  ? -1.357  -3.564  -5.735  1.00 7.23  ? 97  ASP A O   1 
ATOM   604  C  CB  . ASP A 1 79  ? -4.381  -2.880  -4.510  1.00 8.17  ? 97  ASP A CB  1 
ATOM   605  C  CG  . ASP A 1 79  ? -5.581  -2.833  -5.474  1.00 8.17  ? 97  ASP A CG  1 
ATOM   606  O  OD1 . ASP A 1 79  ? -5.908  -3.829  -6.161  1.00 8.21  ? 97  ASP A OD1 1 
ATOM   607  O  OD2 . ASP A 1 79  ? -6.227  -1.762  -5.522  1.00 8.52  ? 97  ASP A OD2 1 
ATOM   608  N  N   . HIS A 1 80  ? -3.094  -4.070  -7.084  1.00 6.39  ? 98  HIS A N   1 
ATOM   609  C  CA  . HIS A 1 80  ? -2.471  -3.734  -8.361  1.00 6.98  ? 98  HIS A CA  1 
ATOM   610  C  C   . HIS A 1 80  ? -2.343  -2.226  -8.551  1.00 7.47  ? 98  HIS A C   1 
ATOM   611  O  O   . HIS A 1 80  ? -3.175  -1.463  -8.069  1.00 6.68  ? 98  HIS A O   1 
ATOM   612  C  CB  . HIS A 1 80  ? -3.382  -4.340  -9.443  1.00 5.84  ? 98  HIS A CB  1 
ATOM   613  C  CG  . HIS A 1 80  ? -3.053  -3.973  -10.856 1.00 7.12  ? 98  HIS A CG  1 
ATOM   614  N  ND1 . HIS A 1 80  ? -1.851  -4.287  -11.468 1.00 7.75  ? 98  HIS A ND1 1 
ATOM   615  C  CD2 . HIS A 1 80  ? -3.821  -3.411  -11.815 1.00 8.57  ? 98  HIS A CD2 1 
ATOM   616  C  CE1 . HIS A 1 80  ? -1.888  -3.893  -12.727 1.00 7.14  ? 98  HIS A CE1 1 
ATOM   617  N  NE2 . HIS A 1 80  ? -3.070  -3.352  -12.961 1.00 7.36  ? 98  HIS A NE2 1 
ATOM   618  N  N   . ALA A 1 81  ? -1.297  -1.809  -9.259  1.00 6.75  ? 99  ALA A N   1 
ATOM   619  C  CA  . ALA A 1 81  ? -1.193  -0.450  -9.790  1.00 7.19  ? 99  ALA A CA  1 
ATOM   620  C  C   . ALA A 1 81  ? -0.554  -0.562  -11.180 1.00 7.13  ? 99  ALA A C   1 
ATOM   621  O  O   . ALA A 1 81  ? 0.289   -1.439  -11.417 1.00 8.37  ? 99  ALA A O   1 
ATOM   622  C  CB  . ALA A 1 81  ? -0.337  0.433   -8.874  1.00 7.21  ? 99  ALA A CB  1 
ATOM   623  N  N   . ALA A 1 82  ? -0.945  0.317   -12.101 1.00 5.53  ? 100 ALA A N   1 
ATOM   624  C  CA  . ALA A 1 82  ? -0.381  0.259   -13.455 1.00 7.21  ? 100 ALA A CA  1 
ATOM   625  C  C   . ALA A 1 82  ? 1.112   0.587   -13.472 1.00 8.38  ? 100 ALA A C   1 
ATOM   626  O  O   . ALA A 1 82  ? 1.878   0.032   -14.263 1.00 8.92  ? 100 ALA A O   1 
ATOM   627  C  CB  . ALA A 1 82  ? -1.133  1.186   -14.399 1.00 8.88  ? 100 ALA A CB  1 
ATOM   628  N  N   . SER A 1 83  ? 1.518   1.517   -12.619 1.00 7.48  ? 101 SER A N   1 
ATOM   629  C  CA  . SER A 1 83  ? 2.924   1.871   -12.459 1.00 9.14  ? 101 SER A CA  1 
ATOM   630  C  C   . SER A 1 83  ? 3.110   2.522   -11.096 1.00 7.71  ? 101 SER A C   1 
ATOM   631  O  O   . SER A 1 83  ? 2.172   3.114   -10.555 1.00 8.35  ? 101 SER A O   1 
ATOM   632  C  CB  . SER A 1 83  ? 3.395   2.830   -13.559 1.00 12.38 ? 101 SER A CB  1 
ATOM   633  O  OG  . SER A 1 83  ? 2.707   4.062   -13.474 1.00 14.57 ? 101 SER A OG  1 
ATOM   634  N  N   . GLY A 1 84  ? 4.305   2.409   -10.539 1.00 7.20  ? 102 GLY A N   1 
ATOM   635  C  CA  . GLY A 1 84  ? 4.593   3.051   -9.269  1.00 7.57  ? 102 GLY A CA  1 
ATOM   636  C  C   . GLY A 1 84  ? 3.662   2.567   -8.171  1.00 8.10  ? 102 GLY A C   1 
ATOM   637  O  O   . GLY A 1 84  ? 3.314   1.383   -8.109  1.00 6.85  ? 102 GLY A O   1 
ATOM   638  N  N   . PHE A 1 85  ? 3.242   3.503   -7.318  1.00 6.88  ? 103 PHE A N   1 
ATOM   639  C  CA  . PHE A 1 85  ? 2.417   3.199   -6.146  1.00 7.49  ? 103 PHE A CA  1 
ATOM   640  C  C   . PHE A 1 85  ? 1.239   4.153   -6.048  1.00 7.79  ? 103 PHE A C   1 
ATOM   641  O  O   . PHE A 1 85  ? 1.374   5.338   -6.361  1.00 7.51  ? 103 PHE A O   1 
ATOM   642  C  CB  . PHE A 1 85  ? 3.224   3.386   -4.860  1.00 8.55  ? 103 PHE A CB  1 
ATOM   643  C  CG  . PHE A 1 85  ? 4.375   2.443   -4.718  1.00 8.84  ? 103 PHE A CG  1 
ATOM   644  C  CD1 . PHE A 1 85  ? 4.271   1.326   -3.902  1.00 12.13 ? 103 PHE A CD1 1 
ATOM   645  C  CD2 . PHE A 1 85  ? 5.572   2.681   -5.380  1.00 10.35 ? 103 PHE A CD2 1 
ATOM   646  C  CE1 . PHE A 1 85  ? 5.331   0.450   -3.757  1.00 12.20 ? 103 PHE A CE1 1 
ATOM   647  C  CE2 . PHE A 1 85  ? 6.641   1.805   -5.239  1.00 14.10 ? 103 PHE A CE2 1 
ATOM   648  C  CZ  . PHE A 1 85  ? 6.518   0.687   -4.426  1.00 12.79 ? 103 PHE A CZ  1 
ATOM   649  N  N   . ASN A 1 86  ? 0.100   3.627   -5.602  1.00 6.23  ? 104 ASN A N   1 
ATOM   650  C  CA  . ASN A 1 86  ? -1.007  4.454   -5.108  1.00 5.81  ? 104 ASN A CA  1 
ATOM   651  C  C   . ASN A 1 86  ? -1.298  4.061   -3.671  1.00 6.99  ? 104 ASN A C   1 
ATOM   652  O  O   . ASN A 1 86  ? -1.575  2.899   -3.384  1.00 7.71  ? 104 ASN A O   1 
ATOM   653  C  CB  . ASN A 1 86  ? -2.272  4.264   -5.943  1.00 6.30  ? 104 ASN A CB  1 
ATOM   654  C  CG  . ASN A 1 86  ? -2.071  4.641   -7.387  1.00 12.02 ? 104 ASN A CG  1 
ATOM   655  O  OD1 . ASN A 1 86  ? -1.794  5.799   -7.709  1.00 12.19 ? 104 ASN A OD1 1 
ATOM   656  N  ND2 . ASN A 1 86  ? -2.189  3.662   -8.271  1.00 11.69 ? 104 ASN A ND2 1 
ATOM   657  N  N   . ILE A 1 87  ? -1.252  5.030   -2.767  1.00 5.68  ? 105 ILE A N   1 
ATOM   658  C  CA  . ILE A 1 87  ? -1.378  4.712   -1.354  1.00 6.17  ? 105 ILE A CA  1 
ATOM   659  C  C   . ILE A 1 87  ? -2.496  5.511   -0.687  1.00 7.09  ? 105 ILE A C   1 
ATOM   660  O  O   . ILE A 1 87  ? -3.030  6.442   -1.270  1.00 7.54  ? 105 ILE A O   1 
ATOM   661  C  CB  . ILE A 1 87  ? -0.037  4.945   -0.612  1.00 5.68  ? 105 ILE A CB  1 
ATOM   662  C  CG1 . ILE A 1 87  ? 0.364   6.425   -0.634  1.00 6.74  ? 105 ILE A CG1 1 
ATOM   663  C  CG2 . ILE A 1 87  ? 1.078   4.076   -1.202  1.00 7.60  ? 105 ILE A CG2 1 
ATOM   664  C  CD1 . ILE A 1 87  ? 1.653   6.722   0.129   1.00 8.80  ? 105 ILE A CD1 1 
ATOM   665  N  N   . ALA A 1 88  ? -2.850  5.138   0.537   1.00 5.93  ? 106 ALA A N   1 
ATOM   666  C  CA  . ALA A 1 88  ? -3.852  5.888   1.289   1.00 7.21  ? 106 ALA A CA  1 
ATOM   667  C  C   . ALA A 1 88  ? -3.452  7.354   1.388   1.00 7.51  ? 106 ALA A C   1 
ATOM   668  O  O   . ALA A 1 88  ? -2.263  7.683   1.465   1.00 7.47  ? 106 ALA A O   1 
ATOM   669  C  CB  . ALA A 1 88  ? -4.003  5.307   2.679   1.00 7.93  ? 106 ALA A CB  1 
ATOM   670  N  N   . LEU A 1 89  ? -4.449  8.229   1.392   1.00 7.50  ? 107 LEU A N   1 
ATOM   671  C  CA  . LEU A 1 89  ? -4.198  9.658   1.581   1.00 9.56  ? 107 LEU A CA  1 
ATOM   672  C  C   . LEU A 1 89  ? -3.473  9.918   2.901   1.00 8.16  ? 107 LEU A C   1 
ATOM   673  O  O   . LEU A 1 89  ? -2.560  10.743  2.962   1.00 8.91  ? 107 LEU A O   1 
ATOM   674  C  CB  . LEU A 1 89  ? -5.508  10.448  1.526   1.00 9.74  ? 107 LEU A CB  1 
ATOM   675  C  CG  . LEU A 1 89  ? -5.418  11.935  1.895   1.00 10.66 ? 107 LEU A CG  1 
ATOM   676  C  CD1 . LEU A 1 89  ? -4.414  12.681  1.027   1.00 12.01 ? 107 LEU A CD1 1 
ATOM   677  C  CD2 . LEU A 1 89  ? -6.791  12.581  1.797   1.00 13.73 ? 107 LEU A CD2 1 
ATOM   678  N  N   . ASP A 1 90  ? -3.875  9.233   3.969   1.00 8.71  ? 108 ASP A N   1 
ATOM   679  C  CA  . ASP A 1 90  ? -3.210  9.452   5.250   1.00 9.65  ? 108 ASP A CA  1 
ATOM   680  C  C   . ASP A 1 90  ? -1.731  9.118   5.141   1.00 10.59 ? 108 ASP A C   1 
ATOM   681  O  O   . ASP A 1 90  ? -0.887  9.848   5.666   1.00 9.56  ? 108 ASP A O   1 
ATOM   682  C  CB  . ASP A 1 90  ? -3.853  8.606   6.350   1.00 11.08 ? 108 ASP A CB  1 
ATOM   683  C  CG  . ASP A 1 90  ? -3.495  9.096   7.743   1.00 27.12 ? 108 ASP A CG  1 
ATOM   684  O  OD1 . ASP A 1 90  ? -3.509  10.332  7.961   1.00 26.69 ? 108 ASP A OD1 1 
ATOM   685  O  OD2 . ASP A 1 90  ? -3.215  8.250   8.621   1.00 29.16 ? 108 ASP A OD2 1 
ATOM   686  N  N   . ALA A 1 91  ? -1.422  8.014   4.459   1.00 9.83  ? 109 ALA A N   1 
ATOM   687  C  CA  . ALA A 1 91  ? -0.035  7.604   4.276   1.00 8.84  ? 109 ALA A CA  1 
ATOM   688  C  C   . ALA A 1 91  ? 0.709   8.607   3.408   1.00 8.41  ? 109 ALA A C   1 
ATOM   689  O  O   . ALA A 1 91  ? 1.865   8.937   3.683   1.00 8.59  ? 109 ALA A O   1 
ATOM   690  C  CB  . ALA A 1 91  ? 0.049   6.192   3.663   1.00 9.29  ? 109 ALA A CB  1 
ATOM   691  N  N   . MET A 1 92  ? 0.063   9.104   2.354   1.00 7.32  ? 110 MET A N   1 
ATOM   692  C  CA  . MET A 1 92  ? 0.749   10.088  1.515   1.00 9.01  ? 110 MET A CA  1 
ATOM   693  C  C   . MET A 1 92  ? 0.965   11.414  2.250   1.00 8.66  ? 110 MET A C   1 
ATOM   694  O  O   . MET A 1 92  ? 1.971   12.091  2.024   1.00 8.48  ? 110 MET A O   1 
ATOM   695  C  CB  . MET A 1 92  ? 0.038   10.326  0.185   1.00 9.59  ? 110 MET A CB  1 
ATOM   696  C  CG  . MET A 1 92  ? 0.873   11.170  -0.761  1.00 14.81 ? 110 MET A CG  1 
ATOM   697  S  SD  . MET A 1 92  ? 0.373   11.077  -2.481  1.00 15.53 ? 110 MET A SD  1 
ATOM   698  C  CE  . MET A 1 92  ? 1.546   12.226  -3.195  1.00 10.91 ? 110 MET A CE  1 
ATOM   699  N  N   . ASN A 1 93  ? 0.027   11.805  3.109   1.00 7.39  ? 111 ASN A N   1 
ATOM   700  C  CA  . ASN A 1 93  ? 0.256   12.986  3.955   1.00 7.71  ? 111 ASN A CA  1 
ATOM   701  C  C   . ASN A 1 93  ? 1.489   12.804  4.852   1.00 9.42  ? 111 ASN A C   1 
ATOM   702  O  O   . ASN A 1 93  ? 2.296   13.722  4.991   1.00 10.48 ? 111 ASN A O   1 
ATOM   703  C  CB  . ASN A 1 93  ? -0.986  13.346  4.788   1.00 10.89 ? 111 ASN A CB  1 
ATOM   704  C  CG  . ASN A 1 93  ? -2.009  14.184  4.010   1.00 12.87 ? 111 ASN A CG  1 
ATOM   705  O  OD1 . ASN A 1 93  ? -3.220  14.040  4.207   1.00 16.24 ? 111 ASN A OD1 1 
ATOM   706  N  ND2 . ASN A 1 93  ? -1.531  15.062  3.146   1.00 10.10 ? 111 ASN A ND2 1 
ATOM   707  N  N   . ALA A 1 94  ? 1.653   11.619  5.442   1.00 9.27  ? 112 ALA A N   1 
ATOM   708  C  CA  . ALA A 1 94  ? 2.849   11.343  6.239   1.00 10.87 ? 112 ALA A CA  1 
ATOM   709  C  C   . ALA A 1 94  ? 4.117   11.475  5.392   1.00 12.02 ? 112 ALA A C   1 
ATOM   710  O  O   . ALA A 1 94  ? 5.150   11.975  5.849   1.00 13.20 ? 112 ALA A O   1 
ATOM   711  C  CB  . ALA A 1 94  ? 2.765   9.949   6.847   1.00 11.61 ? 112 ALA A CB  1 
ATOM   712  N  N   . LEU A 1 95  ? 4.035   11.026  4.150   1.00 7.74  ? 113 LEU A N   1 
ATOM   713  C  CA  . LEU A 1 95  ? 5.196   11.034  3.272   1.00 8.60  ? 113 LEU A CA  1 
ATOM   714  C  C   . LEU A 1 95  ? 5.568   12.444  2.812   1.00 8.85  ? 113 LEU A C   1 
ATOM   715  O  O   . LEU A 1 95  ? 6.731   12.706  2.506   1.00 9.59  ? 113 LEU A O   1 
ATOM   716  C  CB  . LEU A 1 95  ? 4.931   10.152  2.052   1.00 9.85  ? 113 LEU A CB  1 
ATOM   717  C  CG  . LEU A 1 95  ? 6.025   10.020  0.992   1.00 9.61  ? 113 LEU A CG  1 
ATOM   718  C  CD1 . LEU A 1 95  ? 7.267   9.372   1.600   1.00 10.06 ? 113 LEU A CD1 1 
ATOM   719  C  CD2 . LEU A 1 95  ? 5.508   9.232   -0.213  1.00 10.78 ? 113 LEU A CD2 1 
ATOM   720  N  N   . THR A 1 96  ? 4.584   13.346  2.770   1.00 8.09  ? 114 THR A N   1 
ATOM   721  C  CA  . THR A 1 96  ? 4.768   14.643  2.120   1.00 9.20  ? 114 THR A CA  1 
ATOM   722  C  C   . THR A 1 96  ? 4.553   15.861  3.024   1.00 13.26 ? 114 THR A C   1 
ATOM   723  O  O   . THR A 1 96  ? 4.338   16.955  2.523   1.00 13.26 ? 114 THR A O   1 
ATOM   724  C  CB  . THR A 1 96  ? 3.798   14.823  0.919   1.00 10.26 ? 114 THR A CB  1 
ATOM   725  O  OG1 . THR A 1 96  ? 2.437   14.792  1.386   1.00 10.89 ? 114 THR A OG1 1 
ATOM   726  C  CG2 . THR A 1 96  ? 4.016   13.748  -0.157  1.00 9.77  ? 114 THR A CG2 1 
ATOM   727  N  N   . GLY A 1 97  ? 4.595   15.674  4.334   1.00 11.21 ? 115 GLY A N   1 
ATOM   728  C  CA  . GLY A 1 97  ? 4.406   16.780  5.254   1.00 13.70 ? 115 GLY A CA  1 
ATOM   729  C  C   . GLY A 1 97  ? 3.022   17.395  5.126   1.00 14.78 ? 115 GLY A C   1 
ATOM   730  O  O   . GLY A 1 97  ? 2.856   18.608  5.252   1.00 17.58 ? 115 GLY A O   1 
ATOM   731  N  N   . GLY A 1 98  ? 2.020   16.556  4.876   1.00 11.19 ? 116 GLY A N   1 
ATOM   732  C  CA  . GLY A 1 98  ? 0.645   17.009  4.822   1.00 12.28 ? 116 GLY A CA  1 
ATOM   733  C  C   . GLY A 1 98  ? 0.258   17.718  3.536   1.00 15.64 ? 116 GLY A C   1 
ATOM   734  O  O   . GLY A 1 98  ? -0.731  18.446  3.503   1.00 16.86 ? 116 GLY A O   1 
ATOM   735  N  N   . GLN A 1 99  ? 1.023   17.499  2.471   1.00 12.04 ? 117 GLN A N   1 
ATOM   736  C  CA  . GLN A 1 99  ? 0.806   18.218  1.218   1.00 13.42 ? 117 GLN A CA  1 
ATOM   737  C  C   . GLN A 1 99  ? 0.292   17.324  0.097   1.00 12.98 ? 117 GLN A C   1 
ATOM   738  O  O   . GLN A 1 99  ? 0.402   17.666  -1.080  1.00 12.47 ? 117 GLN A O   1 
ATOM   739  C  CB  . GLN A 1 99  ? 2.100   18.908  0.771   1.00 14.39 ? 117 GLN A CB  1 
ATOM   740  C  CG  . GLN A 1 99  ? 2.726   19.795  1.845   1.00 17.39 ? 117 GLN A CG  1 
ATOM   741  C  CD  . GLN A 1 99  ? 1.827   20.943  2.266   1.00 25.66 ? 117 GLN A CD  1 
ATOM   742  O  OE1 . GLN A 1 99  ? 1.679   21.230  3.455   1.00 31.62 ? 117 GLN A OE1 1 
ATOM   743  N  NE2 . GLN A 1 99  ? 1.215   21.603  1.291   1.00 25.74 ? 117 GLN A NE2 1 
ATOM   744  N  N   . ALA A 1 100 ? -0.273  16.178  0.451   1.00 11.14 ? 118 ALA A N   1 
ATOM   745  C  CA  . ALA A 1 100 ? -0.663  15.215  -0.571  1.00 11.22 ? 118 ALA A CA  1 
ATOM   746  C  C   . ALA A 1 100 ? -1.680  15.756  -1.585  1.00 9.62  ? 118 ALA A C   1 
ATOM   747  O  O   . ALA A 1 100 ? -1.515  15.574  -2.789  1.00 10.75 ? 118 ALA A O   1 
ATOM   748  C  CB  . ALA A 1 100 ? -1.168  13.928  0.071   1.00 11.64 ? 118 ALA A CB  1 
ATOM   749  N  N   . VAL A 1 101 ? -2.746  16.392  -1.106  1.00 13.45 ? 119 VAL A N   1 
ATOM   750  C  CA  . VAL A 1 101 ? -3.774  16.888  -2.018  1.00 12.86 ? 119 VAL A CA  1 
ATOM   751  C  C   . VAL A 1 101 ? -3.188  17.957  -2.938  1.00 14.29 ? 119 VAL A C   1 
ATOM   752  O  O   . VAL A 1 101 ? -3.440  17.973  -4.145  1.00 15.03 ? 119 VAL A O   1 
ATOM   753  C  CB  . VAL A 1 101 ? -5.001  17.431  -1.247  1.00 12.71 ? 119 VAL A CB  1 
ATOM   754  C  CG1 . VAL A 1 101 ? -5.990  18.102  -2.209  1.00 17.06 ? 119 VAL A CG1 1 
ATOM   755  C  CG2 . VAL A 1 101 ? -5.678  16.298  -0.474  1.00 13.31 ? 119 VAL A CG2 1 
ATOM   756  N  N   . GLN A 1 102 ? -2.372  18.828  -2.357  1.00 13.73 ? 120 GLN A N   1 
ATOM   757  C  CA  . GLN A 1 102 ? -1.720  19.895  -3.098  1.00 14.97 ? 120 GLN A CA  1 
ATOM   758  C  C   . GLN A 1 102 ? -0.785  19.369  -4.196  1.00 15.99 ? 120 GLN A C   1 
ATOM   759  O  O   . GLN A 1 102 ? -0.803  19.862  -5.326  1.00 16.24 ? 120 GLN A O   1 
ATOM   760  C  CB  . GLN A 1 102 ? -0.977  20.804  -2.114  1.00 15.22 ? 120 GLN A CB  1 
ATOM   761  C  CG  . GLN A 1 102 ? -1.898  21.446  -1.057  1.00 25.77 ? 120 GLN A CG  1 
ATOM   762  C  CD  . GLN A 1 102 ? -1.955  20.701  0.284   1.00 26.79 ? 120 GLN A CD  1 
ATOM   763  O  OE1 . GLN A 1 102 ? -2.194  19.487  0.348   1.00 18.70 ? 120 GLN A OE1 1 
ATOM   764  N  NE2 . GLN A 1 102 ? -1.763  21.448  1.366   1.00 33.40 ? 120 GLN A NE2 1 
ATOM   765  N  N   . LEU A 1 103 ? 0.015   18.355  -3.874  1.00 12.50 ? 121 LEU A N   1 
ATOM   766  C  CA  . LEU A 1 103 ? 0.993   17.802  -4.813  1.00 12.86 ? 121 LEU A CA  1 
ATOM   767  C  C   . LEU A 1 103 ? 0.400   16.831  -5.837  1.00 13.61 ? 121 LEU A C   1 
ATOM   768  O  O   . LEU A 1 103 ? 0.818   16.813  -6.998  1.00 12.88 ? 121 LEU A O   1 
ATOM   769  C  CB  . LEU A 1 103 ? 2.124   17.107  -4.050  1.00 12.57 ? 121 LEU A CB  1 
ATOM   770  C  CG  . LEU A 1 103 ? 2.991   18.034  -3.198  1.00 13.58 ? 121 LEU A CG  1 
ATOM   771  C  CD1 . LEU A 1 103 ? 3.794   17.249  -2.169  1.00 13.75 ? 121 LEU A CD1 1 
ATOM   772  C  CD2 . LEU A 1 103 ? 3.899   18.867  -4.099  1.00 19.56 ? 121 LEU A CD2 1 
ATOM   773  N  N   . GLY A 1 104 ? -0.561  16.020  -5.407  1.00 11.54 ? 122 GLY A N   1 
ATOM   774  C  CA  . GLY A 1 104 ? -1.176  15.039  -6.285  1.00 12.98 ? 122 GLY A CA  1 
ATOM   775  C  C   . GLY A 1 104 ? -0.333  13.785  -6.456  1.00 12.43 ? 122 GLY A C   1 
ATOM   776  O  O   . GLY A 1 104 ? -0.759  12.680  -6.108  1.00 11.87 ? 122 GLY A O   1 
ATOM   777  N  N   . ARG A 1 105 ? 0.873   13.964  -6.986  1.00 12.60 ? 123 ARG A N   1 
ATOM   778  C  CA  . ARG A 1 105 ? 1.796   12.862  -7.259  1.00 11.24 ? 123 ARG A CA  1 
ATOM   779  C  C   . ARG A 1 105 ? 3.214   13.340  -6.980  1.00 14.03 ? 123 ARG A C   1 
ATOM   780  O  O   . ARG A 1 105 ? 3.525   14.513  -7.208  1.00 12.99 ? 123 ARG A O   1 
ATOM   781  C  CB  . ARG A 1 105 ? 1.679   12.427  -8.723  1.00 17.25 ? 123 ARG A CB  1 
ATOM   782  C  CG  . ARG A 1 105 ? 0.276   12.006  -9.138  1.00 27.01 ? 123 ARG A CG  1 
ATOM   783  C  CD  . ARG A 1 105 ? -0.151  12.653  -10.459 1.00 32.42 ? 123 ARG A CD  1 
ATOM   784  N  NE  . ARG A 1 105 ? -0.526  14.059  -10.303 1.00 35.19 ? 123 ARG A NE  1 
ATOM   785  C  CZ  . ARG A 1 105 ? -1.727  14.481  -9.912  1.00 28.85 ? 123 ARG A CZ  1 
ATOM   786  N  NH1 . ARG A 1 105 ? -2.681  13.609  -9.625  1.00 11.10 ? 123 ARG A NH1 1 
ATOM   787  N  NH2 . ARG A 1 105 ? -1.975  15.778  -9.802  1.00 37.80 ? 123 ARG A NH2 1 
ATOM   788  N  N   . VAL A 1 106 ? 4.070   12.446  -6.490  1.00 10.14 ? 124 VAL A N   1 
ATOM   789  C  CA  . VAL A 1 106 ? 5.472   12.788  -6.247  1.00 9.75  ? 124 VAL A CA  1 
ATOM   790  C  C   . VAL A 1 106 ? 6.418   11.698  -6.747  1.00 9.60  ? 124 VAL A C   1 
ATOM   791  O  O   . VAL A 1 106 ? 6.012   10.554  -6.968  1.00 10.58 ? 124 VAL A O   1 
ATOM   792  C  CB  . VAL A 1 106 ? 5.767   13.031  -4.743  1.00 11.33 ? 124 VAL A CB  1 
ATOM   793  C  CG1 . VAL A 1 106 ? 4.863   14.124  -4.180  1.00 10.06 ? 124 VAL A CG1 1 
ATOM   794  C  CG2 . VAL A 1 106 ? 5.612   11.736  -3.941  1.00 10.51 ? 124 VAL A CG2 1 
ATOM   795  N  N   . SER A 1 107 ? 7.678   12.067  -6.943  1.00 10.49 ? 125 SER A N   1 
ATOM   796  C  CA  A SER A 1 107 ? 8.708   11.095  -7.267  0.50 11.85 ? 125 SER A CA  1 
ATOM   797  C  CA  B SER A 1 107 ? 8.715   11.103  -7.270  0.50 11.85 ? 125 SER A CA  1 
ATOM   798  C  C   . SER A 1 107 ? 9.401   10.691  -5.978  1.00 11.74 ? 125 SER A C   1 
ATOM   799  O  O   . SER A 1 107 ? 9.997   11.532  -5.287  1.00 13.83 ? 125 SER A O   1 
ATOM   800  C  CB  A SER A 1 107 ? 9.712   11.671  -8.264  0.50 14.10 ? 125 SER A CB  1 
ATOM   801  C  CB  B SER A 1 107 ? 9.730   11.704  -8.242  0.50 14.10 ? 125 SER A CB  1 
ATOM   802  O  OG  A SER A 1 107 ? 9.100   11.891  -9.521  0.50 15.28 ? 125 SER A OG  1 
ATOM   803  O  OG  B SER A 1 107 ? 10.784  10.794  -8.510  0.50 15.28 ? 125 SER A OG  1 
ATOM   804  N  N   . ALA A 1 108 ? 9.303   9.409   -5.651  1.00 10.61 ? 126 ALA A N   1 
ATOM   805  C  CA  . ALA A 1 108 ? 9.851   8.873   -4.420  1.00 10.06 ? 126 ALA A CA  1 
ATOM   806  C  C   . ALA A 1 108 ? 10.789  7.719   -4.711  1.00 12.63 ? 126 ALA A C   1 
ATOM   807  O  O   . ALA A 1 108 ? 10.664  7.037   -5.729  1.00 15.75 ? 126 ALA A O   1 
ATOM   808  C  CB  . ALA A 1 108 ? 8.726   8.401   -3.507  1.00 11.17 ? 126 ALA A CB  1 
ATOM   809  N  N   . THR A 1 109 ? 11.723  7.489   -3.803  1.00 11.02 ? 127 THR A N   1 
ATOM   810  C  CA  . THR A 1 109 ? 12.557  6.304   -3.882  1.00 11.08 ? 127 THR A CA  1 
ATOM   811  C  C   . THR A 1 109 ? 11.795  5.151   -3.237  1.00 9.39  ? 127 THR A C   1 
ATOM   812  O  O   . THR A 1 109 ? 11.199  5.320   -2.165  1.00 11.92 ? 127 THR A O   1 
ATOM   813  C  CB  . THR A 1 109 ? 13.875  6.522   -3.137  1.00 14.89 ? 127 THR A CB  1 
ATOM   814  O  OG1 . THR A 1 109 ? 14.459  7.760   -3.562  1.00 18.65 ? 127 THR A OG1 1 
ATOM   815  C  CG2 . THR A 1 109 ? 14.849  5.391   -3.424  1.00 18.00 ? 127 THR A CG2 1 
ATOM   816  N  N   . ALA A 1 110 ? 11.795  3.989   -3.882  1.00 10.72 ? 128 ALA A N   1 
ATOM   817  C  CA  . ALA A 1 110 ? 11.070  2.824   -3.382  1.00 10.66 ? 128 ALA A CA  1 
ATOM   818  C  C   . ALA A 1 110 ? 11.997  1.619   -3.290  1.00 12.51 ? 128 ALA A C   1 
ATOM   819  O  O   . ALA A 1 110 ? 12.757  1.350   -4.226  1.00 13.52 ? 128 ALA A O   1 
ATOM   820  C  CB  . ALA A 1 110 ? 9.879   2.499   -4.284  1.00 11.99 ? 128 ALA A CB  1 
ATOM   821  N  N   . THR A 1 111 ? 11.917  0.899   -2.172  1.00 9.40  ? 129 THR A N   1 
ATOM   822  C  CA  . THR A 1 111 ? 12.760  -0.262  -1.918  1.00 9.39  ? 129 THR A CA  1 
ATOM   823  C  C   . THR A 1 111 ? 11.954  -1.329  -1.195  1.00 11.30 ? 129 THR A C   1 
ATOM   824  O  O   . THR A 1 111 ? 11.325  -1.045  -0.183  1.00 10.59 ? 129 THR A O   1 
ATOM   825  C  CB  . THR A 1 111 ? 13.951  0.120   -1.017  1.00 10.85 ? 129 THR A CB  1 
ATOM   826  O  OG1 . THR A 1 111 ? 14.614  1.271   -1.558  1.00 15.96 ? 129 THR A OG1 1 
ATOM   827  C  CG2 . THR A 1 111 ? 14.935  -1.031  -0.901  1.00 13.77 ? 129 THR A CG2 1 
ATOM   828  N  N   . GLN A 1 112 ? 11.977  -2.558  -1.707  1.00 10.79 ? 130 GLN A N   1 
ATOM   829  C  CA  . GLN A 1 112 ? 11.319  -3.655  -1.021  1.00 10.72 ? 130 GLN A CA  1 
ATOM   830  C  C   . GLN A 1 112 ? 12.110  -4.025  0.230   1.00 11.18 ? 130 GLN A C   1 
ATOM   831  O  O   . GLN A 1 112 ? 13.342  -4.120  0.194   1.00 14.42 ? 130 GLN A O   1 
ATOM   832  C  CB  . GLN A 1 112 ? 11.181  -4.876  -1.936  1.00 12.75 ? 130 GLN A CB  1 
ATOM   833  C  CG  . GLN A 1 112 ? 10.332  -5.968  -1.316  1.00 14.05 ? 130 GLN A CG  1 
ATOM   834  C  CD  . GLN A 1 112 ? 10.228  -7.198  -2.182  1.00 16.22 ? 130 GLN A CD  1 
ATOM   835  O  OE1 . GLN A 1 112 ? 10.706  -7.222  -3.320  1.00 20.17 ? 130 GLN A OE1 1 
ATOM   836  N  NE2 . GLN A 1 112 ? 9.600   -8.234  -1.647  1.00 14.47 ? 130 GLN A NE2 1 
ATOM   837  N  N   . VAL A 1 113 ? 11.404  -4.241  1.335   1.00 9.64  ? 131 VAL A N   1 
ATOM   838  C  CA  . VAL A 1 113 ? 12.049  -4.561  2.603   1.00 11.42 ? 131 VAL A CA  1 
ATOM   839  C  C   . VAL A 1 113 ? 11.315  -5.692  3.324   1.00 11.67 ? 131 VAL A C   1 
ATOM   840  O  O   . VAL A 1 113 ? 10.179  -6.029  2.962   1.00 12.83 ? 131 VAL A O   1 
ATOM   841  C  CB  . VAL A 1 113 ? 12.115  -3.315  3.514   1.00 12.48 ? 131 VAL A CB  1 
ATOM   842  C  CG1 . VAL A 1 113 ? 12.948  -2.204  2.844   1.00 13.17 ? 131 VAL A CG1 1 
ATOM   843  C  CG2 . VAL A 1 113 ? 10.707  -2.827  3.866   1.00 11.98 ? 131 VAL A CG2 1 
ATOM   844  N  N   . PRO A 1 114 ? 11.960  -6.286  4.343   1.00 12.24 ? 132 PRO A N   1 
ATOM   845  C  CA  . PRO A 1 114 ? 11.335  -7.355  5.132   1.00 14.14 ? 132 PRO A CA  1 
ATOM   846  C  C   . PRO A 1 114 ? 10.006  -6.899  5.745   1.00 13.02 ? 132 PRO A C   1 
ATOM   847  O  O   . PRO A 1 114 ? 9.892   -5.750  6.154   1.00 12.79 ? 132 PRO A O   1 
ATOM   848  C  CB  . PRO A 1 114 ? 12.380  -7.637  6.223   1.00 15.70 ? 132 PRO A CB  1 
ATOM   849  C  CG  . PRO A 1 114 ? 13.684  -7.313  5.565   1.00 16.26 ? 132 PRO A CG  1 
ATOM   850  C  CD  . PRO A 1 114 ? 13.387  -6.107  4.682   1.00 14.03 ? 132 PRO A CD  1 
ATOM   851  N  N   . VAL A 1 115 ? 9.012   -7.784  5.802   1.00 11.02 ? 133 VAL A N   1 
ATOM   852  C  CA  . VAL A 1 115 ? 7.672   -7.383  6.232   1.00 14.51 ? 133 VAL A CA  1 
ATOM   853  C  C   . VAL A 1 115 ? 7.553   -6.991  7.707   1.00 12.43 ? 133 VAL A C   1 
ATOM   854  O  O   . VAL A 1 115 ? 6.547   -6.402  8.123   1.00 13.63 ? 133 VAL A O   1 
ATOM   855  C  CB  . VAL A 1 115 ? 6.614   -8.444  5.882   1.00 13.74 ? 133 VAL A CB  1 
ATOM   856  C  CG1 . VAL A 1 115 ? 6.610   -8.690  4.384   1.00 15.42 ? 133 VAL A CG1 1 
ATOM   857  C  CG2 . VAL A 1 115 ? 6.885   -9.738  6.650   1.00 17.54 ? 133 VAL A CG2 1 
ATOM   858  N  N   . LYS A 1 116 ? 8.570   -7.312  8.503   1.00 13.72 ? 134 LYS A N   1 
ATOM   859  C  CA  . LYS A 1 116 ? 8.587   -6.850  9.885   1.00 14.95 ? 134 LYS A CA  1 
ATOM   860  C  C   . LYS A 1 116 ? 8.506   -5.325  9.944   1.00 14.80 ? 134 LYS A C   1 
ATOM   861  O  O   . LYS A 1 116 ? 7.983   -4.762  10.899  1.00 14.53 ? 134 LYS A O   1 
ATOM   862  C  CB  . LYS A 1 116 ? 9.833   -7.350  10.624  1.00 16.06 ? 134 LYS A CB  1 
ATOM   863  C  CG  . LYS A 1 116 ? 11.154  -6.868  10.030  1.00 23.35 ? 134 LYS A CG  1 
ATOM   864  C  CD  . LYS A 1 116 ? 12.343  -7.323  10.878  1.00 28.27 ? 134 LYS A CD  1 
ATOM   865  C  CE  . LYS A 1 116 ? 13.669  -6.831  10.304  1.00 31.77 ? 134 LYS A CE  1 
ATOM   866  N  NZ  . LYS A 1 116 ? 13.938  -7.405  8.959   1.00 36.88 ? 134 LYS A NZ  1 
ATOM   867  N  N   . ASN A 1 117 ? 9.008   -4.662  8.901   1.00 14.75 ? 135 ASN A N   1 
ATOM   868  C  CA  . ASN A 1 117 ? 8.956   -3.205  8.819   1.00 12.66 ? 135 ASN A CA  1 
ATOM   869  C  C   . ASN A 1 117 ? 7.531   -2.673  8.621   1.00 12.66 ? 135 ASN A C   1 
ATOM   870  O  O   . ASN A 1 117 ? 7.252   -1.503  8.885   1.00 15.33 ? 135 ASN A O   1 
ATOM   871  C  CB  . ASN A 1 117 ? 9.866   -2.710  7.689   1.00 13.85 ? 135 ASN A CB  1 
ATOM   872  C  CG  . ASN A 1 117 ? 11.330  -3.009  7.949   1.00 16.13 ? 135 ASN A CG  1 
ATOM   873  O  OD1 . ASN A 1 117 ? 11.932  -3.864  7.294   1.00 18.48 ? 135 ASN A OD1 1 
ATOM   874  N  ND2 . ASN A 1 117 ? 11.910  -2.302  8.908   1.00 13.21 ? 135 ASN A ND2 1 
ATOM   875  N  N   . CYS A 1 118 ? 6.645   -3.539  8.137   1.00 13.43 ? 136 CYS A N   1 
ATOM   876  C  CA  . CYS A 1 118 ? 5.233   -3.201  7.987   1.00 14.26 ? 136 CYS A CA  1 
ATOM   877  C  C   . CYS A 1 118 ? 4.419   -3.807  9.129   1.00 18.29 ? 136 CYS A C   1 
ATOM   878  O  O   . CYS A 1 118 ? 3.194   -3.934  9.034   1.00 18.68 ? 136 CYS A O   1 
ATOM   879  C  CB  . CYS A 1 118 ? 4.690   -3.688  6.632   1.00 12.44 ? 136 CYS A CB  1 
ATOM   880  S  SG  . CYS A 1 118 ? 5.202   -2.696  5.196   1.00 13.42 ? 136 CYS A SG  1 
ATOM   881  N  N   . GLY A 1 119 ? 5.109   -4.184  10.204  1.00 15.67 ? 137 GLY A N   1 
ATOM   882  C  CA  . GLY A 1 119 ? 4.447   -4.661  11.407  1.00 18.73 ? 137 GLY A CA  1 
ATOM   883  C  C   . GLY A 1 119 ? 3.972   -6.096  11.330  1.00 19.83 ? 137 GLY A C   1 
ATOM   884  O  O   . GLY A 1 119 ? 3.118   -6.514  12.117  1.00 22.60 ? 137 GLY A O   1 
ATOM   885  N  N   . LEU A 1 120 ? 4.521   -6.851  10.384  1.00 18.71 ? 138 LEU A N   1 
ATOM   886  C  CA  . LEU A 1 120 ? 4.199   -8.266  10.236  1.00 19.50 ? 138 LEU A CA  1 
ATOM   887  C  C   . LEU A 1 120 ? 5.412   -9.120  10.594  1.00 27.64 ? 138 LEU A C   1 
ATOM   888  O  O   . LEU A 1 120 ? 5.574   -10.226 10.076  1.00 34.85 ? 138 LEU A O   1 
ATOM   889  C  CB  . LEU A 1 120 ? 3.742   -8.575  8.810   1.00 19.24 ? 138 LEU A CB  1 
ATOM   890  C  CG  . LEU A 1 120 ? 2.495   -7.831  8.331   1.00 23.15 ? 138 LEU A CG  1 
ATOM   891  C  CD1 . LEU A 1 120 ? 2.224   -8.098  6.852   1.00 18.93 ? 138 LEU A CD1 1 
ATOM   892  C  CD2 . LEU A 1 120 ? 1.295   -8.217  9.188   1.00 23.62 ? 138 LEU A CD2 1 
HETATM 893  BR BR  . BR  B 2 .   ? 9.356   16.200  9.711   1.00 16.20 ? 1   BR  A BR  1 
HETATM 894  BR BR  . BR  C 2 .   ? 7.885   18.535  6.807   1.00 20.19 ? 2   BR  A BR  1 
HETATM 895  ZN ZN  . ZN  D 3 .   ? 9.487   16.852  7.442   1.00 8.46  ? 139 ZN  A ZN  1 
HETATM 896  C  C1  . EDO E 4 .   ? 6.545   4.823   -12.427 1.00 19.25 ? 140 EDO A C1  1 
HETATM 897  O  O1  . EDO E 4 .   ? 6.869   4.729   -11.037 1.00 17.47 ? 140 EDO A O1  1 
HETATM 898  C  C2  . EDO E 4 .   ? 7.568   5.714   -13.112 1.00 24.74 ? 140 EDO A C2  1 
HETATM 899  O  O2  . EDO E 4 .   ? 7.340   7.062   -12.694 1.00 27.18 ? 140 EDO A O2  1 
HETATM 900  C  C1  . EDO F 4 .   ? 7.045   10.113  7.811   1.00 14.74 ? 141 EDO A C1  1 
HETATM 901  O  O1  . EDO F 4 .   ? 6.983   8.822   8.430   1.00 17.96 ? 141 EDO A O1  1 
HETATM 902  C  C2  . EDO F 4 .   ? 8.254   10.884  8.332   1.00 12.05 ? 141 EDO A C2  1 
HETATM 903  O  O2  . EDO F 4 .   ? 9.472   10.253  7.907   1.00 11.60 ? 141 EDO A O2  1 
HETATM 904  C  C1  . EDO G 4 .   ? -14.455 3.291   7.999   1.00 19.54 ? 3   EDO A C1  1 
HETATM 905  O  O1  . EDO G 4 .   ? -15.354 3.604   9.066   1.00 26.74 ? 3   EDO A O1  1 
HETATM 906  C  C2  . EDO G 4 .   ? -13.076 3.069   8.601   1.00 15.71 ? 3   EDO A C2  1 
HETATM 907  O  O2  . EDO G 4 .   ? -12.121 3.914   7.961   1.00 22.15 ? 3   EDO A O2  1 
HETATM 908  C  C1  . EDO H 4 .   ? 12.793  9.675   7.825   1.00 17.26 ? 4   EDO A C1  1 
HETATM 909  O  O1  . EDO H 4 .   ? 13.286  9.891   6.500   1.00 12.04 ? 4   EDO A O1  1 
HETATM 910  C  C2  . EDO H 4 .   ? 13.982  9.590   8.766   1.00 16.58 ? 4   EDO A C2  1 
HETATM 911  O  O2  . EDO H 4 .   ? 14.803  10.749  8.580   1.00 17.51 ? 4   EDO A O2  1 
HETATM 912  C  C1  . EDO I 4 .   ? -4.659  17.007  3.772   1.00 26.56 ? 5   EDO A C1  1 
HETATM 913  O  O1  . EDO I 4 .   ? -5.727  16.115  3.426   1.00 18.51 ? 5   EDO A O1  1 
HETATM 914  C  C2  . EDO I 4 .   ? -4.116  17.687  2.520   1.00 28.81 ? 5   EDO A C2  1 
HETATM 915  O  O2  . EDO I 4 .   ? -3.118  16.865  1.901   1.00 14.12 ? 5   EDO A O2  1 
HETATM 916  C  C1  . EDO J 4 .   ? -16.481 -8.268  7.589   1.00 20.45 ? 6   EDO A C1  1 
HETATM 917  O  O1  . EDO J 4 .   ? -15.470 -8.491  6.601   1.00 17.77 ? 6   EDO A O1  1 
HETATM 918  C  C2  . EDO J 4 .   ? -15.836 -7.683  8.836   1.00 17.09 ? 6   EDO A C2  1 
HETATM 919  O  O2  . EDO J 4 .   ? -15.083 -8.705  9.487   1.00 13.67 ? 6   EDO A O2  1 
HETATM 920  C  C1  . EDO K 4 .   ? 13.893  11.291  1.553   1.00 15.50 ? 7   EDO A C1  1 
HETATM 921  O  O1  . EDO K 4 .   ? 14.629  12.479  1.232   1.00 18.97 ? 7   EDO A O1  1 
HETATM 922  C  C2  . EDO K 4 .   ? 14.627  10.556  2.668   1.00 17.19 ? 7   EDO A C2  1 
HETATM 923  O  O2  . EDO K 4 .   ? 16.013  10.488  2.298   1.00 19.81 ? 7   EDO A O2  1 
HETATM 924  C  C1  . EDO L 4 .   ? -5.523  0.576   12.383  1.00 24.77 ? 8   EDO A C1  1 
HETATM 925  O  O1  . EDO L 4 .   ? -4.220  0.215   12.857  1.00 32.45 ? 8   EDO A O1  1 
HETATM 926  C  C2  . EDO L 4 .   ? -6.464  -0.605  12.570  1.00 22.93 ? 8   EDO A C2  1 
HETATM 927  O  O2  . EDO L 4 .   ? -7.761  -0.287  12.051  1.00 11.54 ? 8   EDO A O2  1 
HETATM 928  C  C1  . EDO M 4 .   ? -3.205  -11.841 -12.118 1.00 20.40 ? 9   EDO A C1  1 
HETATM 929  O  O1  . EDO M 4 .   ? -3.145  -10.846 -13.150 1.00 32.23 ? 9   EDO A O1  1 
HETATM 930  C  C2  . EDO M 4 .   ? -1.996  -11.661 -11.207 1.00 10.76 ? 9   EDO A C2  1 
HETATM 931  O  O2  . EDO M 4 .   ? -1.453  -12.935 -10.841 1.00 25.83 ? 9   EDO A O2  1 
HETATM 932  C  C1  . EDO N 4 .   ? -10.172 -15.877 12.507  1.00 25.70 ? 10  EDO A C1  1 
HETATM 933  O  O1  . EDO N 4 .   ? -11.010 -17.029 12.359  1.00 18.12 ? 10  EDO A O1  1 
HETATM 934  C  C2  . EDO N 4 .   ? -9.125  -15.935 11.408  1.00 23.41 ? 10  EDO A C2  1 
HETATM 935  O  O2  . EDO N 4 .   ? -8.647  -17.281 11.298  1.00 9.63  ? 10  EDO A O2  1 
HETATM 936  C  C1  . EDO O 4 .   ? -11.552 -12.865 10.435  1.00 17.82 ? 11  EDO A C1  1 
HETATM 937  O  O1  . EDO O 4 .   ? -10.190 -12.895 10.886  1.00 26.85 ? 11  EDO A O1  1 
HETATM 938  C  C2  . EDO O 4 .   ? -11.731 -11.660 9.521   1.00 12.21 ? 11  EDO A C2  1 
HETATM 939  O  O2  . EDO O 4 .   ? -13.067 -11.655 9.005   1.00 15.45 ? 11  EDO A O2  1 
HETATM 940  C  C1  . EDO P 4 .   ? 7.846   16.997  -5.788  1.00 23.57 ? 12  EDO A C1  1 
HETATM 941  O  O1  . EDO P 4 .   ? 6.711   17.808  -5.473  1.00 34.64 ? 12  EDO A O1  1 
HETATM 942  C  C2  . EDO P 4 .   ? 7.430   15.925  -6.786  1.00 20.97 ? 12  EDO A C2  1 
HETATM 943  O  O2  . EDO P 4 .   ? 8.460   14.940  -6.851  1.00 15.81 ? 12  EDO A O2  1 
HETATM 944  C  C1  . EDO Q 4 .   ? 6.677   -1.159  -7.136  1.00 19.72 ? 13  EDO A C1  1 
HETATM 945  O  O1  . EDO Q 4 .   ? 6.224   -1.970  -8.226  1.00 18.06 ? 13  EDO A O1  1 
HETATM 946  C  C2  . EDO Q 4 .   ? 8.093   -0.664  -7.409  1.00 25.03 ? 13  EDO A C2  1 
HETATM 947  O  O2  . EDO Q 4 .   ? 8.926   -1.779  -7.746  1.00 32.13 ? 13  EDO A O2  1 
HETATM 948  O  O   . HOH R 5 .   ? -8.197  9.727   -4.232  1.00 18.00 ? 14  HOH A O   1 
HETATM 949  O  O   . HOH R 5 .   ? -17.053 -6.585  -2.621  1.00 34.02 ? 15  HOH A O   1 
HETATM 950  O  O   . HOH R 5 .   ? 10.243  -9.847  8.295   1.00 20.00 ? 16  HOH A O   1 
HETATM 951  O  O   . HOH R 5 .   ? 5.715   4.095   8.162   1.00 17.35 ? 17  HOH A O   1 
HETATM 952  O  O   . HOH R 5 .   ? 8.838   -10.311 1.691   1.00 26.72 ? 18  HOH A O   1 
HETATM 953  O  O   . HOH R 5 .   ? 13.389  -3.164  -4.224  1.00 18.16 ? 142 HOH A O   1 
HETATM 954  O  O   . HOH R 5 .   ? 1.072   6.428   -9.168  1.00 19.89 ? 143 HOH A O   1 
HETATM 955  O  O   . HOH R 5 .   ? 5.175   14.377  7.849   1.00 24.45 ? 144 HOH A O   1 
HETATM 956  O  O   . HOH R 5 .   ? 12.935  13.127  -2.209  1.00 22.34 ? 145 HOH A O   1 
HETATM 957  O  O   . HOH R 5 .   ? 8.615   -7.454  1.236   1.00 14.21 ? 146 HOH A O   1 
HETATM 958  O  O   . HOH R 5 .   ? -3.268  1.115   -7.063  1.00 9.24  ? 147 HOH A O   1 
HETATM 959  O  O   . HOH R 5 .   ? -17.490 0.141   2.686   1.00 31.89 ? 148 HOH A O   1 
HETATM 960  O  O   . HOH R 5 .   ? 13.227  3.594   -0.455  1.00 14.77 ? 149 HOH A O   1 
HETATM 961  O  O   . HOH R 5 .   ? -12.835 -5.747  11.876  1.00 9.21  ? 150 HOH A O   1 
HETATM 962  O  O   . HOH R 5 .   ? -4.988  -12.542 -4.540  1.00 10.12 ? 151 HOH A O   1 
HETATM 963  O  O   . HOH R 5 .   ? 15.123  6.536   5.349   1.00 15.25 ? 152 HOH A O   1 
HETATM 964  O  O   . HOH R 5 .   ? -16.235 -3.212  0.204   1.00 19.94 ? 153 HOH A O   1 
HETATM 965  O  O   . HOH R 5 .   ? 1.203   -2.557  -14.911 1.00 10.68 ? 154 HOH A O   1 
HETATM 966  O  O   . HOH R 5 .   ? -10.430 -3.086  -7.157  1.00 14.96 ? 155 HOH A O   1 
HETATM 967  O  O   . HOH R 5 .   ? -9.788  -9.627  -5.886  1.00 19.97 ? 156 HOH A O   1 
HETATM 968  O  O   . HOH R 5 .   ? -5.251  11.218  -6.288  1.00 19.44 ? 157 HOH A O   1 
HETATM 969  O  O   . HOH R 5 .   ? -6.875  -7.540  -9.632  1.00 23.27 ? 158 HOH A O   1 
HETATM 970  O  O   . HOH R 5 .   ? -8.935  -1.296  -6.206  1.00 19.53 ? 159 HOH A O   1 
HETATM 971  O  O   . HOH R 5 .   ? -14.712 -8.914  3.016   1.00 17.14 ? 160 HOH A O   1 
HETATM 972  O  O   . HOH R 5 .   ? 12.011  13.256  -4.720  1.00 23.95 ? 161 HOH A O   1 
HETATM 973  O  O   . HOH R 5 .   ? -6.423  -19.904 5.129   1.00 21.15 ? 162 HOH A O   1 
HETATM 974  O  O   . HOH R 5 .   ? 3.368   -10.875 3.635   1.00 22.86 ? 163 HOH A O   1 
HETATM 975  O  O   . HOH R 5 .   ? -13.451 -1.393  -3.642  1.00 26.84 ? 164 HOH A O   1 
HETATM 976  O  O   . HOH R 5 .   ? -12.624 -2.046  -6.844  1.00 25.67 ? 165 HOH A O   1 
HETATM 977  O  O   . HOH R 5 .   ? -15.616 -11.337 1.581   1.00 19.45 ? 166 HOH A O   1 
HETATM 978  O  O   . HOH R 5 .   ? 4.775   20.586  5.337   1.00 34.03 ? 167 HOH A O   1 
HETATM 979  O  O   . HOH R 5 .   ? -4.637  13.797  -6.889  1.00 26.74 ? 168 HOH A O   1 
HETATM 980  O  O   . HOH R 5 .   ? -7.745  -20.997 3.026   1.00 16.37 ? 169 HOH A O   1 
HETATM 981  O  O   . HOH R 5 .   ? -6.012  -6.473  -12.107 1.00 36.21 ? 170 HOH A O   1 
HETATM 982  O  O   . HOH R 5 .   ? 13.150  4.259   -7.022  1.00 18.94 ? 171 HOH A O   1 
HETATM 983  O  O   . HOH R 5 .   ? -7.275  8.282   6.288   1.00 19.92 ? 172 HOH A O   1 
HETATM 984  O  O   . HOH R 5 .   ? 10.464  8.743   -10.278 1.00 28.13 ? 173 HOH A O   1 
HETATM 985  O  O   . HOH R 5 .   ? -4.552  12.599  6.321   1.00 24.85 ? 174 HOH A O   1 
HETATM 986  O  O   . HOH R 5 .   ? -16.651 -7.377  4.339   1.00 27.00 ? 175 HOH A O   1 
HETATM 987  O  O   . HOH R 5 .   ? -4.855  16.016  -5.436  1.00 20.06 ? 176 HOH A O   1 
HETATM 988  O  O   . HOH R 5 .   ? 14.918  -4.736  7.676   1.00 34.43 ? 177 HOH A O   1 
HETATM 989  O  O   . HOH R 5 .   ? 3.580   6.536   -14.491 1.00 33.84 ? 178 HOH A O   1 
HETATM 990  O  O   . HOH R 5 .   ? 2.216   6.282   -11.354 1.00 24.68 ? 179 HOH A O   1 
HETATM 991  O  O   . HOH R 5 .   ? -7.635  6.348   7.731   1.00 22.38 ? 180 HOH A O   1 
HETATM 992  O  O   . HOH R 5 .   ? -12.922 7.055   -1.145  1.00 26.54 ? 181 HOH A O   1 
HETATM 993  O  O   . HOH R 5 .   ? -10.376 2.990   -6.387  1.00 26.08 ? 182 HOH A O   1 
HETATM 994  O  O   . HOH R 5 .   ? -1.180  -19.726 1.071   1.00 19.52 ? 183 HOH A O   1 
HETATM 995  O  O   . HOH R 5 .   ? -3.228  -9.984  11.999  1.00 33.67 ? 184 HOH A O   1 
HETATM 996  O  O   . HOH R 5 .   ? -8.234  -4.046  -7.747  1.00 17.99 ? 185 HOH A O   1 
HETATM 997  O  O   . HOH R 5 .   ? 2.312   -10.244 -9.920  1.00 14.91 ? 186 HOH A O   1 
HETATM 998  O  O   . HOH R 5 .   ? -8.697  -18.961 -2.261  1.00 17.25 ? 187 HOH A O   1 
HETATM 999  O  O   . HOH R 5 .   ? -10.878 -5.238  -8.176  1.00 25.41 ? 188 HOH A O   1 
HETATM 1000 O  O   . HOH R 5 .   ? -12.309 -18.525 -2.310  1.00 20.55 ? 189 HOH A O   1 
HETATM 1001 O  O   . HOH R 5 .   ? -8.644  10.109  5.399   1.00 31.36 ? 190 HOH A O   1 
HETATM 1002 O  O   . HOH R 5 .   ? 5.870   22.554  6.425   1.00 29.51 ? 191 HOH A O   1 
HETATM 1003 O  O   . HOH R 5 .   ? 5.685   -8.940  -9.131  1.00 24.38 ? 192 HOH A O   1 
HETATM 1004 O  O   . HOH R 5 .   ? 7.614   -3.725  -9.984  1.00 27.62 ? 193 HOH A O   1 
HETATM 1005 O  O   . HOH R 5 .   ? 5.303   -8.026  -11.653 1.00 25.98 ? 194 HOH A O   1 
HETATM 1006 O  O   . HOH R 5 .   ? -12.690 6.260   1.390   1.00 24.90 ? 195 HOH A O   1 
HETATM 1007 O  O   . HOH R 5 .   ? -6.669  -20.661 -2.385  1.00 25.35 ? 196 HOH A O   1 
HETATM 1008 O  O   . HOH R 5 .   ? 5.633   -11.333 -8.227  1.00 33.25 ? 197 HOH A O   1 
HETATM 1009 O  O   . HOH R 5 .   ? 8.150   -11.608 -3.382  1.00 31.51 ? 198 HOH A O   1 
HETATM 1010 O  O   . HOH R 5 .   ? 6.028   14.251  -10.077 1.00 36.00 ? 199 HOH A O   1 
HETATM 1011 O  O   . HOH R 5 .   ? 7.813   -9.184  -5.013  1.00 29.25 ? 200 HOH A O   1 
HETATM 1012 O  O   . HOH R 5 .   ? 6.008   11.762  -10.629 1.00 33.86 ? 201 HOH A O   1 
HETATM 1013 O  O   . HOH R 5 .   ? 15.060  8.576   -6.174  1.00 27.60 ? 202 HOH A O   1 
HETATM 1014 O  O   . HOH R 5 .   ? -8.787  14.795  -2.250  1.00 32.64 ? 203 HOH A O   1 
HETATM 1015 O  O   . HOH R 5 .   ? -3.342  -12.689 11.198  1.00 35.80 ? 204 HOH A O   1 
HETATM 1016 O  O   . HOH R 5 .   ? 13.528  7.875   -8.239  1.00 33.71 ? 205 HOH A O   1 
HETATM 1017 O  O   . HOH R 5 .   ? 6.888   18.557  -0.696  1.00 35.88 ? 206 HOH A O   1 
HETATM 1018 O  O   . HOH R 5 .   ? 0.642   -16.461 -9.248  1.00 23.29 ? 207 HOH A O   1 
HETATM 1019 O  O   . HOH R 5 .   ? -8.788  1.951   -4.639  1.00 25.67 ? 208 HOH A O   1 
HETATM 1020 O  O   . HOH R 5 .   ? 7.682   18.112  1.994   1.00 36.50 ? 209 HOH A O   1 
HETATM 1021 O  O   . HOH R 5 .   ? 16.633  -4.398  5.689   1.00 35.22 ? 210 HOH A O   1 
HETATM 1022 O  O   . HOH R 5 .   ? 4.357   -12.568 8.504   1.00 40.03 ? 211 HOH A O   1 
HETATM 1023 O  O   . HOH R 5 .   ? 15.018  4.583   7.811   1.00 33.11 ? 212 HOH A O   1 
HETATM 1024 O  O   . HOH R 5 .   ? 11.692  0.288   -7.766  1.00 39.62 ? 213 HOH A O   1 
HETATM 1025 O  O   . HOH R 5 .   ? 0.941   16.151  -10.308 1.00 35.11 ? 214 HOH A O   1 
HETATM 1026 O  O   . HOH R 5 .   ? 16.570  2.155   -3.353  1.00 32.42 ? 215 HOH A O   1 
# 
